data_4ORH
#
_entry.id   4ORH
#
_cell.length_a   205.258
_cell.length_b   205.258
_cell.length_c   235.372
_cell.angle_alpha   90.000
_cell.angle_beta   90.000
_cell.angle_gamma   90.000
#
_symmetry.space_group_name_H-M   'P 42 21 2'
#
loop_
_entity.id
_entity.type
_entity.pdbx_description
1 polymer 'Ubiquitin-conjugating enzyme E2 variant 2'
2 polymer 'Ubiquitin-conjugating enzyme E2 N'
3 polymer 'E3 ubiquitin-protein ligase RNF8'
4 non-polymer 'ZINC ION'
#
loop_
_entity_poly.entity_id
_entity_poly.type
_entity_poly.pdbx_seq_one_letter_code
_entity_poly.pdbx_strand_id
1 'polypeptide(L)'
;GPLGSPEFMAVSTGVKVPRNFRLLEELEEGQKGVGDGTVSWGLEDDEDMTLTRWTGMIIGPPRTNYENRIYSLKVECGPK
YPEAPPSVRFVTKINMNGINNSSGMVDARSIPVLAKWQNSYSIKVVLQELRRLMMSKENMKLPQPPEGQTYNN
;
A,E,I
2 'polypeptide(L)'
;GPLGSPEFMAGLPRRIIKETQRLLAEPVPGIKAEPDESNARYFHVVIAGPQDSPFEGGTFKLELFLPEEYPMAAPKVRFM
TKIYHPNVDKLGRICLDILKDKWSPALQIRTVLLSIQALLSAPNPDDPLANDVAEQWKTNEAQAIETARAWTRLYAMNNI
;
B,F,J
3 'polypeptide(L)'
;GPLGSPEFQEHWALMEELNRSKKDFEAIIQAKNKELEQTKEEKEKMQAQKEEVLSHMNDVLENELQCIICSEYFIEAVTL
NCAHSFCSYCINEWMKRKIECPICRKDIKSKTYSLVLDNCINKMVNNLSSEVKERRIVLIRERKAKRLF
;
C,G,H,K,L
#
# COMPACT_ATOMS: atom_id res chain seq x y z
N GLY A 14 17.31 -32.71 -21.21
CA GLY A 14 18.18 -31.62 -20.83
C GLY A 14 17.49 -30.62 -19.93
N VAL A 15 17.18 -31.05 -18.70
CA VAL A 15 16.41 -30.25 -17.77
C VAL A 15 17.23 -29.14 -17.13
N LYS A 16 16.84 -27.89 -17.38
CA LYS A 16 17.49 -26.75 -16.75
C LYS A 16 16.78 -26.34 -15.48
N VAL A 17 17.57 -26.18 -14.42
CA VAL A 17 17.04 -25.65 -13.17
C VAL A 17 17.00 -24.14 -13.28
N PRO A 18 15.83 -23.53 -13.02
CA PRO A 18 15.65 -22.08 -13.09
C PRO A 18 16.57 -21.35 -12.13
N ARG A 19 16.96 -20.14 -12.51
CA ARG A 19 17.82 -19.27 -11.70
C ARG A 19 17.51 -19.31 -10.21
N ASN A 20 16.26 -19.02 -9.86
CA ASN A 20 15.89 -18.88 -8.47
C ASN A 20 16.08 -20.17 -7.69
N PHE A 21 15.80 -21.31 -8.31
CA PHE A 21 15.97 -22.56 -7.59
C PHE A 21 17.42 -22.99 -7.54
N ARG A 22 18.19 -22.63 -8.57
CA ARG A 22 19.62 -22.88 -8.52
C ARG A 22 20.24 -22.07 -7.39
N LEU A 23 19.83 -20.82 -7.25
CA LEU A 23 20.41 -19.97 -6.23
C LEU A 23 20.02 -20.45 -4.84
N LEU A 24 18.80 -21.00 -4.71
CA LEU A 24 18.40 -21.62 -3.45
C LEU A 24 19.33 -22.77 -3.09
N GLU A 25 19.73 -23.53 -4.10
CA GLU A 25 20.67 -24.62 -3.92
C GLU A 25 22.00 -24.07 -3.42
N GLU A 26 22.48 -23.02 -4.06
CA GLU A 26 23.74 -22.42 -3.68
C GLU A 26 23.68 -21.81 -2.28
N LEU A 27 22.51 -21.31 -1.90
CA LEU A 27 22.28 -20.79 -0.57
C LEU A 27 22.47 -21.88 0.48
N GLU A 28 21.85 -23.03 0.24
CA GLU A 28 21.96 -24.17 1.15
C GLU A 28 23.39 -24.69 1.21
N GLU A 29 24.05 -24.77 0.04
CA GLU A 29 25.42 -25.24 0.00
C GLU A 29 26.34 -24.29 0.76
N GLY A 30 26.13 -22.99 0.59
CA GLY A 30 26.89 -21.98 1.30
C GLY A 30 26.80 -22.16 2.81
N GLN A 31 25.59 -22.43 3.28
CA GLN A 31 25.38 -22.60 4.72
C GLN A 31 26.01 -23.89 5.23
N LYS A 32 26.03 -24.92 4.39
CA LYS A 32 26.63 -26.19 4.79
C LYS A 32 28.15 -26.11 4.72
N GLY A 33 28.66 -25.21 3.88
CA GLY A 33 30.09 -25.07 3.69
C GLY A 33 30.65 -26.19 2.83
N VAL A 34 31.75 -25.92 2.14
CA VAL A 34 32.39 -26.94 1.33
C VAL A 34 33.88 -27.05 1.66
N GLY A 35 34.43 -28.25 1.43
CA GLY A 35 35.85 -28.49 1.56
C GLY A 35 36.44 -28.03 2.87
N ASP A 36 37.56 -27.31 2.78
CA ASP A 36 38.32 -26.89 3.94
C ASP A 36 37.90 -25.51 4.44
N GLY A 37 36.80 -24.99 3.90
CA GLY A 37 36.29 -23.70 4.30
C GLY A 37 37.15 -22.51 3.89
N THR A 38 38.06 -22.71 2.95
CA THR A 38 38.91 -21.60 2.50
C THR A 38 38.20 -20.64 1.54
N VAL A 39 37.04 -21.05 1.04
CA VAL A 39 36.12 -20.09 0.43
C VAL A 39 34.75 -20.29 1.04
N SER A 40 33.97 -19.21 1.09
N SER A 40 33.98 -19.21 1.11
CA SER A 40 32.63 -19.27 1.65
CA SER A 40 32.62 -19.29 1.63
C SER A 40 31.78 -18.21 0.97
C SER A 40 31.78 -18.22 0.96
N TRP A 41 30.47 -18.38 1.02
CA TRP A 41 29.57 -17.44 0.37
C TRP A 41 28.23 -17.45 1.06
N GLY A 42 27.53 -16.32 1.00
CA GLY A 42 26.21 -16.22 1.59
C GLY A 42 25.48 -15.03 1.02
N LEU A 43 24.19 -14.93 1.29
CA LEU A 43 23.41 -13.78 0.85
C LEU A 43 23.85 -12.52 1.56
N GLU A 44 23.99 -11.45 0.80
CA GLU A 44 24.37 -10.16 1.37
C GLU A 44 23.23 -9.61 2.22
N ASP A 45 22.01 -9.79 1.73
CA ASP A 45 20.80 -9.34 2.41
C ASP A 45 19.89 -10.52 2.63
N ASP A 46 19.65 -10.87 3.90
CA ASP A 46 18.90 -12.08 4.23
C ASP A 46 17.40 -11.94 3.97
N GLU A 47 16.99 -10.80 3.41
CA GLU A 47 15.60 -10.60 3.02
C GLU A 47 15.48 -10.37 1.53
N ASP A 48 16.59 -10.58 0.81
CA ASP A 48 16.60 -10.39 -0.64
C ASP A 48 16.02 -11.61 -1.34
N MET A 49 14.72 -11.57 -1.63
CA MET A 49 14.07 -12.71 -2.26
C MET A 49 14.54 -12.94 -3.70
N THR A 50 15.19 -11.93 -4.28
CA THR A 50 15.72 -12.08 -5.64
C THR A 50 17.02 -12.86 -5.64
N LEU A 51 17.59 -13.07 -4.45
CA LEU A 51 18.82 -13.85 -4.28
C LEU A 51 19.95 -13.33 -5.18
N THR A 52 20.01 -12.02 -5.36
CA THR A 52 20.90 -11.42 -6.35
C THR A 52 22.30 -11.08 -5.83
N ARG A 53 22.37 -10.46 -4.66
CA ARG A 53 23.66 -9.97 -4.15
C ARG A 53 24.23 -10.90 -3.09
N TRP A 54 25.44 -11.38 -3.33
CA TRP A 54 26.07 -12.35 -2.44
C TRP A 54 27.37 -11.78 -1.88
N THR A 55 27.71 -12.23 -0.67
CA THR A 55 29.01 -11.98 -0.09
C THR A 55 29.90 -13.18 -0.35
N GLY A 56 31.09 -12.93 -0.88
CA GLY A 56 32.05 -14.00 -1.05
C GLY A 56 33.20 -13.81 -0.09
N MET A 57 33.81 -14.92 0.33
CA MET A 57 34.99 -14.86 1.18
C MET A 57 36.05 -15.79 0.63
N ILE A 58 37.28 -15.29 0.53
CA ILE A 58 38.41 -16.12 0.17
C ILE A 58 39.51 -15.96 1.21
N ILE A 59 39.97 -17.08 1.75
CA ILE A 59 41.18 -17.05 2.58
C ILE A 59 42.38 -17.05 1.66
N GLY A 60 43.22 -16.02 1.75
CA GLY A 60 44.43 -15.98 0.93
C GLY A 60 45.27 -17.22 1.14
N PRO A 61 45.74 -17.83 0.03
CA PRO A 61 46.45 -19.11 0.14
C PRO A 61 47.85 -18.97 0.74
N PRO A 62 48.32 -20.02 1.42
CA PRO A 62 49.64 -19.99 2.07
C PRO A 62 50.77 -19.84 1.07
N ARG A 63 51.89 -19.31 1.53
CA ARG A 63 53.08 -19.13 0.70
C ARG A 63 52.80 -18.26 -0.52
N THR A 64 51.91 -17.29 -0.34
CA THR A 64 51.70 -16.21 -1.30
C THR A 64 51.64 -14.92 -0.53
N ASN A 65 51.73 -13.79 -1.22
CA ASN A 65 51.59 -12.50 -0.55
C ASN A 65 50.16 -12.23 -0.09
N TYR A 66 49.25 -13.15 -0.44
CA TYR A 66 47.88 -13.06 0.03
C TYR A 66 47.67 -13.82 1.34
N GLU A 67 48.70 -14.50 1.83
CA GLU A 67 48.49 -15.45 2.92
C GLU A 67 48.03 -14.77 4.20
N ASN A 68 47.22 -15.48 4.98
CA ASN A 68 46.73 -15.03 6.28
C ASN A 68 45.86 -13.78 6.17
N ARG A 69 45.25 -13.59 5.00
CA ARG A 69 44.33 -12.48 4.82
C ARG A 69 42.99 -12.99 4.37
N ILE A 70 41.93 -12.41 4.92
CA ILE A 70 40.58 -12.75 4.50
C ILE A 70 40.08 -11.73 3.50
N TYR A 71 39.74 -12.19 2.30
CA TYR A 71 39.23 -11.29 1.28
C TYR A 71 37.74 -11.40 1.21
N SER A 72 37.07 -10.26 1.27
N SER A 72 37.06 -10.26 1.26
CA SER A 72 35.63 -10.22 1.05
CA SER A 72 35.62 -10.23 1.07
C SER A 72 35.35 -9.76 -0.36
C SER A 72 35.30 -9.70 -0.32
N LEU A 73 34.28 -10.28 -0.95
CA LEU A 73 33.92 -9.96 -2.30
C LEU A 73 32.43 -9.73 -2.38
N LYS A 74 32.00 -9.03 -3.41
CA LYS A 74 30.59 -8.94 -3.74
C LYS A 74 30.36 -9.70 -5.04
N VAL A 75 29.39 -10.61 -5.03
CA VAL A 75 29.09 -11.40 -6.20
C VAL A 75 27.64 -11.11 -6.57
N GLU A 76 27.43 -10.69 -7.81
CA GLU A 76 26.09 -10.32 -8.26
C GLU A 76 25.60 -11.33 -9.29
N CYS A 77 24.51 -12.02 -8.95
CA CYS A 77 23.91 -12.99 -9.85
C CYS A 77 22.70 -12.36 -10.55
N GLY A 78 22.90 -12.00 -11.81
CA GLY A 78 21.88 -11.29 -12.56
C GLY A 78 20.75 -12.19 -13.01
N PRO A 79 19.81 -11.64 -13.79
CA PRO A 79 18.61 -12.33 -14.24
C PRO A 79 18.90 -13.57 -15.08
N LYS A 80 20.04 -13.60 -15.76
CA LYS A 80 20.38 -14.72 -16.65
C LYS A 80 21.33 -15.74 -16.01
N TYR A 81 21.68 -15.52 -14.74
CA TYR A 81 22.46 -16.50 -13.99
C TYR A 81 21.65 -17.77 -13.78
N PRO A 82 22.28 -18.95 -13.87
CA PRO A 82 23.69 -19.24 -14.16
C PRO A 82 23.99 -19.51 -15.63
N GLU A 83 23.07 -19.18 -16.53
CA GLU A 83 23.39 -19.26 -17.95
C GLU A 83 24.49 -18.26 -18.27
N ALA A 84 24.47 -17.13 -17.55
CA ALA A 84 25.49 -16.11 -17.69
C ALA A 84 26.30 -16.00 -16.40
N PRO A 85 27.58 -15.64 -16.51
CA PRO A 85 28.40 -15.53 -15.30
C PRO A 85 27.94 -14.41 -14.36
N PRO A 86 28.24 -14.56 -13.07
CA PRO A 86 27.93 -13.46 -12.15
C PRO A 86 28.96 -12.34 -12.31
N SER A 87 28.65 -11.16 -11.80
CA SER A 87 29.63 -10.09 -11.72
C SER A 87 30.33 -10.20 -10.37
N VAL A 88 31.63 -9.95 -10.35
CA VAL A 88 32.38 -10.11 -9.12
C VAL A 88 33.27 -8.90 -8.87
N ARG A 89 33.33 -8.46 -7.62
CA ARG A 89 34.29 -7.44 -7.27
C ARG A 89 34.84 -7.71 -5.88
N PHE A 90 36.12 -7.43 -5.68
CA PHE A 90 36.69 -7.49 -4.36
C PHE A 90 36.27 -6.26 -3.60
N VAL A 91 35.93 -6.44 -2.32
CA VAL A 91 35.77 -5.33 -1.41
C VAL A 91 37.12 -5.04 -0.77
N THR A 92 37.71 -6.11 -0.22
CA THR A 92 39.07 -6.07 0.31
C THR A 92 40.06 -5.72 -0.80
N LYS A 93 40.93 -4.74 -0.56
CA LYS A 93 41.88 -4.35 -1.60
C LYS A 93 42.87 -5.46 -1.87
N ILE A 94 43.17 -5.65 -3.15
CA ILE A 94 44.04 -6.73 -3.57
C ILE A 94 44.78 -6.31 -4.83
N ASN A 95 46.06 -6.70 -4.93
CA ASN A 95 46.79 -6.55 -6.18
C ASN A 95 46.84 -7.92 -6.81
N MET A 96 46.15 -8.07 -7.93
CA MET A 96 46.00 -9.37 -8.59
C MET A 96 45.63 -9.16 -10.04
N ASN A 97 46.28 -9.90 -10.94
CA ASN A 97 45.96 -9.76 -12.35
C ASN A 97 44.48 -10.07 -12.58
N GLY A 98 43.80 -9.23 -13.35
CA GLY A 98 42.39 -9.43 -13.62
C GLY A 98 41.48 -8.65 -12.70
N ILE A 99 42.05 -8.09 -11.63
CA ILE A 99 41.28 -7.27 -10.70
C ILE A 99 41.68 -5.81 -10.87
N ASN A 100 40.71 -4.97 -11.16
CA ASN A 100 40.99 -3.55 -11.31
C ASN A 100 41.54 -3.00 -10.01
N ASN A 101 42.73 -2.41 -10.11
CA ASN A 101 43.52 -1.97 -8.97
C ASN A 101 42.85 -0.88 -8.14
N SER A 102 41.98 -0.10 -8.77
CA SER A 102 41.35 1.03 -8.09
C SER A 102 39.91 0.78 -7.67
N SER A 103 39.25 -0.20 -8.26
CA SER A 103 37.82 -0.43 -8.00
C SER A 103 37.51 -1.80 -7.43
N GLY A 104 38.45 -2.73 -7.59
CA GLY A 104 38.24 -4.10 -7.15
C GLY A 104 37.45 -4.95 -8.11
N MET A 105 36.99 -4.35 -9.21
CA MET A 105 36.16 -5.08 -10.16
C MET A 105 36.96 -6.17 -10.85
N VAL A 106 36.36 -7.35 -10.93
CA VAL A 106 37.00 -8.49 -11.57
C VAL A 106 36.68 -8.45 -13.06
N ASP A 107 37.72 -8.31 -13.86
CA ASP A 107 37.58 -8.30 -15.32
C ASP A 107 37.29 -9.72 -15.80
N ALA A 108 36.05 -9.97 -16.24
CA ALA A 108 35.65 -11.32 -16.65
C ALA A 108 36.57 -11.90 -17.71
N ARG A 109 37.02 -11.06 -18.64
CA ARG A 109 37.85 -11.56 -19.74
C ARG A 109 39.21 -12.06 -19.25
N SER A 110 39.63 -11.62 -18.07
CA SER A 110 40.95 -11.95 -17.55
C SER A 110 40.93 -13.14 -16.58
N ILE A 111 39.73 -13.60 -16.24
CA ILE A 111 39.56 -14.72 -15.33
C ILE A 111 38.87 -15.86 -16.05
N PRO A 112 39.60 -16.94 -16.34
CA PRO A 112 39.14 -18.02 -17.21
C PRO A 112 37.77 -18.59 -16.85
N VAL A 113 37.48 -18.75 -15.56
CA VAL A 113 36.18 -19.30 -15.17
C VAL A 113 35.04 -18.39 -15.61
N LEU A 114 35.30 -17.09 -15.65
CA LEU A 114 34.28 -16.15 -16.08
C LEU A 114 34.30 -16.00 -17.59
N ALA A 115 35.50 -15.90 -18.16
CA ALA A 115 35.62 -15.74 -19.61
C ALA A 115 35.06 -16.94 -20.37
N LYS A 116 35.23 -18.13 -19.79
CA LYS A 116 34.76 -19.37 -20.39
C LYS A 116 33.66 -19.99 -19.55
N TRP A 117 32.76 -19.12 -19.06
CA TRP A 117 31.68 -19.54 -18.18
C TRP A 117 30.82 -20.66 -18.76
N GLN A 118 30.48 -21.63 -17.91
CA GLN A 118 29.53 -22.68 -18.24
C GLN A 118 28.42 -22.65 -17.20
N ASN A 119 27.20 -23.05 -17.57
CA ASN A 119 26.09 -22.97 -16.64
C ASN A 119 26.14 -24.02 -15.52
N SER A 120 27.18 -24.85 -15.57
CA SER A 120 27.43 -25.83 -14.51
C SER A 120 28.22 -25.17 -13.39
N TYR A 121 28.73 -23.98 -13.64
CA TYR A 121 29.54 -23.30 -12.64
C TYR A 121 28.65 -22.66 -11.58
N SER A 122 29.29 -22.10 -10.57
CA SER A 122 28.58 -21.59 -9.41
C SER A 122 29.42 -20.52 -8.72
N ILE A 123 28.82 -19.85 -7.73
CA ILE A 123 29.57 -18.89 -6.92
C ILE A 123 30.79 -19.57 -6.29
N LYS A 124 30.58 -20.78 -5.78
CA LYS A 124 31.66 -21.58 -5.21
C LYS A 124 32.82 -21.73 -6.18
N VAL A 125 32.51 -22.12 -7.40
CA VAL A 125 33.52 -22.34 -8.42
C VAL A 125 34.28 -21.06 -8.74
N VAL A 126 33.56 -19.95 -8.80
CA VAL A 126 34.21 -18.66 -9.07
C VAL A 126 35.20 -18.33 -7.95
N LEU A 127 34.77 -18.50 -6.71
CA LEU A 127 35.64 -18.18 -5.58
C LEU A 127 36.86 -19.11 -5.51
N GLN A 128 36.64 -20.39 -5.80
CA GLN A 128 37.74 -21.33 -5.77
C GLN A 128 38.74 -21.04 -6.87
N GLU A 129 38.24 -20.59 -8.02
CA GLU A 129 39.11 -20.20 -9.13
C GLU A 129 39.96 -18.98 -8.77
N LEU A 130 39.34 -17.96 -8.19
CA LEU A 130 40.09 -16.77 -7.78
C LEU A 130 41.16 -17.15 -6.75
N ARG A 131 40.81 -18.00 -5.81
CA ARG A 131 41.79 -18.43 -4.83
C ARG A 131 42.92 -19.22 -5.50
N ARG A 132 42.59 -20.05 -6.47
CA ARG A 132 43.61 -20.80 -7.20
C ARG A 132 44.52 -19.84 -7.95
N LEU A 133 43.93 -18.82 -8.56
CA LEU A 133 44.73 -17.87 -9.34
C LEU A 133 45.63 -17.03 -8.45
N MET A 134 45.28 -16.91 -7.17
CA MET A 134 46.16 -16.21 -6.23
C MET A 134 47.50 -16.93 -6.07
N MET A 135 47.50 -18.23 -6.37
CA MET A 135 48.73 -19.03 -6.28
C MET A 135 49.59 -18.98 -7.54
N SER A 136 49.07 -18.34 -8.59
N SER A 136 49.07 -18.34 -8.59
CA SER A 136 49.81 -18.25 -9.85
CA SER A 136 49.81 -18.26 -9.85
C SER A 136 51.12 -17.50 -9.68
C SER A 136 51.12 -17.51 -9.66
N LYS A 137 52.11 -17.82 -10.50
CA LYS A 137 53.42 -17.19 -10.42
C LYS A 137 53.34 -15.67 -10.53
N GLU A 138 52.47 -15.18 -11.40
CA GLU A 138 52.36 -13.76 -11.67
C GLU A 138 51.56 -12.98 -10.61
N ASN A 139 50.88 -13.71 -9.73
CA ASN A 139 50.11 -13.08 -8.65
C ASN A 139 50.74 -13.22 -7.27
N MET A 140 51.27 -14.41 -6.99
CA MET A 140 51.69 -14.74 -5.63
C MET A 140 52.78 -13.81 -5.10
N LYS A 141 53.52 -13.17 -6.01
CA LYS A 141 54.65 -12.32 -5.62
C LYS A 141 54.29 -10.84 -5.62
N LEU A 142 53.08 -10.49 -6.04
CA LEU A 142 52.70 -9.08 -6.10
C LEU A 142 52.67 -8.46 -4.70
N PRO A 143 53.32 -7.30 -4.55
CA PRO A 143 53.23 -6.60 -3.27
C PRO A 143 51.81 -6.14 -3.06
N GLN A 144 51.31 -6.29 -1.84
CA GLN A 144 49.91 -6.04 -1.55
C GLN A 144 49.75 -4.73 -0.80
N PRO A 145 48.57 -4.12 -0.91
CA PRO A 145 48.26 -2.95 -0.08
C PRO A 145 48.19 -3.39 1.38
N PRO A 146 48.16 -2.42 2.33
CA PRO A 146 48.06 -2.79 3.74
C PRO A 146 46.78 -3.59 4.02
N GLU A 147 46.85 -4.48 5.00
CA GLU A 147 45.70 -5.31 5.34
C GLU A 147 44.58 -4.43 5.86
N GLY A 148 43.34 -4.79 5.53
CA GLY A 148 42.18 -4.09 6.05
C GLY A 148 41.60 -3.01 5.16
N GLN A 149 42.34 -2.58 4.15
CA GLN A 149 41.84 -1.55 3.24
C GLN A 149 40.74 -2.11 2.34
N THR A 150 39.76 -1.28 2.01
CA THR A 150 38.70 -1.67 1.09
C THR A 150 38.48 -0.60 0.02
N TYR A 151 37.95 -1.01 -1.12
CA TYR A 151 37.56 -0.07 -2.16
C TYR A 151 36.25 0.62 -1.76
N ASN A 152 35.92 1.70 -2.46
CA ASN A 152 34.68 2.42 -2.19
C ASN A 152 33.49 1.78 -2.90
N GLY B 11 9.94 -35.79 -25.65
CA GLY B 11 9.63 -34.71 -24.74
C GLY B 11 9.27 -35.15 -23.34
N LEU B 12 8.36 -34.41 -22.72
CA LEU B 12 7.97 -34.64 -21.33
C LEU B 12 7.21 -35.95 -21.17
N PRO B 13 7.29 -36.56 -19.98
CA PRO B 13 6.44 -37.70 -19.65
C PRO B 13 4.97 -37.33 -19.82
N ARG B 14 4.12 -38.29 -20.16
CA ARG B 14 2.71 -38.02 -20.43
C ARG B 14 2.05 -37.26 -19.28
N ARG B 15 2.41 -37.63 -18.05
CA ARG B 15 1.78 -37.03 -16.87
C ARG B 15 2.02 -35.52 -16.79
N ILE B 16 3.26 -35.11 -17.03
CA ILE B 16 3.59 -33.70 -17.02
C ILE B 16 2.83 -32.97 -18.11
N ILE B 17 2.74 -33.57 -19.29
CA ILE B 17 1.96 -33.00 -20.38
C ILE B 17 0.50 -32.90 -19.96
N LYS B 18 0.02 -33.97 -19.34
CA LYS B 18 -1.36 -34.07 -18.86
C LYS B 18 -1.69 -32.94 -17.88
N GLU B 19 -0.88 -32.80 -16.83
CA GLU B 19 -1.12 -31.79 -15.80
C GLU B 19 -0.97 -30.37 -16.34
N THR B 20 0.08 -30.15 -17.11
CA THR B 20 0.37 -28.84 -17.70
C THR B 20 -0.83 -28.29 -18.48
N GLN B 21 -1.48 -29.16 -19.23
CA GLN B 21 -2.60 -28.76 -20.07
C GLN B 21 -3.91 -28.77 -19.31
N ARG B 22 -3.93 -29.47 -18.19
CA ARG B 22 -5.09 -29.44 -17.32
C ARG B 22 -5.12 -28.10 -16.59
N LEU B 23 -3.94 -27.57 -16.30
CA LEU B 23 -3.82 -26.26 -15.66
C LEU B 23 -4.33 -25.15 -16.55
N LEU B 24 -4.01 -25.23 -17.84
CA LEU B 24 -4.47 -24.24 -18.80
C LEU B 24 -5.95 -24.41 -19.11
N ALA B 25 -6.41 -25.65 -19.19
CA ALA B 25 -7.80 -25.94 -19.54
C ALA B 25 -8.73 -25.86 -18.32
N GLU B 26 -8.29 -26.40 -17.19
CA GLU B 26 -9.11 -26.42 -15.99
C GLU B 26 -8.41 -25.71 -14.83
N PRO B 27 -8.42 -24.37 -14.83
CA PRO B 27 -7.72 -23.58 -13.83
C PRO B 27 -8.31 -23.73 -12.43
N VAL B 28 -7.45 -23.86 -11.43
CA VAL B 28 -7.85 -23.86 -10.03
C VAL B 28 -8.45 -22.51 -9.65
N PRO B 29 -9.60 -22.51 -8.96
CA PRO B 29 -10.20 -21.26 -8.49
C PRO B 29 -9.26 -20.43 -7.63
N GLY B 30 -9.10 -19.15 -7.96
CA GLY B 30 -8.27 -18.25 -7.18
C GLY B 30 -6.79 -18.45 -7.39
N ILE B 31 -6.44 -19.29 -8.37
CA ILE B 31 -5.05 -19.59 -8.67
C ILE B 31 -4.78 -19.57 -10.18
N LYS B 32 -3.82 -18.77 -10.60
CA LYS B 32 -3.36 -18.77 -11.98
C LYS B 32 -2.03 -19.50 -12.06
N ALA B 33 -1.83 -20.28 -13.11
CA ALA B 33 -0.58 -21.02 -13.26
C ALA B 33 -0.18 -21.10 -14.72
N GLU B 34 0.88 -20.38 -15.08
CA GLU B 34 1.30 -20.30 -16.47
C GLU B 34 2.71 -20.85 -16.66
N PRO B 35 2.93 -21.55 -17.78
CA PRO B 35 4.26 -22.11 -18.07
C PRO B 35 5.27 -21.02 -18.38
N ASP B 36 6.51 -21.25 -17.98
CA ASP B 36 7.60 -20.36 -18.33
C ASP B 36 7.87 -20.42 -19.83
N GLU B 37 8.39 -19.33 -20.38
CA GLU B 37 8.59 -19.22 -21.83
C GLU B 37 9.81 -19.97 -22.32
N SER B 38 10.60 -20.52 -21.41
CA SER B 38 11.83 -21.20 -21.77
C SER B 38 11.96 -22.58 -21.16
N ASN B 39 11.23 -22.83 -20.09
CA ASN B 39 11.36 -24.06 -19.33
C ASN B 39 10.01 -24.71 -19.12
N ALA B 40 9.80 -25.86 -19.77
CA ALA B 40 8.49 -26.52 -19.76
C ALA B 40 8.15 -27.15 -18.40
N ARG B 41 9.12 -27.16 -17.50
CA ARG B 41 8.92 -27.72 -16.16
C ARG B 41 8.79 -26.62 -15.12
N TYR B 42 8.82 -25.38 -15.61
CA TYR B 42 8.84 -24.20 -14.76
C TYR B 42 7.53 -23.43 -14.90
N PHE B 43 6.87 -23.17 -13.78
CA PHE B 43 5.58 -22.48 -13.84
C PHE B 43 5.54 -21.25 -12.95
N HIS B 44 4.89 -20.21 -13.46
CA HIS B 44 4.70 -18.98 -12.71
C HIS B 44 3.27 -18.95 -12.22
N VAL B 45 3.12 -18.98 -10.91
CA VAL B 45 1.83 -19.11 -10.28
C VAL B 45 1.45 -17.83 -9.57
N VAL B 46 0.18 -17.47 -9.66
CA VAL B 46 -0.35 -16.38 -8.85
C VAL B 46 -1.49 -16.92 -8.00
N ILE B 47 -1.35 -16.81 -6.68
CA ILE B 47 -2.42 -17.23 -5.79
C ILE B 47 -3.12 -16.01 -5.20
N ALA B 48 -4.43 -15.95 -5.38
CA ALA B 48 -5.26 -14.94 -4.74
C ALA B 48 -5.33 -15.22 -3.24
N GLY B 49 -5.24 -14.17 -2.43
CA GLY B 49 -5.40 -14.33 -0.99
C GLY B 49 -6.77 -14.92 -0.73
N PRO B 50 -6.84 -15.96 0.12
CA PRO B 50 -8.11 -16.66 0.37
C PRO B 50 -9.14 -15.77 1.06
N GLN B 51 -10.41 -16.00 0.76
CA GLN B 51 -11.49 -15.23 1.37
C GLN B 51 -11.45 -15.35 2.88
N ASP B 52 -11.74 -14.25 3.56
CA ASP B 52 -11.78 -14.17 5.02
C ASP B 52 -10.40 -14.38 5.66
N SER B 53 -9.34 -14.29 4.86
CA SER B 53 -7.97 -14.35 5.39
C SER B 53 -7.39 -12.93 5.43
N PRO B 54 -6.32 -12.71 6.21
CA PRO B 54 -5.68 -11.38 6.20
C PRO B 54 -4.97 -11.10 4.88
N PHE B 55 -4.92 -12.10 4.01
CA PHE B 55 -4.30 -11.95 2.70
C PHE B 55 -5.33 -11.67 1.62
N GLU B 56 -6.60 -11.66 2.02
CA GLU B 56 -7.69 -11.43 1.08
C GLU B 56 -7.50 -10.10 0.36
N GLY B 57 -7.64 -10.12 -0.95
CA GLY B 57 -7.48 -8.91 -1.73
C GLY B 57 -6.09 -8.82 -2.34
N GLY B 58 -5.16 -9.61 -1.79
CA GLY B 58 -3.81 -9.63 -2.30
C GLY B 58 -3.61 -10.69 -3.37
N THR B 59 -2.55 -10.56 -4.15
CA THR B 59 -2.15 -11.58 -5.11
C THR B 59 -0.71 -11.94 -4.85
N PHE B 60 -0.40 -13.23 -4.82
CA PHE B 60 0.92 -13.67 -4.40
C PHE B 60 1.58 -14.50 -5.49
N LYS B 61 2.78 -14.09 -5.87
CA LYS B 61 3.52 -14.83 -6.89
C LYS B 61 4.17 -16.04 -6.27
N LEU B 62 4.06 -17.16 -6.96
CA LEU B 62 4.79 -18.35 -6.59
C LEU B 62 5.46 -18.91 -7.82
N GLU B 63 6.54 -19.63 -7.62
CA GLU B 63 7.13 -20.33 -8.73
C GLU B 63 7.12 -21.81 -8.42
N LEU B 64 6.91 -22.62 -9.45
CA LEU B 64 6.84 -24.06 -9.29
C LEU B 64 7.73 -24.70 -10.32
N PHE B 65 8.52 -25.67 -9.86
CA PHE B 65 9.40 -26.41 -10.74
C PHE B 65 9.20 -27.90 -10.57
N LEU B 66 9.11 -28.61 -11.69
CA LEU B 66 8.99 -30.07 -11.69
C LEU B 66 10.34 -30.69 -11.99
N PRO B 67 11.00 -31.26 -10.97
CA PRO B 67 12.34 -31.86 -11.10
C PRO B 67 12.38 -33.02 -12.10
N GLU B 68 13.58 -33.45 -12.46
CA GLU B 68 13.75 -34.59 -13.37
C GLU B 68 12.98 -35.81 -12.89
N GLU B 69 13.11 -36.11 -11.60
CA GLU B 69 12.58 -37.35 -11.06
C GLU B 69 11.10 -37.23 -10.67
N TYR B 70 10.49 -36.08 -10.98
CA TYR B 70 9.05 -35.92 -10.80
C TYR B 70 8.33 -36.96 -11.67
N PRO B 71 7.32 -37.64 -11.12
CA PRO B 71 6.68 -37.39 -9.83
C PRO B 71 7.23 -38.18 -8.63
N MET B 72 8.34 -38.90 -8.79
CA MET B 72 8.96 -39.57 -7.65
C MET B 72 9.41 -38.53 -6.63
N ALA B 73 10.02 -37.46 -7.14
CA ALA B 73 10.41 -36.34 -6.30
C ALA B 73 9.28 -35.30 -6.29
N ALA B 74 9.15 -34.59 -5.19
CA ALA B 74 8.11 -33.59 -5.04
C ALA B 74 8.39 -32.40 -5.95
N PRO B 75 7.33 -31.66 -6.33
CA PRO B 75 7.58 -30.41 -7.04
C PRO B 75 8.28 -29.42 -6.12
N LYS B 76 9.03 -28.49 -6.67
CA LYS B 76 9.63 -27.44 -5.87
C LYS B 76 8.77 -26.19 -5.97
N VAL B 77 8.45 -25.58 -4.84
CA VAL B 77 7.60 -24.39 -4.82
C VAL B 77 8.16 -23.36 -3.85
N ARG B 78 8.05 -22.09 -4.23
CA ARG B 78 8.50 -21.00 -3.38
C ARG B 78 7.69 -19.75 -3.66
N PHE B 79 7.37 -18.99 -2.62
CA PHE B 79 6.76 -17.68 -2.81
C PHE B 79 7.79 -16.70 -3.35
N MET B 80 7.36 -15.83 -4.26
N MET B 80 7.36 -15.84 -4.26
CA MET B 80 8.23 -14.78 -4.77
CA MET B 80 8.22 -14.79 -4.81
C MET B 80 7.71 -13.42 -4.35
C MET B 80 7.73 -13.43 -4.33
N THR B 81 6.59 -13.44 -3.64
CA THR B 81 6.03 -12.24 -3.04
C THR B 81 6.23 -12.32 -1.54
N LYS B 82 6.77 -11.26 -0.94
CA LYS B 82 6.97 -11.24 0.50
CA LYS B 82 6.97 -11.22 0.50
C LYS B 82 5.63 -11.38 1.23
N ILE B 83 5.59 -12.25 2.23
CA ILE B 83 4.34 -12.52 2.91
C ILE B 83 4.59 -12.82 4.39
N TYR B 84 3.69 -12.35 5.25
CA TYR B 84 3.81 -12.54 6.68
C TYR B 84 2.99 -13.76 7.07
N HIS B 85 3.66 -14.89 7.24
CA HIS B 85 2.99 -16.15 7.47
C HIS B 85 3.95 -17.08 8.19
N PRO B 86 3.45 -17.78 9.21
CA PRO B 86 4.28 -18.67 10.06
C PRO B 86 5.01 -19.75 9.28
N ASN B 87 4.45 -20.13 8.12
CA ASN B 87 4.99 -21.25 7.36
C ASN B 87 5.63 -20.82 6.05
N VAL B 88 5.86 -19.53 5.90
CA VAL B 88 6.61 -19.00 4.76
C VAL B 88 7.74 -18.15 5.30
N ASP B 89 8.99 -18.45 4.95
CA ASP B 89 10.09 -17.70 5.53
C ASP B 89 10.42 -16.46 4.70
N LYS B 90 11.53 -15.81 5.06
CA LYS B 90 11.87 -14.52 4.48
C LYS B 90 12.23 -14.64 3.01
N LEU B 91 12.62 -15.84 2.59
CA LEU B 91 12.99 -16.07 1.20
C LEU B 91 11.87 -16.77 0.43
N GLY B 92 10.73 -16.93 1.08
CA GLY B 92 9.54 -17.45 0.40
C GLY B 92 9.43 -18.96 0.45
N ARG B 93 10.36 -19.60 1.15
CA ARG B 93 10.35 -21.06 1.25
C ARG B 93 9.14 -21.49 2.07
N ILE B 94 8.50 -22.55 1.62
CA ILE B 94 7.24 -23.00 2.19
C ILE B 94 7.42 -24.22 3.06
N CYS B 95 6.94 -24.13 4.29
CA CYS B 95 6.92 -25.27 5.18
C CYS B 95 5.59 -26.01 5.03
N LEU B 96 5.60 -27.07 4.23
CA LEU B 96 4.39 -27.85 3.96
C LEU B 96 4.80 -29.31 3.80
N ASP B 97 4.23 -30.17 4.64
CA ASP B 97 4.75 -31.54 4.75
C ASP B 97 4.56 -32.38 3.50
N ILE B 98 3.63 -32.01 2.64
CA ILE B 98 3.44 -32.77 1.40
C ILE B 98 4.47 -32.34 0.36
N LEU B 99 5.26 -31.32 0.67
CA LEU B 99 6.36 -30.89 -0.19
C LEU B 99 7.65 -31.60 0.19
N LYS B 100 7.61 -32.39 1.26
CA LYS B 100 8.80 -33.10 1.74
C LYS B 100 8.46 -34.47 2.32
N ASP B 101 7.87 -34.48 3.50
CA ASP B 101 7.56 -35.71 4.23
C ASP B 101 6.51 -36.56 3.52
N LYS B 102 5.30 -36.00 3.40
CA LYS B 102 4.15 -36.75 2.92
C LYS B 102 3.92 -36.59 1.42
N TRP B 103 4.99 -36.59 0.64
CA TRP B 103 4.83 -36.54 -0.81
C TRP B 103 4.68 -37.93 -1.42
N SER B 104 3.63 -38.10 -2.23
CA SER B 104 3.44 -39.33 -3.00
C SER B 104 3.01 -38.97 -4.42
N PRO B 105 3.45 -39.77 -5.40
CA PRO B 105 3.17 -39.52 -6.83
C PRO B 105 1.70 -39.40 -7.21
N ALA B 106 0.78 -39.66 -6.28
CA ALA B 106 -0.64 -39.56 -6.59
C ALA B 106 -1.18 -38.16 -6.34
N LEU B 107 -0.41 -37.35 -5.62
CA LEU B 107 -0.88 -36.05 -5.14
C LEU B 107 -1.20 -35.04 -6.23
N GLN B 108 -0.29 -34.90 -7.21
CA GLN B 108 -0.43 -33.97 -8.34
C GLN B 108 -0.07 -32.52 -7.97
N ILE B 109 0.00 -31.68 -8.99
CA ILE B 109 0.40 -30.28 -8.82
C ILE B 109 -0.69 -29.44 -8.16
N ARG B 110 -1.93 -29.58 -8.63
CA ARG B 110 -2.99 -28.70 -8.15
C ARG B 110 -3.35 -28.98 -6.69
N THR B 111 -3.08 -30.20 -6.23
CA THR B 111 -3.28 -30.54 -4.83
C THR B 111 -2.36 -29.68 -3.97
N VAL B 112 -1.10 -29.63 -4.39
CA VAL B 112 -0.09 -28.79 -3.74
C VAL B 112 -0.54 -27.33 -3.72
N LEU B 113 -0.97 -26.83 -4.86
CA LEU B 113 -1.36 -25.42 -4.96
C LEU B 113 -2.56 -25.09 -4.07
N LEU B 114 -3.55 -25.97 -4.05
CA LEU B 114 -4.71 -25.76 -3.19
C LEU B 114 -4.32 -25.86 -1.72
N SER B 115 -3.41 -26.78 -1.41
CA SER B 115 -2.92 -26.93 -0.05
C SER B 115 -2.17 -25.68 0.42
N ILE B 116 -1.38 -25.09 -0.48
CA ILE B 116 -0.68 -23.84 -0.17
C ILE B 116 -1.69 -22.73 0.09
N GLN B 117 -2.71 -22.65 -0.76
CA GLN B 117 -3.78 -21.68 -0.57
C GLN B 117 -4.46 -21.89 0.77
N ALA B 118 -4.64 -23.16 1.13
CA ALA B 118 -5.29 -23.51 2.37
C ALA B 118 -4.43 -23.14 3.57
N LEU B 119 -3.12 -23.18 3.36
CA LEU B 119 -2.17 -22.79 4.40
C LEU B 119 -2.32 -21.30 4.69
N LEU B 120 -2.55 -20.51 3.65
CA LEU B 120 -2.82 -19.09 3.81
C LEU B 120 -4.13 -18.90 4.56
N SER B 121 -5.14 -19.68 4.20
CA SER B 121 -6.46 -19.62 4.84
C SER B 121 -6.42 -20.04 6.31
N ALA B 122 -5.52 -20.95 6.65
CA ALA B 122 -5.40 -21.46 8.01
C ALA B 122 -3.94 -21.73 8.37
N PRO B 123 -3.22 -20.70 8.84
CA PRO B 123 -1.80 -20.80 9.22
C PRO B 123 -1.53 -21.82 10.32
N ASN B 124 -0.32 -22.37 10.33
CA ASN B 124 0.08 -23.35 11.34
C ASN B 124 1.28 -22.84 12.16
N PRO B 125 1.01 -21.94 13.12
CA PRO B 125 2.06 -21.34 13.93
C PRO B 125 2.78 -22.38 14.79
N ASP B 126 2.11 -23.48 15.08
CA ASP B 126 2.63 -24.46 16.00
C ASP B 126 3.59 -25.44 15.33
N ASP B 127 3.96 -25.14 14.09
CA ASP B 127 4.89 -25.98 13.35
C ASP B 127 6.30 -25.90 13.95
N PRO B 128 6.95 -27.06 14.11
CA PRO B 128 8.32 -27.12 14.65
C PRO B 128 9.31 -26.24 13.89
N LEU B 129 9.35 -26.35 12.57
CA LEU B 129 10.29 -25.58 11.75
C LEU B 129 9.66 -24.28 11.26
N ALA B 130 8.84 -23.67 12.10
CA ALA B 130 8.17 -22.43 11.74
C ALA B 130 9.09 -21.22 11.92
N ASN B 131 8.72 -20.11 11.29
CA ASN B 131 9.51 -18.88 11.24
C ASN B 131 10.06 -18.36 12.56
N ASP B 132 9.34 -17.36 13.07
CA ASP B 132 9.72 -16.52 14.18
C ASP B 132 8.54 -15.58 14.22
N VAL B 133 7.94 -15.47 13.04
CA VAL B 133 6.60 -14.93 12.85
C VAL B 133 5.62 -15.81 13.62
N ALA B 134 5.89 -17.10 13.64
CA ALA B 134 5.08 -18.06 14.37
C ALA B 134 4.89 -17.65 15.83
N GLU B 135 5.99 -17.26 16.47
CA GLU B 135 5.96 -16.88 17.88
C GLU B 135 5.00 -15.71 18.11
N GLN B 136 5.04 -14.74 17.22
CA GLN B 136 4.09 -13.63 17.29
C GLN B 136 2.68 -14.14 17.06
N TRP B 137 2.54 -15.10 16.15
CA TRP B 137 1.23 -15.64 15.81
C TRP B 137 0.64 -16.43 16.97
N LYS B 138 1.51 -17.05 17.76
CA LYS B 138 1.09 -17.83 18.92
C LYS B 138 0.65 -16.95 20.10
N THR B 139 1.48 -15.97 20.41
CA THR B 139 1.30 -15.17 21.62
C THR B 139 0.37 -13.99 21.39
N ASN B 140 0.48 -13.37 20.22
CA ASN B 140 -0.37 -12.23 19.88
C ASN B 140 -0.98 -12.40 18.50
N GLU B 141 -1.90 -13.36 18.38
CA GLU B 141 -2.48 -13.69 17.08
C GLU B 141 -3.15 -12.48 16.42
N ALA B 142 -3.83 -11.66 17.21
CA ALA B 142 -4.52 -10.50 16.67
C ALA B 142 -3.54 -9.55 16.00
N GLN B 143 -2.40 -9.31 16.64
CA GLN B 143 -1.40 -8.41 16.07
C GLN B 143 -0.78 -9.02 14.83
N ALA B 144 -0.51 -10.33 14.87
CA ALA B 144 0.09 -11.03 13.74
C ALA B 144 -0.81 -10.95 12.52
N ILE B 145 -2.10 -11.13 12.74
CA ILE B 145 -3.08 -11.06 11.64
C ILE B 145 -3.13 -9.66 11.04
N GLU B 146 -3.01 -8.63 11.87
CA GLU B 146 -2.99 -7.27 11.34
C GLU B 146 -1.70 -7.02 10.57
N THR B 147 -0.60 -7.58 11.04
CA THR B 147 0.68 -7.43 10.35
C THR B 147 0.65 -8.17 9.01
N ALA B 148 0.03 -9.35 9.00
CA ALA B 148 -0.18 -10.08 7.74
C ALA B 148 -0.95 -9.22 6.75
N ARG B 149 -1.99 -8.54 7.25
CA ARG B 149 -2.79 -7.65 6.41
C ARG B 149 -1.93 -6.46 5.98
N ALA B 150 -1.11 -5.94 6.91
CA ALA B 150 -0.21 -4.85 6.59
C ALA B 150 0.74 -5.24 5.45
N TRP B 151 1.35 -6.42 5.55
CA TRP B 151 2.28 -6.85 4.50
C TRP B 151 1.56 -7.12 3.18
N THR B 152 0.31 -7.55 3.27
CA THR B 152 -0.49 -7.73 2.05
C THR B 152 -0.67 -6.40 1.35
N ARG B 153 -1.00 -5.36 2.12
CA ARG B 153 -1.13 -4.01 1.56
C ARG B 153 0.19 -3.57 0.91
N LEU B 154 1.29 -3.86 1.58
CA LEU B 154 2.59 -3.36 1.18
C LEU B 154 3.18 -4.07 -0.02
N TYR B 155 2.97 -5.39 -0.10
CA TYR B 155 3.70 -6.19 -1.09
C TYR B 155 2.83 -6.94 -2.08
N ALA B 156 1.56 -7.16 -1.76
CA ALA B 156 0.75 -8.05 -2.59
C ALA B 156 -0.41 -7.37 -3.30
N MET B 157 -0.38 -6.04 -3.41
CA MET B 157 -1.49 -5.34 -4.04
C MET B 157 -1.13 -4.84 -5.44
N ASN B 158 0.08 -5.16 -5.89
CA ASN B 158 0.51 -4.80 -7.23
C ASN B 158 1.23 -5.95 -7.92
N HIS C 56 -19.39 -43.07 -18.65
CA HIS C 56 -18.87 -44.28 -18.01
C HIS C 56 -17.56 -44.71 -18.66
N MET C 57 -17.52 -44.65 -19.99
CA MET C 57 -16.31 -45.03 -20.72
C MET C 57 -15.13 -44.14 -20.31
N ASN C 58 -15.38 -42.82 -20.26
CA ASN C 58 -14.33 -41.86 -19.86
C ASN C 58 -14.16 -41.62 -18.33
N ASP C 59 -14.85 -42.43 -17.51
CA ASP C 59 -14.46 -42.65 -16.09
C ASP C 59 -14.11 -44.14 -15.87
N VAL C 60 -14.29 -44.94 -16.90
CA VAL C 60 -13.76 -46.29 -16.92
C VAL C 60 -12.26 -46.19 -17.15
N LEU C 61 -11.90 -45.74 -18.33
CA LEU C 61 -10.53 -45.85 -18.76
C LEU C 61 -9.71 -44.71 -18.22
N GLU C 62 -10.24 -43.94 -17.28
CA GLU C 62 -9.56 -42.70 -16.88
C GLU C 62 -9.34 -42.54 -15.38
N ASN C 63 -10.01 -43.32 -14.56
CA ASN C 63 -9.80 -43.21 -13.13
C ASN C 63 -9.51 -44.57 -12.53
N GLU C 64 -9.35 -45.57 -13.39
CA GLU C 64 -9.30 -46.92 -12.92
C GLU C 64 -8.23 -47.73 -13.58
N LEU C 65 -8.27 -47.77 -14.88
CA LEU C 65 -7.15 -48.36 -15.56
C LEU C 65 -5.92 -47.48 -15.62
N GLN C 66 -6.01 -46.17 -15.31
CA GLN C 66 -4.80 -45.37 -15.46
C GLN C 66 -3.96 -45.35 -14.19
N CYS C 67 -2.69 -45.64 -14.34
CA CYS C 67 -1.72 -45.56 -13.25
C CYS C 67 -1.58 -44.14 -12.73
N ILE C 68 -1.71 -43.95 -11.42
CA ILE C 68 -1.61 -42.61 -10.82
C ILE C 68 -0.19 -42.04 -10.90
N ILE C 69 0.82 -42.89 -10.99
CA ILE C 69 2.21 -42.41 -11.05
C ILE C 69 2.55 -41.86 -12.43
N CYS C 70 2.19 -42.57 -13.49
CA CYS C 70 2.60 -42.21 -14.87
C CYS C 70 1.48 -41.71 -15.79
N SER C 71 0.22 -41.82 -15.33
CA SER C 71 -0.95 -41.41 -16.09
C SER C 71 -1.13 -42.19 -17.39
N GLU C 72 -0.56 -43.39 -17.48
CA GLU C 72 -0.80 -44.27 -18.62
C GLU C 72 -1.71 -45.40 -18.16
N TYR C 73 -2.42 -46.04 -19.08
CA TYR C 73 -3.10 -47.30 -18.76
C TYR C 73 -2.06 -48.25 -18.17
N PHE C 74 -2.38 -48.96 -17.08
CA PHE C 74 -1.39 -49.83 -16.41
C PHE C 74 -0.60 -50.70 -17.38
N ILE C 75 0.71 -50.74 -17.21
CA ILE C 75 1.56 -51.63 -18.00
C ILE C 75 2.16 -52.62 -17.03
N GLU C 76 1.85 -53.90 -17.21
CA GLU C 76 2.27 -54.94 -16.26
C GLU C 76 1.72 -54.62 -14.86
N ALA C 77 0.41 -54.69 -14.75
CA ALA C 77 -0.26 -54.26 -13.54
C ALA C 77 0.21 -55.11 -12.35
N VAL C 78 0.48 -54.42 -11.25
CA VAL C 78 0.77 -55.08 -9.97
C VAL C 78 -0.20 -54.54 -8.94
N THR C 79 -0.70 -55.45 -8.10
CA THR C 79 -1.66 -55.09 -7.06
C THR C 79 -0.98 -55.31 -5.70
N LEU C 80 -1.03 -54.30 -4.85
CA LEU C 80 -0.42 -54.33 -3.52
C LEU C 80 -1.38 -54.89 -2.48
N ASN C 81 -0.85 -55.20 -1.30
CA ASN C 81 -1.63 -55.74 -0.19
C ASN C 81 -2.83 -54.87 0.16
N CYS C 82 -2.69 -53.56 -0.05
CA CYS C 82 -3.77 -52.60 0.25
C CYS C 82 -4.84 -52.52 -0.84
N ALA C 83 -4.69 -53.33 -1.87
CA ALA C 83 -5.64 -53.50 -2.98
C ALA C 83 -5.51 -52.49 -4.09
N HIS C 84 -4.54 -51.57 -4.02
CA HIS C 84 -4.32 -50.60 -5.09
C HIS C 84 -3.39 -51.16 -6.13
N SER C 85 -3.58 -50.76 -7.37
CA SER C 85 -2.75 -51.26 -8.46
C SER C 85 -1.92 -50.13 -9.12
N PHE C 86 -0.79 -50.53 -9.69
CA PHE C 86 0.19 -49.62 -10.32
C PHE C 86 0.88 -50.39 -11.45
N CYS C 87 1.51 -49.69 -12.38
CA CYS C 87 2.42 -50.36 -13.30
C CYS C 87 3.55 -50.97 -12.47
N SER C 88 4.05 -52.13 -12.90
CA SER C 88 5.21 -52.72 -12.27
C SER C 88 6.41 -51.78 -12.24
N TYR C 89 6.69 -51.16 -13.36
CA TYR C 89 7.83 -50.23 -13.47
C TYR C 89 7.66 -49.08 -12.48
N CYS C 90 6.48 -48.49 -12.47
CA CYS C 90 6.21 -47.32 -11.63
C CYS C 90 6.36 -47.62 -10.15
N ILE C 91 5.74 -48.71 -9.70
CA ILE C 91 5.78 -49.01 -8.28
C ILE C 91 7.18 -49.41 -7.82
N ASN C 92 7.96 -50.07 -8.66
CA ASN C 92 9.34 -50.39 -8.31
C ASN C 92 10.22 -49.15 -8.14
N GLU C 93 10.11 -48.21 -9.06
CA GLU C 93 10.81 -46.96 -8.88
C GLU C 93 10.39 -46.23 -7.61
N TRP C 94 9.08 -46.24 -7.33
CA TRP C 94 8.57 -45.62 -6.11
C TRP C 94 9.17 -46.28 -4.88
N MET C 95 9.14 -47.60 -4.88
CA MET C 95 9.64 -48.39 -3.76
C MET C 95 11.12 -48.28 -3.48
N LYS C 96 11.91 -47.85 -4.46
CA LYS C 96 13.32 -47.57 -4.16
C LYS C 96 13.44 -46.39 -3.19
N ARG C 97 12.42 -45.52 -3.16
CA ARG C 97 12.45 -44.31 -2.33
C ARG C 97 11.54 -44.35 -1.12
N LYS C 98 10.41 -45.04 -1.23
CA LYS C 98 9.39 -45.05 -0.18
C LYS C 98 8.76 -46.42 -0.17
N ILE C 99 8.41 -46.95 1.00
CA ILE C 99 7.73 -48.27 1.04
C ILE C 99 6.29 -48.10 1.54
N GLU C 100 5.64 -47.02 1.13
CA GLU C 100 4.24 -46.73 1.42
C GLU C 100 3.45 -46.64 0.13
N CYS C 101 2.27 -47.26 0.07
CA CYS C 101 1.43 -47.13 -1.14
C CYS C 101 1.31 -45.65 -1.53
N PRO C 102 1.57 -45.33 -2.80
CA PRO C 102 1.36 -43.94 -3.21
C PRO C 102 -0.02 -43.41 -2.85
N ILE C 103 -1.06 -44.22 -3.02
CA ILE C 103 -2.45 -43.76 -2.88
C ILE C 103 -2.92 -43.70 -1.42
N CYS C 104 -2.80 -44.80 -0.67
CA CYS C 104 -3.29 -44.84 0.72
C CYS C 104 -2.21 -44.70 1.78
N ARG C 105 -0.94 -44.72 1.35
CA ARG C 105 0.23 -44.61 2.21
C ARG C 105 0.40 -45.73 3.26
N LYS C 106 -0.33 -46.84 3.13
CA LYS C 106 -0.07 -48.00 3.99
C LYS C 106 1.26 -48.63 3.61
N ASP C 107 2.01 -49.11 4.60
CA ASP C 107 3.29 -49.76 4.32
C ASP C 107 3.07 -50.92 3.36
N ILE C 108 3.89 -50.99 2.33
CA ILE C 108 3.76 -52.04 1.33
C ILE C 108 4.32 -53.34 1.89
N LYS C 109 3.51 -54.38 1.86
CA LYS C 109 3.88 -55.67 2.39
C LYS C 109 3.88 -56.75 1.31
N SER C 110 3.09 -56.56 0.25
CA SER C 110 3.11 -57.51 -0.87
C SER C 110 2.80 -56.89 -2.22
N LYS C 111 3.33 -57.53 -3.26
CA LYS C 111 3.04 -57.23 -4.65
C LYS C 111 2.63 -58.49 -5.36
N THR C 112 1.63 -58.38 -6.23
CA THR C 112 1.40 -59.47 -7.16
C THR C 112 1.01 -58.92 -8.52
N TYR C 113 1.52 -59.56 -9.56
CA TYR C 113 1.08 -59.28 -10.93
C TYR C 113 -0.38 -59.73 -11.12
N SER C 114 -1.01 -59.24 -12.15
CA SER C 114 -2.43 -59.51 -12.37
C SER C 114 -2.65 -59.72 -13.86
N LEU C 115 -2.74 -60.98 -14.27
CA LEU C 115 -3.05 -61.36 -15.64
C LEU C 115 -4.40 -60.81 -16.12
N VAL C 116 -5.38 -60.82 -15.23
CA VAL C 116 -6.74 -60.38 -15.58
C VAL C 116 -6.72 -58.90 -15.92
N LEU C 117 -6.04 -58.09 -15.09
CA LEU C 117 -5.96 -56.65 -15.35
C LEU C 117 -5.23 -56.37 -16.66
N ASP C 118 -4.10 -57.06 -16.88
CA ASP C 118 -3.39 -56.87 -18.15
C ASP C 118 -4.23 -57.26 -19.35
N ASN C 119 -4.92 -58.40 -19.27
CA ASN C 119 -5.76 -58.87 -20.37
C ASN C 119 -6.98 -57.98 -20.63
N CYS C 120 -7.60 -57.51 -19.54
CA CYS C 120 -8.71 -56.58 -19.65
C CYS C 120 -8.24 -55.31 -20.34
N ILE C 121 -7.14 -54.75 -19.87
CA ILE C 121 -6.60 -53.52 -20.46
C ILE C 121 -6.25 -53.68 -21.95
N ASN C 122 -5.58 -54.77 -22.31
CA ASN C 122 -5.30 -55.01 -23.74
C ASN C 122 -6.57 -55.05 -24.59
N LYS C 123 -7.63 -55.66 -24.08
CA LYS C 123 -8.87 -55.73 -24.82
C LYS C 123 -9.48 -54.34 -24.97
N MET C 124 -9.50 -53.58 -23.88
CA MET C 124 -10.06 -52.22 -23.89
C MET C 124 -9.27 -51.31 -24.82
N VAL C 125 -7.95 -51.28 -24.65
CA VAL C 125 -7.09 -50.43 -25.46
C VAL C 125 -7.22 -50.77 -26.96
N ASN C 126 -7.47 -52.04 -27.26
CA ASN C 126 -7.65 -52.52 -28.62
C ASN C 126 -8.79 -51.82 -29.37
N ASN C 127 -9.75 -51.28 -28.61
CA ASN C 127 -10.84 -50.50 -29.17
C ASN C 127 -10.59 -48.99 -29.22
N LEU C 128 -9.37 -48.56 -28.98
CA LEU C 128 -9.05 -47.13 -28.99
C LEU C 128 -8.27 -46.81 -30.24
N SER C 129 -7.90 -45.53 -30.41
CA SER C 129 -7.24 -45.07 -31.64
C SER C 129 -5.86 -45.69 -31.76
N SER C 130 -5.37 -45.80 -33.00
CA SER C 130 -4.07 -46.45 -33.24
C SER C 130 -2.91 -45.64 -32.63
N GLU C 131 -3.15 -44.35 -32.37
CA GLU C 131 -2.21 -43.52 -31.62
C GLU C 131 -2.06 -44.00 -30.18
N VAL C 132 -3.19 -44.26 -29.53
CA VAL C 132 -3.19 -44.77 -28.16
C VAL C 132 -2.57 -46.18 -28.12
N LYS C 133 -2.96 -47.01 -29.10
CA LYS C 133 -2.44 -48.36 -29.17
C LYS C 133 -0.92 -48.40 -29.39
N GLU C 134 -0.41 -47.52 -30.25
CA GLU C 134 1.02 -47.51 -30.57
C GLU C 134 1.85 -46.91 -29.42
N ARG C 135 1.33 -45.89 -28.77
CA ARG C 135 1.95 -45.34 -27.55
C ARG C 135 2.16 -46.43 -26.47
N ARG C 136 1.11 -47.21 -26.21
CA ARG C 136 1.19 -48.33 -25.29
C ARG C 136 2.26 -49.35 -25.69
N ILE C 137 2.35 -49.65 -26.99
CA ILE C 137 3.36 -50.58 -27.49
C ILE C 137 4.77 -50.05 -27.21
N VAL C 138 4.97 -48.75 -27.46
CA VAL C 138 6.25 -48.10 -27.24
C VAL C 138 6.68 -48.14 -25.78
N LEU C 139 5.76 -47.84 -24.86
CA LEU C 139 6.08 -47.88 -23.44
C LEU C 139 6.42 -49.29 -22.97
N ILE C 140 5.63 -50.26 -23.43
CA ILE C 140 5.87 -51.67 -23.09
C ILE C 140 7.31 -52.06 -23.44
N ARG C 141 7.74 -51.73 -24.65
CA ARG C 141 9.10 -52.08 -25.08
C ARG C 141 10.16 -51.22 -24.35
N GLU C 142 9.88 -49.92 -24.21
CA GLU C 142 10.74 -49.00 -23.45
C GLU C 142 11.00 -49.45 -22.01
N ARG C 143 9.97 -49.99 -21.35
CA ARG C 143 10.12 -50.43 -19.97
C ARG C 143 10.74 -51.82 -19.94
N LYS C 144 10.60 -52.53 -21.07
CA LYS C 144 11.26 -53.81 -21.27
C LYS C 144 12.75 -53.64 -21.48
N ALA C 145 13.14 -52.60 -22.23
CA ALA C 145 14.55 -52.29 -22.40
C ALA C 145 15.14 -51.98 -21.03
N LYS C 146 14.37 -51.26 -20.23
CA LYS C 146 14.75 -50.93 -18.87
C LYS C 146 15.02 -52.21 -18.08
N ARG C 147 14.06 -53.13 -18.13
CA ARG C 147 14.25 -54.42 -17.48
C ARG C 147 15.60 -55.02 -17.86
N VAL D 15 -2.86 12.88 33.07
CA VAL D 15 -2.63 12.85 31.63
C VAL D 15 -3.13 14.10 30.92
N LYS D 16 -2.20 14.84 30.32
CA LYS D 16 -2.56 16.02 29.54
C LYS D 16 -2.74 15.68 28.08
N VAL D 17 -3.86 16.11 27.51
CA VAL D 17 -4.09 15.98 26.09
C VAL D 17 -3.39 17.13 25.39
N PRO D 18 -2.53 16.80 24.40
CA PRO D 18 -1.77 17.82 23.65
C PRO D 18 -2.70 18.79 22.93
N ARG D 19 -2.21 20.02 22.76
CA ARG D 19 -2.95 21.08 22.07
C ARG D 19 -3.70 20.62 20.83
N ASN D 20 -2.98 19.99 19.92
CA ASN D 20 -3.55 19.64 18.63
C ASN D 20 -4.71 18.64 18.77
N PHE D 21 -4.58 17.71 19.70
CA PHE D 21 -5.65 16.73 19.85
C PHE D 21 -6.82 17.30 20.63
N ARG D 22 -6.54 18.22 21.55
CA ARG D 22 -7.61 18.93 22.23
C ARG D 22 -8.41 19.75 21.24
N LEU D 23 -7.71 20.42 20.32
CA LEU D 23 -8.40 21.26 19.36
C LEU D 23 -9.22 20.42 18.39
N LEU D 24 -8.72 19.22 18.07
CA LEU D 24 -9.50 18.29 17.26
C LEU D 24 -10.80 17.93 17.95
N GLU D 25 -10.73 17.78 19.27
CA GLU D 25 -11.92 17.49 20.07
C GLU D 25 -12.89 18.67 19.97
N GLU D 26 -12.36 19.87 20.12
CA GLU D 26 -13.21 21.05 20.06
C GLU D 26 -13.80 21.26 18.65
N LEU D 27 -13.07 20.83 17.63
CA LEU D 27 -13.55 20.87 16.26
C LEU D 27 -14.78 19.97 16.10
N GLU D 28 -14.68 18.75 16.61
CA GLU D 28 -15.79 17.80 16.54
C GLU D 28 -16.98 18.29 17.36
N GLU D 29 -16.71 18.84 18.54
CA GLU D 29 -17.78 19.34 19.38
C GLU D 29 -18.48 20.52 18.71
N GLY D 30 -17.71 21.40 18.09
CA GLY D 30 -18.27 22.53 17.36
C GLY D 30 -19.22 22.09 16.27
N GLN D 31 -18.84 21.04 15.55
CA GLN D 31 -19.67 20.54 14.47
C GLN D 31 -20.92 19.86 14.99
N LYS D 32 -20.83 19.23 16.15
CA LYS D 32 -21.99 18.57 16.75
C LYS D 32 -22.92 19.60 17.38
N GLY D 33 -22.37 20.75 17.77
CA GLY D 33 -23.13 21.78 18.44
C GLY D 33 -23.42 21.42 19.88
N VAL D 34 -23.60 22.43 20.73
CA VAL D 34 -23.93 22.18 22.13
C VAL D 34 -25.15 22.97 22.55
N GLY D 35 -25.85 22.45 23.55
CA GLY D 35 -26.98 23.13 24.17
C GLY D 35 -28.01 23.63 23.19
N ASP D 36 -28.41 24.89 23.36
CA ASP D 36 -29.47 25.49 22.57
C ASP D 36 -28.94 26.20 21.33
N GLY D 37 -27.67 26.00 21.03
CA GLY D 37 -27.06 26.60 19.85
C GLY D 37 -26.88 28.11 19.92
N THR D 38 -26.98 28.69 21.12
CA THR D 38 -26.81 30.14 21.25
C THR D 38 -25.35 30.58 21.20
N VAL D 39 -24.42 29.63 21.29
CA VAL D 39 -23.05 29.89 20.89
C VAL D 39 -22.62 28.77 19.96
N SER D 40 -21.69 29.10 19.06
N SER D 40 -21.71 29.10 19.05
CA SER D 40 -21.17 28.13 18.12
CA SER D 40 -21.17 28.11 18.13
C SER D 40 -19.76 28.52 17.73
C SER D 40 -19.75 28.51 17.75
N TRP D 41 -19.00 27.55 17.23
CA TRP D 41 -17.59 27.82 16.88
C TRP D 41 -17.16 26.86 15.80
N GLY D 42 -16.21 27.29 14.99
CA GLY D 42 -15.67 26.44 13.94
C GLY D 42 -14.34 26.99 13.48
N LEU D 43 -13.62 26.21 12.69
CA LEU D 43 -12.36 26.67 12.12
C LEU D 43 -12.59 27.79 11.13
N GLU D 44 -11.76 28.83 11.22
CA GLU D 44 -11.85 29.95 10.29
C GLU D 44 -11.41 29.51 8.90
N ASP D 45 -10.37 28.69 8.86
CA ASP D 45 -9.82 28.18 7.61
C ASP D 45 -9.84 26.65 7.66
N ASP D 46 -10.62 26.04 6.78
CA ASP D 46 -10.83 24.59 6.83
C ASP D 46 -9.61 23.81 6.34
N GLU D 47 -8.53 24.50 6.01
CA GLU D 47 -7.28 23.85 5.62
C GLU D 47 -6.17 24.20 6.60
N ASP D 48 -6.53 24.85 7.70
CA ASP D 48 -5.54 25.25 8.70
C ASP D 48 -5.21 24.07 9.61
N MET D 49 -4.15 23.34 9.28
CA MET D 49 -3.78 22.17 10.05
C MET D 49 -3.28 22.53 11.46
N THR D 50 -2.93 23.80 11.66
CA THR D 50 -2.49 24.23 12.98
C THR D 50 -3.66 24.46 13.92
N LEU D 51 -4.87 24.45 13.36
CA LEU D 51 -6.11 24.61 14.13
C LEU D 51 -6.07 25.86 15.02
N THR D 52 -5.47 26.93 14.52
CA THR D 52 -5.19 28.10 15.33
C THR D 52 -6.31 29.15 15.34
N ARG D 53 -6.84 29.47 14.17
CA ARG D 53 -7.82 30.57 14.08
C ARG D 53 -9.24 30.03 13.98
N TRP D 54 -10.09 30.47 14.91
CA TRP D 54 -11.46 29.99 14.99
C TRP D 54 -12.45 31.13 14.81
N THR D 55 -13.61 30.79 14.26
CA THR D 55 -14.74 31.71 14.23
C THR D 55 -15.65 31.40 15.41
N GLY D 56 -16.00 32.41 16.18
CA GLY D 56 -16.95 32.23 17.25
C GLY D 56 -18.25 32.93 16.90
N MET D 57 -19.36 32.41 17.40
CA MET D 57 -20.66 33.04 17.21
C MET D 57 -21.40 33.08 18.54
N ILE D 58 -21.93 34.24 18.86
CA ILE D 58 -22.79 34.39 20.03
C ILE D 58 -24.11 35.03 19.63
N ILE D 59 -25.21 34.38 19.96
CA ILE D 59 -26.52 35.01 19.82
C ILE D 59 -26.74 35.91 21.02
N GLY D 60 -26.93 37.21 20.77
CA GLY D 60 -27.20 38.14 21.87
C GLY D 60 -28.38 37.67 22.70
N PRO D 61 -28.24 37.69 24.03
CA PRO D 61 -29.29 37.14 24.89
C PRO D 61 -30.54 38.03 24.94
N PRO D 62 -31.71 37.41 25.15
CA PRO D 62 -32.98 38.14 25.20
C PRO D 62 -33.03 39.14 26.34
N ARG D 63 -33.85 40.17 26.19
CA ARG D 63 -34.05 41.18 27.22
C ARG D 63 -32.74 41.87 27.59
N THR D 64 -31.87 42.02 26.59
CA THR D 64 -30.69 42.88 26.70
C THR D 64 -30.61 43.70 25.42
N ASN D 65 -29.77 44.73 25.41
CA ASN D 65 -29.58 45.51 24.20
C ASN D 65 -28.82 44.74 23.13
N TYR D 66 -28.37 43.54 23.47
CA TYR D 66 -27.73 42.67 22.51
C TYR D 66 -28.72 41.74 21.82
N GLU D 67 -29.98 41.78 22.22
CA GLU D 67 -30.92 40.75 21.78
C GLU D 67 -31.15 40.76 20.28
N ASN D 68 -31.40 39.59 19.72
CA ASN D 68 -31.71 39.41 18.31
C ASN D 68 -30.56 39.83 17.40
N ARG D 69 -29.34 39.79 17.92
CA ARG D 69 -28.17 40.09 17.12
C ARG D 69 -27.21 38.94 17.16
N ILE D 70 -26.62 38.63 16.02
CA ILE D 70 -25.60 37.60 15.94
C ILE D 70 -24.23 38.24 15.99
N TYR D 71 -23.43 37.85 16.98
CA TYR D 71 -22.09 38.40 17.09
C TYR D 71 -21.10 37.40 16.59
N SER D 72 -20.23 37.83 15.68
N SER D 72 -20.22 37.83 15.69
CA SER D 72 -19.12 37.00 15.23
CA SER D 72 -19.13 36.98 15.21
C SER D 72 -17.86 37.42 15.94
C SER D 72 -17.83 37.42 15.86
N LEU D 73 -17.00 36.44 16.20
CA LEU D 73 -15.77 36.68 16.93
C LEU D 73 -14.64 35.93 16.25
N LYS D 74 -13.43 36.39 16.50
CA LYS D 74 -12.25 35.61 16.12
C LYS D 74 -11.58 35.12 17.39
N VAL D 75 -11.31 33.81 17.44
CA VAL D 75 -10.69 33.21 18.60
C VAL D 75 -9.39 32.60 18.14
N GLU D 76 -8.28 33.00 18.77
CA GLU D 76 -6.97 32.50 18.37
C GLU D 76 -6.40 31.60 19.45
N CYS D 77 -6.18 30.34 19.10
CA CYS D 77 -5.60 29.37 20.02
C CYS D 77 -4.12 29.21 19.73
N GLY D 78 -3.30 29.82 20.59
CA GLY D 78 -1.87 29.86 20.38
C GLY D 78 -1.20 28.53 20.71
N PRO D 79 0.14 28.50 20.63
CA PRO D 79 0.94 27.29 20.82
C PRO D 79 0.77 26.67 22.21
N LYS D 80 0.44 27.48 23.21
CA LYS D 80 0.33 26.98 24.58
C LYS D 80 -1.12 26.69 25.00
N TYR D 81 -2.06 26.87 24.07
CA TYR D 81 -3.46 26.49 24.33
C TYR D 81 -3.56 24.98 24.48
N PRO D 82 -4.40 24.48 25.41
CA PRO D 82 -5.27 25.19 26.35
C PRO D 82 -4.65 25.42 27.72
N GLU D 83 -3.33 25.24 27.87
CA GLU D 83 -2.68 25.62 29.11
C GLU D 83 -2.80 27.13 29.30
N ALA D 84 -2.78 27.85 28.18
CA ALA D 84 -2.96 29.29 28.18
C ALA D 84 -4.26 29.66 27.48
N PRO D 85 -4.90 30.76 27.92
CA PRO D 85 -6.16 31.17 27.29
C PRO D 85 -6.00 31.56 25.83
N PRO D 86 -7.07 31.43 25.05
CA PRO D 86 -7.01 31.91 23.67
C PRO D 86 -7.13 33.44 23.65
N SER D 87 -6.77 34.06 22.53
CA SER D 87 -7.03 35.48 22.33
C SER D 87 -8.38 35.60 21.67
N VAL D 88 -9.16 36.60 22.06
CA VAL D 88 -10.50 36.75 21.53
C VAL D 88 -10.76 38.18 21.09
N ARG D 89 -11.41 38.35 19.95
CA ARG D 89 -11.85 39.67 19.56
C ARG D 89 -13.21 39.57 18.87
N PHE D 90 -14.06 40.56 19.12
CA PHE D 90 -15.31 40.65 18.38
C PHE D 90 -15.01 41.19 17.01
N VAL D 91 -15.67 40.63 15.99
CA VAL D 91 -15.68 41.23 14.67
C VAL D 91 -16.87 42.17 14.61
N THR D 92 -18.02 41.66 14.98
CA THR D 92 -19.25 42.43 15.12
C THR D 92 -19.07 43.50 16.18
N LYS D 93 -19.39 44.76 15.87
CA LYS D 93 -19.21 45.83 16.86
C LYS D 93 -20.14 45.64 18.04
N ILE D 94 -19.61 45.91 19.22
CA ILE D 94 -20.36 45.69 20.45
C ILE D 94 -19.88 46.69 21.50
N ASN D 95 -20.81 47.20 22.30
CA ASN D 95 -20.44 47.98 23.46
C ASN D 95 -20.64 47.07 24.66
N MET D 96 -19.53 46.71 25.30
CA MET D 96 -19.55 45.74 26.39
C MET D 96 -18.29 45.91 27.23
N ASN D 97 -18.45 45.90 28.55
CA ASN D 97 -17.29 46.04 29.42
C ASN D 97 -16.31 44.92 29.14
N GLY D 98 -15.03 45.27 29.02
CA GLY D 98 -14.01 44.28 28.73
C GLY D 98 -13.67 44.15 27.26
N ILE D 99 -14.49 44.75 26.41
CA ILE D 99 -14.25 44.74 24.97
C ILE D 99 -13.81 46.13 24.53
N ASN D 100 -12.64 46.22 23.92
CA ASN D 100 -12.17 47.49 23.42
C ASN D 100 -13.13 48.04 22.40
N ASN D 101 -13.61 49.26 22.67
CA ASN D 101 -14.67 49.89 21.91
C ASN D 101 -14.31 50.17 20.45
N SER D 102 -13.02 50.33 20.17
CA SER D 102 -12.58 50.68 18.83
C SER D 102 -11.99 49.51 18.04
N SER D 103 -11.57 48.45 18.72
CA SER D 103 -10.89 47.34 18.03
C SER D 103 -11.60 46.00 18.17
N GLY D 104 -12.50 45.91 19.14
CA GLY D 104 -13.20 44.66 19.42
C GLY D 104 -12.40 43.68 20.25
N MET D 105 -11.17 44.04 20.59
CA MET D 105 -10.32 43.11 21.33
C MET D 105 -10.83 42.90 22.74
N VAL D 106 -10.88 41.64 23.14
CA VAL D 106 -11.35 41.28 24.47
C VAL D 106 -10.19 41.35 25.45
N ASP D 107 -10.31 42.25 26.41
CA ASP D 107 -9.29 42.40 27.45
C ASP D 107 -9.36 41.23 28.42
N ALA D 108 -8.38 40.34 28.36
CA ALA D 108 -8.39 39.13 29.18
C ALA D 108 -8.56 39.43 30.67
N ARG D 109 -7.94 40.51 31.13
CA ARG D 109 -7.99 40.83 32.55
C ARG D 109 -9.41 41.22 33.01
N SER D 110 -10.25 41.62 32.06
CA SER D 110 -11.59 42.10 32.38
C SER D 110 -12.66 41.03 32.24
N ILE D 111 -12.27 39.87 31.71
CA ILE D 111 -13.20 38.76 31.53
C ILE D 111 -12.73 37.58 32.37
N PRO D 112 -13.48 37.26 33.43
CA PRO D 112 -13.05 36.30 34.44
C PRO D 112 -12.61 34.95 33.89
N VAL D 113 -13.30 34.42 32.88
CA VAL D 113 -12.91 33.12 32.33
C VAL D 113 -11.51 33.17 31.73
N LEU D 114 -11.13 34.33 31.20
CA LEU D 114 -9.80 34.49 30.63
C LEU D 114 -8.79 34.87 31.70
N ALA D 115 -9.19 35.79 32.59
CA ALA D 115 -8.30 36.24 33.65
C ALA D 115 -7.93 35.09 34.59
N LYS D 116 -8.89 34.20 34.82
CA LYS D 116 -8.69 33.05 35.71
C LYS D 116 -8.74 31.75 34.93
N TRP D 117 -8.12 31.77 33.76
CA TRP D 117 -8.13 30.63 32.85
C TRP D 117 -7.65 29.34 33.51
N GLN D 118 -8.35 28.24 33.20
CA GLN D 118 -7.94 26.90 33.60
C GLN D 118 -7.85 26.06 32.34
N ASN D 119 -6.97 25.05 32.31
CA ASN D 119 -6.79 24.26 31.10
C ASN D 119 -7.96 23.31 30.82
N SER D 120 -8.95 23.32 31.71
CA SER D 120 -10.17 22.56 31.49
C SER D 120 -11.15 23.37 30.64
N TYR D 121 -10.85 24.65 30.44
CA TYR D 121 -11.73 25.50 29.67
C TYR D 121 -11.55 25.25 28.18
N SER D 122 -12.39 25.91 27.40
CA SER D 122 -12.45 25.67 25.96
C SER D 122 -13.01 26.89 25.25
N ILE D 123 -12.97 26.87 23.92
CA ILE D 123 -13.59 27.92 23.13
C ILE D 123 -15.06 28.06 23.51
N LYS D 124 -15.74 26.93 23.65
CA LYS D 124 -17.13 26.89 24.06
C LYS D 124 -17.35 27.68 25.36
N VAL D 125 -16.52 27.39 26.35
CA VAL D 125 -16.64 28.02 27.65
C VAL D 125 -16.43 29.53 27.56
N VAL D 126 -15.46 29.94 26.74
CA VAL D 126 -15.21 31.36 26.57
C VAL D 126 -16.42 32.05 25.96
N LEU D 127 -17.00 31.44 24.93
CA LEU D 127 -18.16 32.05 24.28
C LEU D 127 -19.38 32.08 25.20
N GLN D 128 -19.58 31.02 25.97
CA GLN D 128 -20.70 30.98 26.89
C GLN D 128 -20.55 32.02 27.99
N GLU D 129 -19.31 32.24 28.41
CA GLU D 129 -19.02 33.27 29.42
C GLU D 129 -19.32 34.67 28.89
N LEU D 130 -18.87 34.97 27.67
CA LEU D 130 -19.15 36.27 27.07
C LEU D 130 -20.65 36.48 26.92
N ARG D 131 -21.36 35.45 26.50
CA ARG D 131 -22.81 35.58 26.38
C ARG D 131 -23.45 35.80 27.75
N ARG D 132 -22.94 35.11 28.78
CA ARG D 132 -23.47 35.29 30.13
C ARG D 132 -23.20 36.73 30.59
N LEU D 133 -22.02 37.23 30.30
CA LEU D 133 -21.66 38.59 30.72
C LEU D 133 -22.49 39.64 30.01
N MET D 134 -23.01 39.30 28.83
CA MET D 134 -23.91 40.23 28.13
C MET D 134 -25.19 40.49 28.92
N MET D 135 -25.53 39.56 29.81
CA MET D 135 -26.72 39.70 30.65
C MET D 135 -26.47 40.48 31.93
N SER D 136 -25.20 40.83 32.19
N SER D 136 -25.21 40.83 32.20
CA SER D 136 -24.86 41.56 33.41
CA SER D 136 -24.87 41.56 33.41
C SER D 136 -25.53 42.93 33.44
C SER D 136 -25.54 42.92 33.44
N LYS D 137 -25.78 43.43 34.64
CA LYS D 137 -26.46 44.72 34.81
C LYS D 137 -25.73 45.85 34.09
N GLU D 138 -24.39 45.82 34.12
CA GLU D 138 -23.57 46.89 33.58
C GLU D 138 -23.40 46.80 32.05
N ASN D 139 -23.81 45.68 31.47
CA ASN D 139 -23.72 45.50 30.02
C ASN D 139 -25.06 45.56 29.31
N MET D 140 -26.08 44.93 29.91
CA MET D 140 -27.35 44.71 29.21
C MET D 140 -28.02 46.02 28.81
N LYS D 141 -27.69 47.11 29.48
CA LYS D 141 -28.33 48.40 29.22
C LYS D 141 -27.49 49.32 28.32
N LEU D 142 -26.29 48.88 27.96
CA LEU D 142 -25.44 49.73 27.13
C LEU D 142 -26.05 49.96 25.76
N PRO D 143 -26.10 51.23 25.32
CA PRO D 143 -26.56 51.49 23.97
C PRO D 143 -25.57 50.91 22.97
N GLN D 144 -26.08 50.28 21.93
CA GLN D 144 -25.24 49.56 21.00
C GLN D 144 -25.07 50.32 19.71
N PRO D 145 -23.97 50.07 18.99
CA PRO D 145 -23.82 50.63 17.64
C PRO D 145 -24.86 50.00 16.72
N PRO D 146 -25.06 50.57 15.52
CA PRO D 146 -26.03 49.98 14.59
C PRO D 146 -25.69 48.54 14.25
N GLU D 147 -26.71 47.74 13.98
CA GLU D 147 -26.51 46.33 13.67
C GLU D 147 -25.73 46.20 12.37
N GLY D 148 -24.86 45.21 12.28
CA GLY D 148 -24.14 44.93 11.06
C GLY D 148 -22.76 45.55 10.94
N GLN D 149 -22.42 46.50 11.81
CA GLN D 149 -21.11 47.12 11.76
C GLN D 149 -20.04 46.17 12.27
N THR D 150 -18.85 46.24 11.69
CA THR D 150 -17.72 45.43 12.16
C THR D 150 -16.47 46.28 12.33
N TYR D 151 -15.56 45.82 13.18
CA TYR D 151 -14.27 46.48 13.32
C TYR D 151 -13.38 46.12 12.13
N ASN D 152 -12.28 46.85 11.98
CA ASN D 152 -11.34 46.58 10.90
C ASN D 152 -10.36 45.47 11.27
N GLY E 11 4.36 6.31 38.00
CA GLY E 11 4.42 6.72 36.61
C GLY E 11 3.53 5.92 35.69
N LEU E 12 4.00 5.74 34.46
CA LEU E 12 3.23 5.07 33.42
C LEU E 12 3.04 3.59 33.72
N PRO E 13 1.95 2.99 33.20
CA PRO E 13 1.79 1.54 33.26
C PRO E 13 2.96 0.86 32.58
N ARG E 14 3.31 -0.35 33.04
CA ARG E 14 4.47 -1.06 32.52
C ARG E 14 4.44 -1.16 31.00
N ARG E 15 3.26 -1.39 30.44
CA ARG E 15 3.13 -1.58 29.00
C ARG E 15 3.57 -0.37 28.20
N ILE E 16 3.12 0.80 28.64
CA ILE E 16 3.51 2.04 27.99
C ILE E 16 5.02 2.25 28.08
N ILE E 17 5.59 1.95 29.24
CA ILE E 17 7.03 2.03 29.41
C ILE E 17 7.71 1.05 28.46
N LYS E 18 7.15 -0.15 28.41
CA LYS E 18 7.64 -1.23 27.56
C LYS E 18 7.68 -0.82 26.08
N GLU E 19 6.56 -0.35 25.57
CA GLU E 19 6.45 0.03 24.16
C GLU E 19 7.31 1.25 23.82
N THR E 20 7.26 2.26 24.69
CA THR E 20 8.03 3.48 24.51
C THR E 20 9.51 3.21 24.30
N GLN E 21 10.05 2.27 25.08
CA GLN E 21 11.47 1.95 25.02
C GLN E 21 11.77 0.94 23.94
N ARG E 22 10.75 0.22 23.51
CA ARG E 22 10.91 -0.69 22.39
C ARG E 22 11.02 0.13 21.11
N LEU E 23 10.32 1.26 21.07
CA LEU E 23 10.38 2.16 19.93
C LEU E 23 11.76 2.76 19.77
N LEU E 24 12.38 3.16 20.88
CA LEU E 24 13.72 3.72 20.85
C LEU E 24 14.77 2.65 20.58
N ALA E 25 14.57 1.46 21.14
CA ALA E 25 15.55 0.39 21.00
C ALA E 25 15.36 -0.39 19.70
N GLU E 26 14.12 -0.68 19.35
CA GLU E 26 13.82 -1.45 18.14
C GLU E 26 12.91 -0.68 17.18
N PRO E 27 13.51 0.28 16.45
CA PRO E 27 12.74 1.15 15.55
C PRO E 27 12.13 0.40 14.37
N VAL E 28 10.88 0.72 14.06
CA VAL E 28 10.20 0.20 12.87
C VAL E 28 10.89 0.71 11.60
N PRO E 29 11.16 -0.19 10.64
CA PRO E 29 11.76 0.22 9.36
C PRO E 29 10.94 1.31 8.66
N GLY E 30 11.61 2.39 8.25
CA GLY E 30 10.96 3.46 7.52
C GLY E 30 10.09 4.35 8.39
N ILE E 31 10.17 4.15 9.71
CA ILE E 31 9.37 4.92 10.65
C ILE E 31 10.21 5.37 11.84
N LYS E 32 10.23 6.67 12.09
CA LYS E 32 10.85 7.22 13.29
C LYS E 32 9.76 7.60 14.28
N ALA E 33 10.00 7.36 15.57
CA ALA E 33 9.01 7.70 16.58
C ALA E 33 9.70 8.17 17.86
N GLU E 34 9.59 9.45 18.14
CA GLU E 34 10.26 10.04 19.29
C GLU E 34 9.27 10.62 20.30
N PRO E 35 9.58 10.47 21.59
CA PRO E 35 8.71 11.00 22.64
C PRO E 35 8.75 12.53 22.67
N ASP E 36 7.62 13.12 23.00
CA ASP E 36 7.55 14.56 23.20
C ASP E 36 8.35 14.95 24.43
N GLU E 37 8.85 16.19 24.45
CA GLU E 37 9.72 16.65 25.52
C GLU E 37 8.97 17.03 26.80
N SER E 38 7.64 16.99 26.73
CA SER E 38 6.83 17.41 27.88
C SER E 38 5.76 16.39 28.25
N ASN E 39 5.41 15.54 27.30
CA ASN E 39 4.30 14.61 27.48
C ASN E 39 4.73 13.19 27.14
N ALA E 40 4.80 12.33 28.17
CA ALA E 40 5.32 10.99 28.00
C ALA E 40 4.37 10.08 27.22
N ARG E 41 3.16 10.56 26.95
CA ARG E 41 2.18 9.78 26.20
C ARG E 41 2.04 10.31 24.78
N TYR E 42 2.86 11.30 24.46
CA TYR E 42 2.79 12.02 23.20
C TYR E 42 4.03 11.72 22.36
N PHE E 43 3.82 11.27 21.12
CA PHE E 43 4.94 10.91 20.27
C PHE E 43 4.91 11.61 18.93
N HIS E 44 6.09 12.00 18.47
CA HIS E 44 6.24 12.62 17.17
C HIS E 44 6.81 11.60 16.22
N VAL E 45 6.03 11.26 15.22
CA VAL E 45 6.37 10.18 14.32
C VAL E 45 6.68 10.73 12.93
N VAL E 46 7.68 10.14 12.28
CA VAL E 46 7.94 10.43 10.88
C VAL E 46 7.86 9.13 10.10
N ILE E 47 6.95 9.07 9.13
CA ILE E 47 6.85 7.90 8.28
C ILE E 47 7.41 8.20 6.90
N ALA E 48 8.38 7.38 6.48
CA ALA E 48 8.89 7.45 5.12
C ALA E 48 7.83 6.94 4.14
N GLY E 49 7.69 7.62 3.01
CA GLY E 49 6.78 7.13 1.98
C GLY E 49 7.20 5.75 1.56
N PRO E 50 6.24 4.81 1.49
CA PRO E 50 6.57 3.41 1.18
C PRO E 50 7.13 3.23 -0.23
N GLN E 51 8.03 2.26 -0.39
CA GLN E 51 8.62 1.99 -1.69
C GLN E 51 7.54 1.66 -2.72
N ASP E 52 7.75 2.15 -3.93
CA ASP E 52 6.84 1.93 -5.06
C ASP E 52 5.48 2.59 -4.86
N SER E 53 5.38 3.51 -3.91
CA SER E 53 4.16 4.30 -3.72
C SER E 53 4.37 5.70 -4.29
N PRO E 54 3.28 6.44 -4.56
CA PRO E 54 3.47 7.83 -5.02
C PRO E 54 4.01 8.74 -3.93
N PHE E 55 4.13 8.21 -2.71
CA PHE E 55 4.66 8.96 -1.59
C PHE E 55 6.14 8.64 -1.37
N GLU E 56 6.67 7.73 -2.18
CA GLU E 56 8.06 7.32 -2.04
C GLU E 56 8.98 8.53 -2.17
N GLY E 57 9.92 8.65 -1.27
CA GLY E 57 10.85 9.77 -1.29
C GLY E 57 10.43 10.86 -0.33
N GLY E 58 9.16 10.83 0.05
CA GLY E 58 8.64 11.81 1.00
C GLY E 58 8.77 11.37 2.43
N THR E 59 8.69 12.32 3.36
CA THR E 59 8.63 12.01 4.78
C THR E 59 7.41 12.69 5.37
N PHE E 60 6.66 11.97 6.18
CA PHE E 60 5.36 12.46 6.64
C PHE E 60 5.32 12.50 8.16
N LYS E 61 5.00 13.66 8.70
CA LYS E 61 4.90 13.81 10.13
C LYS E 61 3.57 13.27 10.62
N LEU E 62 3.62 12.52 11.70
CA LEU E 62 2.41 12.08 12.38
C LEU E 62 2.58 12.35 13.84
N GLU E 63 1.46 12.51 14.54
CA GLU E 63 1.54 12.60 15.97
C GLU E 63 0.71 11.49 16.54
N LEU E 64 1.18 10.94 17.66
CA LEU E 64 0.50 9.83 18.30
C LEU E 64 0.34 10.15 19.77
N PHE E 65 -0.85 9.89 20.28
CA PHE E 65 -1.13 10.12 21.69
C PHE E 65 -1.76 8.88 22.31
N LEU E 66 -1.26 8.49 23.49
CA LEU E 66 -1.80 7.37 24.23
C LEU E 66 -2.71 7.89 25.35
N PRO E 67 -4.04 7.75 25.17
CA PRO E 67 -5.04 8.24 26.13
C PRO E 67 -4.91 7.60 27.51
N GLU E 68 -5.60 8.16 28.50
CA GLU E 68 -5.58 7.62 29.86
C GLU E 68 -5.94 6.14 29.88
N GLU E 69 -6.99 5.80 29.16
CA GLU E 69 -7.54 4.45 29.22
C GLU E 69 -6.82 3.48 28.29
N TYR E 70 -5.76 3.94 27.63
CA TYR E 70 -4.91 3.05 26.85
C TYR E 70 -4.34 1.97 27.76
N PRO E 71 -4.36 0.70 27.33
CA PRO E 71 -4.71 0.23 25.98
C PRO E 71 -6.17 -0.17 25.77
N MET E 72 -7.06 0.10 26.73
CA MET E 72 -8.49 -0.17 26.51
C MET E 72 -8.99 0.70 25.37
N ALA E 73 -8.59 1.96 25.38
CA ALA E 73 -8.89 2.89 24.31
C ALA E 73 -7.76 2.88 23.29
N ALA E 74 -8.10 3.11 22.03
CA ALA E 74 -7.13 3.10 20.96
C ALA E 74 -6.20 4.31 21.08
N PRO E 75 -4.98 4.19 20.52
CA PRO E 75 -4.14 5.37 20.45
C PRO E 75 -4.76 6.39 19.52
N LYS E 76 -4.46 7.67 19.71
CA LYS E 76 -4.92 8.70 18.79
C LYS E 76 -3.78 9.02 17.83
N VAL E 77 -4.08 9.05 16.53
CA VAL E 77 -3.06 9.32 15.53
C VAL E 77 -3.61 10.28 14.47
N ARG E 78 -2.74 11.18 14.01
CA ARG E 78 -3.13 12.12 12.96
C ARG E 78 -1.90 12.51 12.15
N PHE E 79 -2.07 12.69 10.84
CA PHE E 79 -1.00 13.24 10.03
C PHE E 79 -0.88 14.73 10.29
N MET E 80 0.35 15.23 10.30
N MET E 80 0.36 15.22 10.31
CA MET E 80 0.59 16.66 10.45
CA MET E 80 0.62 16.64 10.48
C MET E 80 1.22 17.21 9.18
C MET E 80 1.20 17.21 9.18
N THR E 81 1.45 16.32 8.22
CA THR E 81 1.90 16.70 6.90
C THR E 81 0.76 16.51 5.93
N LYS E 82 0.47 17.53 5.13
CA LYS E 82 -0.59 17.44 4.14
CA LYS E 82 -0.58 17.45 4.12
C LYS E 82 -0.29 16.31 3.14
N ILE E 83 -1.29 15.48 2.87
CA ILE E 83 -1.09 14.33 2.01
C ILE E 83 -2.34 14.03 1.20
N TYR E 84 -2.15 13.61 -0.05
CA TYR E 84 -3.24 13.30 -0.94
C TYR E 84 -3.51 11.80 -0.89
N HIS E 85 -4.52 11.43 -0.12
CA HIS E 85 -4.78 10.03 0.14
C HIS E 85 -6.24 9.88 0.50
N PRO E 86 -6.92 8.87 -0.05
CA PRO E 86 -8.36 8.64 0.14
C PRO E 86 -8.76 8.47 1.60
N ASN E 87 -7.82 8.05 2.43
CA ASN E 87 -8.12 7.73 3.82
C ASN E 87 -7.48 8.70 4.81
N VAL E 88 -6.98 9.80 4.29
CA VAL E 88 -6.47 10.88 5.14
C VAL E 88 -7.16 12.17 4.73
N ASP E 89 -7.83 12.84 5.65
CA ASP E 89 -8.58 14.03 5.25
C ASP E 89 -7.72 15.29 5.31
N LYS E 90 -8.36 16.43 5.13
CA LYS E 90 -7.65 17.69 4.98
C LYS E 90 -6.95 18.11 6.27
N LEU E 91 -7.43 17.57 7.39
CA LEU E 91 -6.85 17.89 8.69
C LEU E 91 -5.93 16.79 9.19
N GLY E 92 -5.71 15.78 8.35
CA GLY E 92 -4.75 14.73 8.65
C GLY E 92 -5.36 13.56 9.40
N ARG E 93 -6.67 13.60 9.61
CA ARG E 93 -7.33 12.53 10.34
C ARG E 93 -7.32 11.26 9.50
N ILE E 94 -7.07 10.14 10.16
CA ILE E 94 -6.85 8.88 9.47
C ILE E 94 -8.06 7.97 9.59
N CYS E 95 -8.53 7.50 8.44
CA CYS E 95 -9.60 6.52 8.42
C CYS E 95 -8.98 5.12 8.39
N LEU E 96 -8.91 4.49 9.57
CA LEU E 96 -8.32 3.17 9.71
C LEU E 96 -9.08 2.42 10.79
N ASP E 97 -9.65 1.28 10.45
CA ASP E 97 -10.62 0.63 11.30
C ASP E 97 -10.05 0.10 12.61
N ILE E 98 -8.74 -0.11 12.67
CA ILE E 98 -8.13 -0.56 13.92
C ILE E 98 -7.89 0.61 14.86
N LEU E 99 -8.16 1.83 14.38
CA LEU E 99 -8.10 3.02 15.22
C LEU E 99 -9.45 3.32 15.85
N LYS E 100 -10.46 2.54 15.48
CA LYS E 100 -11.81 2.74 16.00
C LYS E 100 -12.57 1.44 16.19
N ASP E 101 -12.98 0.82 15.09
CA ASP E 101 -13.80 -0.39 15.12
C ASP E 101 -13.03 -1.59 15.67
N LYS E 102 -11.98 -1.98 14.97
CA LYS E 102 -11.26 -3.21 15.29
C LYS E 102 -10.06 -2.99 16.20
N TRP E 103 -10.21 -2.14 17.21
CA TRP E 103 -9.14 -1.95 18.17
C TRP E 103 -9.23 -2.95 19.32
N SER E 104 -8.12 -3.64 19.60
CA SER E 104 -8.02 -4.51 20.75
C SER E 104 -6.66 -4.32 21.43
N PRO E 105 -6.61 -4.41 22.77
CA PRO E 105 -5.41 -4.17 23.57
C PRO E 105 -4.18 -5.02 23.18
N ALA E 106 -4.34 -5.98 22.28
CA ALA E 106 -3.21 -6.82 21.88
C ALA E 106 -2.45 -6.22 20.71
N LEU E 107 -3.06 -5.24 20.05
CA LEU E 107 -2.53 -4.71 18.79
C LEU E 107 -1.18 -4.01 18.91
N GLN E 108 -1.03 -3.13 19.91
CA GLN E 108 0.18 -2.35 20.17
C GLN E 108 0.33 -1.14 19.25
N ILE E 109 1.33 -0.30 19.55
CA ILE E 109 1.55 0.94 18.82
C ILE E 109 2.16 0.70 17.44
N ARG E 110 3.17 -0.16 17.36
CA ARG E 110 3.88 -0.32 16.10
C ARG E 110 3.03 -1.03 15.05
N THR E 111 2.05 -1.80 15.49
CA THR E 111 1.10 -2.41 14.56
C THR E 111 0.33 -1.33 13.84
N VAL E 112 -0.16 -0.37 14.62
CA VAL E 112 -0.86 0.80 14.08
C VAL E 112 0.03 1.55 13.09
N LEU E 113 1.27 1.81 13.47
CA LEU E 113 2.17 2.58 12.61
C LEU E 113 2.47 1.86 11.31
N LEU E 114 2.70 0.55 11.38
CA LEU E 114 2.94 -0.23 10.16
C LEU E 114 1.69 -0.29 9.29
N SER E 115 0.53 -0.39 9.94
CA SER E 115 -0.74 -0.40 9.23
C SER E 115 -0.98 0.93 8.50
N ILE E 116 -0.64 2.04 9.14
CA ILE E 116 -0.74 3.35 8.51
C ILE E 116 0.19 3.42 7.29
N GLN E 117 1.41 2.94 7.47
CA GLN E 117 2.37 2.88 6.38
C GLN E 117 1.83 2.04 5.23
N ALA E 118 1.16 0.95 5.59
CA ALA E 118 0.59 0.03 4.61
C ALA E 118 -0.58 0.67 3.88
N LEU E 119 -1.27 1.57 4.58
CA LEU E 119 -2.38 2.31 3.99
C LEU E 119 -1.85 3.22 2.89
N LEU E 120 -0.68 3.81 3.14
CA LEU E 120 -0.01 4.63 2.11
C LEU E 120 0.38 3.75 0.93
N SER E 121 0.92 2.57 1.22
CA SER E 121 1.35 1.62 0.20
C SER E 121 0.17 1.09 -0.63
N ALA E 122 -0.99 0.98 -0.01
CA ALA E 122 -2.18 0.48 -0.69
C ALA E 122 -3.44 1.19 -0.21
N PRO E 123 -3.76 2.33 -0.84
CA PRO E 123 -4.93 3.15 -0.50
C PRO E 123 -6.27 2.41 -0.63
N ASN E 124 -7.25 2.82 0.14
CA ASN E 124 -8.58 2.23 0.10
C ASN E 124 -9.64 3.26 -0.29
N PRO E 125 -9.74 3.56 -1.60
CA PRO E 125 -10.67 4.55 -2.12
C PRO E 125 -12.11 4.15 -1.88
N ASP E 126 -12.35 2.85 -1.76
CA ASP E 126 -13.72 2.33 -1.68
C ASP E 126 -14.28 2.40 -0.26
N ASP E 127 -13.57 3.07 0.63
CA ASP E 127 -14.01 3.22 2.01
C ASP E 127 -15.24 4.13 2.09
N PRO E 128 -16.26 3.71 2.88
CA PRO E 128 -17.48 4.50 3.06
C PRO E 128 -17.22 5.93 3.52
N LEU E 129 -16.43 6.10 4.57
CA LEU E 129 -16.14 7.42 5.12
C LEU E 129 -14.87 8.02 4.51
N ALA E 130 -14.66 7.76 3.22
CA ALA E 130 -13.48 8.28 2.55
C ALA E 130 -13.66 9.72 2.10
N ASN E 131 -12.54 10.38 1.82
CA ASN E 131 -12.48 11.80 1.50
C ASN E 131 -13.47 12.32 0.45
N ASP E 132 -12.93 12.46 -0.76
CA ASP E 132 -13.55 13.13 -1.88
C ASP E 132 -12.44 13.01 -2.90
N VAL E 133 -11.24 12.88 -2.33
CA VAL E 133 -10.06 12.41 -3.02
C VAL E 133 -10.32 10.99 -3.51
N ALA E 134 -11.06 10.23 -2.69
CA ALA E 134 -11.45 8.86 -3.03
C ALA E 134 -12.11 8.78 -4.39
N GLU E 135 -13.06 9.69 -4.64
CA GLU E 135 -13.79 9.70 -5.90
C GLU E 135 -12.86 9.86 -7.10
N GLN E 136 -11.87 10.74 -6.96
CA GLN E 136 -10.87 10.89 -8.00
C GLN E 136 -10.05 9.60 -8.12
N TRP E 137 -9.77 8.98 -6.98
CA TRP E 137 -8.97 7.76 -6.96
C TRP E 137 -9.70 6.60 -7.62
N LYS E 138 -11.02 6.60 -7.50
CA LYS E 138 -11.86 5.56 -8.08
C LYS E 138 -11.98 5.69 -9.60
N THR E 139 -12.29 6.90 -10.04
CA THR E 139 -12.64 7.15 -11.44
C THR E 139 -11.41 7.40 -12.30
N ASN E 140 -10.44 8.12 -11.74
CA ASN E 140 -9.21 8.43 -12.45
C ASN E 140 -8.00 8.14 -11.59
N GLU E 141 -7.75 6.85 -11.35
CA GLU E 141 -6.67 6.45 -10.45
C GLU E 141 -5.32 6.98 -10.89
N ALA E 142 -5.06 6.98 -12.19
CA ALA E 142 -3.78 7.44 -12.72
C ALA E 142 -3.54 8.90 -12.36
N GLN E 143 -4.57 9.72 -12.51
CA GLN E 143 -4.43 11.15 -12.19
C GLN E 143 -4.26 11.34 -10.68
N ALA E 144 -5.02 10.57 -9.89
CA ALA E 144 -4.94 10.68 -8.44
C ALA E 144 -3.54 10.33 -7.94
N ILE E 145 -2.96 9.29 -8.52
CA ILE E 145 -1.60 8.88 -8.14
C ILE E 145 -0.58 9.95 -8.50
N GLU E 146 -0.76 10.62 -9.63
CA GLU E 146 0.16 11.70 -9.98
C GLU E 146 -0.03 12.89 -9.04
N THR E 147 -1.27 13.15 -8.64
CA THR E 147 -1.54 14.24 -7.70
C THR E 147 -0.96 13.91 -6.31
N ALA E 148 -1.07 12.66 -5.90
CA ALA E 148 -0.42 12.21 -4.68
C ALA E 148 1.07 12.47 -4.73
N ARG E 149 1.68 12.19 -5.89
CA ARG E 149 3.11 12.43 -6.08
C ARG E 149 3.36 13.94 -6.08
N ALA E 150 2.47 14.69 -6.71
CA ALA E 150 2.57 16.14 -6.71
C ALA E 150 2.58 16.69 -5.29
N TRP E 151 1.63 16.25 -4.48
CA TRP E 151 1.56 16.73 -3.09
C TRP E 151 2.76 16.30 -2.27
N THR E 152 3.30 15.13 -2.59
CA THR E 152 4.51 14.67 -1.92
C THR E 152 5.65 15.63 -2.22
N ARG E 153 5.80 16.02 -3.48
CA ARG E 153 6.81 16.99 -3.86
C ARG E 153 6.62 18.31 -3.11
N LEU E 154 5.36 18.72 -2.99
CA LEU E 154 5.03 20.04 -2.46
C LEU E 154 5.16 20.12 -0.95
N TYR E 155 4.77 19.05 -0.25
CA TYR E 155 4.63 19.13 1.20
C TYR E 155 5.51 18.18 2.00
N ALA E 156 5.99 17.11 1.37
CA ALA E 156 6.67 16.07 2.16
C ALA E 156 8.14 15.90 1.82
N MET E 157 8.76 16.90 1.19
CA MET E 157 10.17 16.75 0.83
C MET E 157 11.08 17.59 1.72
N ASN E 158 10.49 18.26 2.70
CA ASN E 158 11.25 19.05 3.67
C ASN E 158 10.77 18.82 5.09
N GLN F 9 78.20 -26.53 68.76
CA GLN F 9 77.64 -27.63 68.00
C GLN F 9 76.18 -27.87 68.35
N GLU F 10 75.88 -27.79 69.63
CA GLU F 10 74.51 -27.95 70.11
C GLU F 10 73.60 -26.85 69.58
N HIS F 11 74.12 -25.64 69.54
CA HIS F 11 73.40 -24.50 69.00
C HIS F 11 73.10 -24.67 67.51
N TRP F 12 74.08 -25.19 66.80
CA TRP F 12 73.92 -25.46 65.38
C TRP F 12 72.85 -26.50 65.11
N ALA F 13 72.82 -27.53 65.94
CA ALA F 13 71.81 -28.57 65.85
C ALA F 13 70.41 -28.02 66.12
N LEU F 14 70.31 -27.13 67.09
CA LEU F 14 69.05 -26.48 67.41
C LEU F 14 68.56 -25.61 66.27
N MET F 15 69.48 -24.92 65.62
CA MET F 15 69.17 -24.09 64.47
C MET F 15 68.66 -24.91 63.31
N GLU F 16 69.27 -26.06 63.09
CA GLU F 16 68.84 -26.98 62.06
C GLU F 16 67.44 -27.50 62.30
N GLU F 17 67.14 -27.80 63.56
CA GLU F 17 65.82 -28.24 63.95
C GLU F 17 64.77 -27.17 63.72
N LEU F 18 65.14 -25.94 64.02
CA LEU F 18 64.26 -24.80 63.80
C LEU F 18 63.97 -24.59 62.33
N ASN F 19 64.98 -24.77 61.51
CA ASN F 19 64.83 -24.66 60.07
C ASN F 19 63.89 -25.72 59.51
N ARG F 20 64.01 -26.92 60.03
CA ARG F 20 63.13 -28.02 59.65
C ARG F 20 61.69 -27.74 60.02
N SER F 21 61.49 -27.17 61.21
CA SER F 21 60.17 -26.78 61.67
C SER F 21 59.55 -25.71 60.79
N LYS F 22 60.37 -24.76 60.38
CA LYS F 22 59.93 -23.70 59.49
C LYS F 22 59.51 -24.23 58.14
N LYS F 23 60.26 -25.19 57.64
CA LYS F 23 59.93 -25.84 56.38
C LYS F 23 58.61 -26.58 56.45
N ASP F 24 58.37 -27.25 57.56
CA ASP F 24 57.12 -27.94 57.81
C ASP F 24 55.94 -26.99 57.86
N PHE F 25 56.15 -25.84 58.49
CA PHE F 25 55.14 -24.81 58.58
C PHE F 25 54.79 -24.25 57.21
N GLU F 26 55.80 -24.07 56.39
CA GLU F 26 55.63 -23.58 55.03
C GLU F 26 54.81 -24.56 54.19
N ALA F 27 55.09 -25.84 54.36
CA ALA F 27 54.35 -26.89 53.69
C ALA F 27 52.89 -26.92 54.09
N ILE F 28 52.64 -26.71 55.38
CA ILE F 28 51.29 -26.64 55.90
C ILE F 28 50.53 -25.45 55.35
N ILE F 29 51.22 -24.33 55.22
CA ILE F 29 50.63 -23.13 54.66
C ILE F 29 50.25 -23.32 53.20
N GLN F 30 51.10 -24.01 52.47
CA GLN F 30 50.84 -24.32 51.07
C GLN F 30 49.62 -25.21 50.92
N ALA F 31 49.49 -26.18 51.80
CA ALA F 31 48.34 -27.07 51.82
C ALA F 31 47.05 -26.33 52.11
N LYS F 32 47.14 -25.37 53.05
CA LYS F 32 46.00 -24.54 53.39
C LYS F 32 45.56 -23.68 52.22
N ASN F 33 46.53 -23.15 51.50
CA ASN F 33 46.27 -22.34 50.33
C ASN F 33 45.56 -23.15 49.24
N LYS F 34 46.00 -24.38 49.06
CA LYS F 34 45.38 -25.28 48.11
C LYS F 34 43.94 -25.61 48.46
N GLU F 35 43.70 -25.80 49.75
CA GLU F 35 42.36 -26.04 50.26
C GLU F 35 41.44 -24.85 50.03
N LEU F 36 41.99 -23.66 50.23
CA LEU F 36 41.24 -22.43 50.00
C LEU F 36 40.87 -22.27 48.54
N GLU F 37 41.78 -22.61 47.66
CA GLU F 37 41.54 -22.57 46.24
C GLU F 37 40.44 -23.52 45.82
N GLN F 38 40.44 -24.71 46.41
CA GLN F 38 39.42 -25.71 46.16
C GLN F 38 38.04 -25.24 46.63
N THR F 39 38.02 -24.58 47.78
CA THR F 39 36.81 -24.02 48.32
C THR F 39 36.23 -22.93 47.43
N LYS F 40 37.12 -22.11 46.89
CA LYS F 40 36.73 -21.05 45.97
C LYS F 40 36.13 -21.61 44.69
N GLU F 41 36.71 -22.68 44.19
CA GLU F 41 36.20 -23.36 43.02
C GLU F 41 34.82 -23.94 43.25
N GLU F 42 34.62 -24.50 44.44
CA GLU F 42 33.33 -25.05 44.83
C GLU F 42 32.27 -23.96 44.92
N LYS F 43 32.66 -22.82 45.46
CA LYS F 43 31.77 -21.68 45.56
C LYS F 43 31.34 -21.17 44.19
N GLU F 44 32.28 -21.15 43.27
CA GLU F 44 32.00 -20.74 41.90
C GLU F 44 31.03 -21.68 41.22
N LYS F 45 31.19 -22.97 41.46
CA LYS F 45 30.29 -23.98 40.94
C LYS F 45 28.88 -23.83 41.49
N MET F 46 28.80 -23.52 42.77
CA MET F 46 27.53 -23.28 43.43
C MET F 46 26.81 -22.06 42.86
N GLN F 47 27.58 -21.03 42.58
CA GLN F 47 27.04 -19.82 41.98
C GLN F 47 26.49 -20.08 40.59
N ALA F 48 27.19 -20.89 39.83
CA ALA F 48 26.75 -21.28 38.50
C ALA F 48 25.46 -22.07 38.54
N GLN F 49 25.35 -22.96 39.52
CA GLN F 49 24.14 -23.75 39.74
C GLN F 49 22.95 -22.87 40.10
N LYS F 50 23.21 -21.87 40.93
CA LYS F 50 22.19 -20.92 41.34
C LYS F 50 21.82 -20.02 40.16
N GLU F 51 22.81 -19.68 39.35
CA GLU F 51 22.58 -18.84 38.18
C GLU F 51 21.69 -19.58 37.18
N GLU F 52 21.95 -20.85 36.98
CA GLU F 52 21.14 -21.68 36.09
C GLU F 52 19.70 -21.75 36.60
N VAL F 53 19.55 -21.86 37.91
CA VAL F 53 18.23 -21.90 38.53
C VAL F 53 17.50 -20.59 38.27
N LEU F 54 18.21 -19.48 38.44
CA LEU F 54 17.63 -18.17 38.19
C LEU F 54 17.18 -18.06 36.74
N SER F 55 17.99 -18.60 35.83
CA SER F 55 17.66 -18.60 34.41
C SER F 55 16.37 -19.37 34.17
N HIS F 56 16.29 -20.57 34.76
CA HIS F 56 15.09 -21.39 34.64
C HIS F 56 13.88 -20.63 35.15
N MET F 57 14.05 -19.89 36.23
CA MET F 57 12.98 -19.09 36.80
C MET F 57 12.67 -17.90 35.89
N ASN F 58 13.62 -17.22 35.29
CA ASN F 58 13.21 -16.07 34.49
C ASN F 58 12.57 -16.54 33.18
N ASP F 59 12.65 -17.88 32.96
CA ASP F 59 12.02 -18.50 31.78
C ASP F 59 10.47 -18.40 31.65
N VAL F 60 9.76 -18.70 32.72
CA VAL F 60 8.29 -18.72 32.73
C VAL F 60 7.75 -17.33 32.94
N LEU F 61 8.52 -16.54 33.64
CA LEU F 61 8.00 -15.24 33.89
C LEU F 61 7.62 -14.59 32.58
N GLU F 62 8.59 -13.91 32.03
CA GLU F 62 8.38 -12.94 30.98
C GLU F 62 7.58 -13.41 29.78
N ASN F 63 7.77 -14.65 29.34
CA ASN F 63 7.16 -15.03 28.10
C ASN F 63 5.78 -15.62 28.23
N GLU F 64 5.36 -15.97 29.44
CA GLU F 64 4.17 -16.80 29.51
C GLU F 64 3.25 -16.49 30.64
N LEU F 65 3.75 -15.79 31.61
CA LEU F 65 2.89 -15.51 32.71
C LEU F 65 2.24 -14.19 32.55
N GLN F 66 2.51 -13.53 31.44
CA GLN F 66 2.12 -12.12 31.43
C GLN F 66 0.79 -11.94 30.71
N CYS F 67 -0.10 -11.20 31.33
CA CYS F 67 -1.30 -10.68 30.70
C CYS F 67 -0.97 -9.80 29.51
N ILE F 68 -1.56 -10.11 28.36
CA ILE F 68 -1.29 -9.33 27.16
C ILE F 68 -1.81 -7.88 27.24
N ILE F 69 -2.78 -7.63 28.10
CA ILE F 69 -3.36 -6.28 28.19
C ILE F 69 -2.44 -5.33 28.97
N CYS F 70 -1.94 -5.79 30.13
CA CYS F 70 -1.17 -4.91 31.01
C CYS F 70 0.32 -5.22 31.02
N SER F 71 0.71 -6.37 30.46
CA SER F 71 2.11 -6.82 30.43
C SER F 71 2.70 -7.15 31.81
N GLU F 72 1.85 -7.31 32.83
CA GLU F 72 2.31 -7.72 34.14
C GLU F 72 2.06 -9.21 34.28
N TYR F 73 2.75 -9.87 35.19
CA TYR F 73 2.37 -11.26 35.52
C TYR F 73 0.90 -11.26 35.96
N PHE F 74 0.14 -12.26 35.53
CA PHE F 74 -1.30 -12.29 35.80
C PHE F 74 -1.60 -12.05 37.27
N ILE F 75 -2.54 -11.15 37.53
CA ILE F 75 -3.06 -10.90 38.88
C ILE F 75 -4.50 -11.40 38.87
N GLU F 76 -4.78 -12.44 39.67
CA GLU F 76 -6.08 -13.15 39.63
C GLU F 76 -6.44 -13.61 38.23
N ALA F 77 -5.64 -14.54 37.72
CA ALA F 77 -5.77 -15.06 36.40
C ALA F 77 -7.19 -15.63 36.16
N VAL F 78 -7.77 -15.30 35.02
CA VAL F 78 -9.06 -15.87 34.61
C VAL F 78 -8.89 -16.40 33.20
N THR F 79 -9.56 -17.51 32.92
CA THR F 79 -9.49 -18.15 31.64
C THR F 79 -10.87 -18.13 30.98
N LEU F 80 -10.90 -17.67 29.74
CA LEU F 80 -12.13 -17.58 28.97
C LEU F 80 -12.45 -18.92 28.32
N ASN F 81 -13.68 -19.02 27.79
CA ASN F 81 -14.12 -20.22 27.07
C ASN F 81 -13.21 -20.55 25.88
N CYS F 82 -12.56 -19.53 25.33
CA CYS F 82 -11.68 -19.70 24.15
C CYS F 82 -10.26 -20.12 24.55
N ALA F 83 -10.04 -20.31 25.85
CA ALA F 83 -8.81 -20.88 26.41
C ALA F 83 -7.73 -19.84 26.62
N HIS F 84 -8.03 -18.57 26.36
CA HIS F 84 -7.10 -17.49 26.64
C HIS F 84 -7.30 -16.96 28.06
N SER F 85 -6.22 -16.49 28.67
CA SER F 85 -6.25 -15.98 30.04
C SER F 85 -5.84 -14.50 30.14
N PHE F 86 -6.39 -13.82 31.14
CA PHE F 86 -6.14 -12.41 31.39
C PHE F 86 -6.23 -12.19 32.89
N CYS F 87 -5.70 -11.06 33.36
CA CYS F 87 -5.97 -10.62 34.73
C CYS F 87 -7.46 -10.40 34.87
N SER F 88 -7.98 -10.63 36.06
CA SER F 88 -9.39 -10.44 36.30
C SER F 88 -9.72 -8.95 36.06
N TYR F 89 -8.89 -8.06 36.57
CA TYR F 89 -9.12 -6.64 36.43
C TYR F 89 -9.15 -6.21 34.98
N CYS F 90 -8.18 -6.68 34.23
CA CYS F 90 -8.02 -6.27 32.83
C CYS F 90 -9.17 -6.73 31.95
N ILE F 91 -9.54 -8.00 32.07
CA ILE F 91 -10.68 -8.48 31.28
C ILE F 91 -11.98 -7.83 31.74
N ASN F 92 -12.13 -7.59 33.05
CA ASN F 92 -13.36 -6.94 33.51
C ASN F 92 -13.50 -5.51 32.96
N GLU F 93 -12.38 -4.78 32.85
CA GLU F 93 -12.37 -3.45 32.21
C GLU F 93 -12.66 -3.54 30.71
N TRP F 94 -12.00 -4.48 30.03
CA TRP F 94 -12.23 -4.72 28.61
C TRP F 94 -13.73 -4.95 28.30
N MET F 95 -14.36 -5.78 29.13
CA MET F 95 -15.75 -6.18 28.92
C MET F 95 -16.78 -5.08 29.16
N LYS F 96 -16.32 -3.97 29.71
CA LYS F 96 -17.16 -2.76 29.78
C LYS F 96 -17.35 -2.14 28.38
N ARG F 97 -16.52 -2.53 27.42
CA ARG F 97 -16.61 -2.04 26.06
C ARG F 97 -16.89 -3.12 25.01
N LYS F 98 -16.30 -4.30 25.18
CA LYS F 98 -16.47 -5.38 24.20
C LYS F 98 -16.63 -6.73 24.90
N ILE F 99 -17.61 -7.52 24.49
CA ILE F 99 -17.81 -8.86 25.09
C ILE F 99 -17.16 -9.88 24.14
N GLU F 100 -15.87 -9.68 23.91
CA GLU F 100 -15.09 -10.55 23.03
C GLU F 100 -13.66 -10.65 23.50
N CYS F 101 -13.05 -11.79 23.23
CA CYS F 101 -11.68 -11.99 23.63
C CYS F 101 -10.76 -10.98 22.95
N PRO F 102 -9.94 -10.28 23.74
CA PRO F 102 -8.96 -9.36 23.17
C PRO F 102 -8.00 -10.06 22.20
N ILE F 103 -7.71 -11.34 22.43
CA ILE F 103 -6.78 -12.07 21.57
C ILE F 103 -7.43 -12.63 20.32
N CYS F 104 -8.47 -13.48 20.47
CA CYS F 104 -9.05 -14.13 19.31
C CYS F 104 -10.39 -13.54 18.84
N ARG F 105 -10.94 -12.62 19.61
CA ARG F 105 -12.18 -11.92 19.26
C ARG F 105 -13.42 -12.80 19.22
N LYS F 106 -13.32 -14.02 19.74
CA LYS F 106 -14.47 -14.84 19.96
C LYS F 106 -15.36 -14.26 21.08
N ASP F 107 -16.68 -14.39 20.91
CA ASP F 107 -17.65 -14.00 21.93
C ASP F 107 -17.31 -14.65 23.29
N ILE F 108 -17.31 -13.88 24.37
CA ILE F 108 -17.04 -14.45 25.68
C ILE F 108 -18.30 -15.09 26.28
N LYS F 109 -18.19 -16.39 26.52
CA LYS F 109 -19.25 -17.21 27.04
C LYS F 109 -19.04 -17.61 28.49
N SER F 110 -17.80 -17.63 28.98
CA SER F 110 -17.52 -18.01 30.35
C SER F 110 -16.19 -17.41 30.78
N LYS F 111 -16.02 -17.19 32.09
CA LYS F 111 -14.81 -16.61 32.66
C LYS F 111 -14.56 -17.38 33.95
N THR F 112 -13.39 -18.01 34.02
CA THR F 112 -13.12 -18.92 35.11
C THR F 112 -11.81 -18.60 35.79
N TYR F 113 -11.86 -18.43 37.10
CA TYR F 113 -10.60 -18.19 37.87
C TYR F 113 -9.69 -19.42 37.80
N SER F 114 -8.39 -19.22 37.76
CA SER F 114 -7.47 -20.33 37.68
C SER F 114 -6.49 -20.35 38.85
N LEU F 115 -6.75 -21.23 39.80
CA LEU F 115 -5.90 -21.35 40.99
C LEU F 115 -4.49 -21.77 40.65
N VAL F 116 -4.33 -22.68 39.69
CA VAL F 116 -2.99 -23.18 39.33
C VAL F 116 -2.11 -22.04 38.78
N LEU F 117 -2.65 -21.23 37.89
CA LEU F 117 -1.91 -20.07 37.37
C LEU F 117 -1.49 -19.10 38.48
N ASP F 118 -2.43 -18.78 39.35
CA ASP F 118 -2.18 -17.86 40.46
C ASP F 118 -1.12 -18.41 41.42
N ASN F 119 -1.26 -19.66 41.83
CA ASN F 119 -0.27 -20.27 42.74
C ASN F 119 1.11 -20.38 42.13
N CYS F 120 1.20 -20.73 40.85
CA CYS F 120 2.49 -20.81 40.15
C CYS F 120 3.17 -19.45 40.08
N ILE F 121 2.41 -18.43 39.70
CA ILE F 121 2.94 -17.07 39.67
C ILE F 121 3.40 -16.62 41.06
N ASN F 122 2.53 -16.76 42.05
CA ASN F 122 2.88 -16.37 43.43
C ASN F 122 4.13 -17.05 43.97
N LYS F 123 4.23 -18.36 43.73
CA LYS F 123 5.39 -19.11 44.18
C LYS F 123 6.72 -18.76 43.50
N MET F 124 6.68 -18.43 42.22
CA MET F 124 7.87 -18.09 41.46
C MET F 124 8.32 -16.68 41.76
N VAL F 125 7.35 -15.76 41.80
CA VAL F 125 7.66 -14.36 42.08
C VAL F 125 8.26 -14.20 43.47
N ASN F 126 7.88 -15.07 44.41
CA ASN F 126 8.42 -15.02 45.75
C ASN F 126 9.95 -15.20 45.80
N ASN F 127 10.54 -15.72 44.72
CA ASN F 127 12.00 -15.92 44.66
C ASN F 127 12.79 -14.79 44.01
N LEU F 128 12.09 -13.80 43.47
CA LEU F 128 12.72 -12.72 42.71
C LEU F 128 13.03 -11.55 43.62
N SER F 129 13.51 -10.45 43.05
CA SER F 129 14.02 -9.34 43.87
C SER F 129 12.90 -8.67 44.66
N SER F 130 13.28 -7.93 45.68
CA SER F 130 12.35 -7.14 46.48
C SER F 130 11.59 -6.18 45.59
N GLU F 131 12.30 -5.56 44.64
CA GLU F 131 11.70 -4.62 43.70
C GLU F 131 10.54 -5.25 42.91
N VAL F 132 10.74 -6.47 42.42
CA VAL F 132 9.72 -7.17 41.64
C VAL F 132 8.52 -7.57 42.52
N LYS F 133 8.81 -8.08 43.70
CA LYS F 133 7.78 -8.54 44.64
C LYS F 133 6.93 -7.36 45.08
N GLU F 134 7.59 -6.26 45.40
CA GLU F 134 6.90 -5.04 45.83
C GLU F 134 6.00 -4.41 44.76
N ARG F 135 6.48 -4.35 43.52
CA ARG F 135 5.65 -3.88 42.40
C ARG F 135 4.33 -4.65 42.30
N ARG F 136 4.43 -5.98 42.36
CA ARG F 136 3.26 -6.81 42.34
C ARG F 136 2.31 -6.48 43.50
N ILE F 137 2.84 -6.36 44.71
CA ILE F 137 2.00 -6.01 45.85
C ILE F 137 1.32 -4.65 45.63
N VAL F 138 2.04 -3.67 45.08
CA VAL F 138 1.45 -2.36 44.81
C VAL F 138 0.34 -2.49 43.79
N LEU F 139 0.60 -3.23 42.72
CA LEU F 139 -0.40 -3.37 41.65
C LEU F 139 -1.65 -4.02 42.15
N ILE F 140 -1.50 -4.99 43.04
CA ILE F 140 -2.67 -5.69 43.59
C ILE F 140 -3.49 -4.71 44.42
N ARG F 141 -2.79 -3.91 45.21
CA ARG F 141 -3.43 -2.90 46.06
C ARG F 141 -4.13 -1.84 45.22
N GLU F 142 -3.47 -1.38 44.16
CA GLU F 142 -4.05 -0.38 43.26
C GLU F 142 -5.32 -0.93 42.62
N ARG F 143 -5.24 -2.13 42.07
CA ARG F 143 -6.39 -2.77 41.45
C ARG F 143 -7.50 -2.96 42.48
N LYS F 144 -7.12 -3.26 43.71
CA LYS F 144 -8.08 -3.44 44.79
C LYS F 144 -8.83 -2.15 45.06
N ALA F 145 -8.10 -1.04 45.07
CA ALA F 145 -8.70 0.28 45.31
C ALA F 145 -9.70 0.53 44.19
N LYS F 146 -9.30 0.17 42.97
CA LYS F 146 -10.17 0.30 41.81
C LYS F 146 -11.47 -0.47 42.05
N ARG F 147 -11.34 -1.74 42.44
CA ARG F 147 -12.52 -2.52 42.77
C ARG F 147 -13.44 -1.74 43.70
N PRO G 6 82.15 -15.07 70.21
CA PRO G 6 81.37 -14.13 69.39
C PRO G 6 80.45 -14.87 68.41
N GLU G 7 80.93 -15.98 67.86
CA GLU G 7 80.12 -16.86 67.05
C GLU G 7 79.07 -17.51 67.91
N PHE G 8 79.30 -17.45 69.22
CA PHE G 8 78.34 -17.85 70.23
C PHE G 8 77.05 -17.03 70.11
N GLN G 9 77.20 -15.75 70.42
CA GLN G 9 76.09 -14.79 70.38
C GLN G 9 75.52 -14.68 68.97
N GLU G 10 76.37 -14.94 67.97
CA GLU G 10 75.91 -14.99 66.60
C GLU G 10 74.93 -16.15 66.40
N HIS G 11 75.30 -17.34 66.87
CA HIS G 11 74.43 -18.48 66.67
C HIS G 11 73.12 -18.32 67.42
N TRP G 12 73.20 -17.79 68.63
CA TRP G 12 72.03 -17.53 69.44
C TRP G 12 71.12 -16.50 68.80
N ALA G 13 71.72 -15.47 68.23
CA ALA G 13 70.99 -14.44 67.52
C ALA G 13 70.27 -15.00 66.29
N LEU G 14 70.95 -15.88 65.58
CA LEU G 14 70.37 -16.55 64.43
C LEU G 14 69.19 -17.42 64.81
N MET G 15 69.32 -18.11 65.93
CA MET G 15 68.25 -18.94 66.45
C MET G 15 67.03 -18.13 66.82
N GLU G 16 67.26 -16.97 67.42
CA GLU G 16 66.19 -16.06 67.78
C GLU G 16 65.44 -15.55 66.55
N GLU G 17 66.19 -15.24 65.51
CA GLU G 17 65.62 -14.81 64.25
C GLU G 17 64.77 -15.90 63.60
N LEU G 18 65.25 -17.12 63.69
CA LEU G 18 64.52 -18.26 63.17
C LEU G 18 63.22 -18.48 63.92
N ASN G 19 63.26 -18.31 65.22
CA ASN G 19 62.07 -18.42 66.05
C ASN G 19 61.03 -17.37 65.71
N ARG G 20 61.49 -16.16 65.45
CA ARG G 20 60.62 -15.07 65.04
C ARG G 20 59.96 -15.35 63.70
N SER G 21 60.72 -15.93 62.78
CA SER G 21 60.21 -16.31 61.48
C SER G 21 59.15 -17.40 61.58
N LYS G 22 59.39 -18.35 62.48
CA LYS G 22 58.45 -19.42 62.73
C LYS G 22 57.14 -18.89 63.30
N LYS G 23 57.24 -17.92 64.19
CA LYS G 23 56.06 -17.29 64.76
C LYS G 23 55.25 -16.55 63.72
N ASP G 24 55.93 -15.88 62.80
CA ASP G 24 55.28 -15.19 61.70
C ASP G 24 54.56 -16.15 60.77
N PHE G 25 55.19 -17.29 60.52
CA PHE G 25 54.60 -18.34 59.71
C PHE G 25 53.34 -18.91 60.34
N GLU G 26 53.38 -19.08 61.65
CA GLU G 26 52.24 -19.58 62.40
C GLU G 26 51.07 -18.61 62.33
N ALA G 27 51.37 -17.32 62.42
CA ALA G 27 50.36 -16.28 62.31
C ALA G 27 49.71 -16.27 60.94
N ILE G 28 50.53 -16.46 59.90
CA ILE G 28 50.04 -16.55 58.54
C ILE G 28 49.13 -17.74 58.33
N ILE G 29 49.50 -18.87 58.94
CA ILE G 29 48.70 -20.07 58.87
C ILE G 29 47.34 -19.88 59.53
N GLN G 30 47.34 -19.20 60.66
CA GLN G 30 46.12 -18.88 61.37
C GLN G 30 45.19 -18.00 60.55
N ALA G 31 45.77 -17.02 59.86
CA ALA G 31 45.02 -16.15 58.98
C ALA G 31 44.41 -16.91 57.81
N LYS G 32 45.16 -17.85 57.28
CA LYS G 32 44.69 -18.69 56.20
C LYS G 32 43.53 -19.57 56.64
N ASN G 33 43.62 -20.09 57.84
CA ASN G 33 42.56 -20.90 58.41
C ASN G 33 41.28 -20.10 58.59
N LYS G 34 41.41 -18.87 59.03
CA LYS G 34 40.29 -17.97 59.20
C LYS G 34 39.61 -17.66 57.87
N GLU G 35 40.43 -17.47 56.83
CA GLU G 35 39.93 -17.23 55.50
C GLU G 35 39.17 -18.43 54.95
N LEU G 36 39.68 -19.61 55.23
CA LEU G 36 39.04 -20.85 54.83
C LEU G 36 37.68 -21.01 55.50
N GLU G 37 37.62 -20.67 56.77
CA GLU G 37 36.38 -20.72 57.52
C GLU G 37 35.33 -19.77 56.96
N GLN G 38 35.78 -18.58 56.57
CA GLN G 38 34.91 -17.60 55.95
C GLN G 38 34.37 -18.08 54.61
N THR G 39 35.23 -18.73 53.84
CA THR G 39 34.84 -19.30 52.57
C THR G 39 33.80 -20.40 52.73
N LYS G 40 33.98 -21.21 53.75
CA LYS G 40 33.04 -22.27 54.07
C LYS G 40 31.67 -21.73 54.44
N GLU G 41 31.67 -20.65 55.20
CA GLU G 41 30.44 -19.98 55.59
C GLU G 41 29.71 -19.40 54.38
N GLU G 42 30.48 -18.83 53.46
CA GLU G 42 29.92 -18.31 52.23
C GLU G 42 29.31 -19.40 51.36
N LYS G 43 29.97 -20.54 51.32
CA LYS G 43 29.48 -21.69 50.59
C LYS G 43 28.17 -22.20 51.16
N GLU G 44 28.08 -22.23 52.48
CA GLU G 44 26.87 -22.63 53.17
C GLU G 44 25.71 -21.70 52.87
N LYS G 45 25.99 -20.41 52.83
CA LYS G 45 25.00 -19.41 52.49
C LYS G 45 24.49 -19.57 51.06
N MET G 46 25.41 -19.88 50.16
CA MET G 46 25.07 -20.12 48.77
C MET G 46 24.18 -21.34 48.60
N GLN G 47 24.49 -22.38 49.37
CA GLN G 47 23.69 -23.59 49.36
C GLN G 47 22.27 -23.34 49.85
N ALA G 48 22.15 -22.52 50.89
CA ALA G 48 20.85 -22.14 51.42
C ALA G 48 20.03 -21.35 50.41
N GLN G 49 20.70 -20.47 49.68
CA GLN G 49 20.07 -19.70 48.63
C GLN G 49 19.58 -20.58 47.49
N LYS G 50 20.37 -21.57 47.15
CA LYS G 50 20.03 -22.50 46.07
C LYS G 50 19.08 -23.58 46.56
N GLU G 51 19.21 -23.94 47.84
CA GLU G 51 18.36 -24.97 48.43
C GLU G 51 16.90 -24.55 48.41
N GLU G 52 16.65 -23.28 48.71
CA GLU G 52 15.29 -22.74 48.69
C GLU G 52 14.71 -22.82 47.28
N VAL G 53 15.55 -22.50 46.29
CA VAL G 53 15.13 -22.57 44.89
C VAL G 53 14.78 -24.00 44.52
N LEU G 54 15.59 -24.94 45.00
CA LEU G 54 15.34 -26.35 44.73
C LEU G 54 14.01 -26.78 45.35
N SER G 55 13.74 -26.30 46.56
CA SER G 55 12.50 -26.60 47.24
C SER G 55 11.30 -26.04 46.48
N HIS G 56 11.47 -24.82 45.96
CA HIS G 56 10.40 -24.17 45.19
C HIS G 56 10.16 -24.93 43.88
N MET G 57 11.24 -25.32 43.23
CA MET G 57 11.14 -26.06 41.97
C MET G 57 10.38 -27.36 42.18
N ASN G 58 10.75 -28.09 43.23
CA ASN G 58 10.09 -29.37 43.54
C ASN G 58 8.79 -29.28 44.41
N ASP G 59 8.29 -28.05 44.62
CA ASP G 59 6.88 -27.82 45.00
C ASP G 59 6.18 -26.97 43.91
N VAL G 60 6.96 -26.54 42.93
CA VAL G 60 6.39 -25.96 41.72
C VAL G 60 5.82 -27.10 40.88
N LEU G 61 6.71 -27.95 40.41
CA LEU G 61 6.32 -28.90 39.40
C LEU G 61 5.70 -30.12 40.03
N GLU G 62 5.37 -30.06 41.31
CA GLU G 62 4.96 -31.29 42.01
C GLU G 62 3.64 -31.18 42.77
N ASN G 63 3.14 -29.99 43.01
CA ASN G 63 1.87 -29.85 43.70
C ASN G 63 0.93 -28.95 42.93
N GLU G 64 1.34 -28.59 41.72
CA GLU G 64 0.63 -27.56 41.00
C GLU G 64 0.44 -27.88 39.57
N LEU G 65 1.53 -28.16 38.88
CA LEU G 65 1.37 -28.65 37.56
C LEU G 65 0.97 -30.11 37.49
N GLN G 66 1.05 -30.89 38.59
CA GLN G 66 0.71 -32.31 38.43
C GLN G 66 -0.77 -32.58 38.66
N CYS G 67 -1.38 -33.27 37.71
CA CYS G 67 -2.77 -33.71 37.83
C CYS G 67 -2.94 -34.67 39.00
N ILE G 68 -3.92 -34.40 39.86
CA ILE G 68 -4.17 -35.25 41.04
C ILE G 68 -4.73 -36.62 40.65
N ILE G 69 -5.37 -36.73 39.49
CA ILE G 69 -5.93 -38.02 39.06
C ILE G 69 -4.86 -38.97 38.56
N CYS G 70 -3.94 -38.49 37.71
CA CYS G 70 -2.95 -39.36 37.05
C CYS G 70 -1.50 -39.17 37.50
N SER G 71 -1.25 -38.13 38.32
CA SER G 71 0.08 -37.81 38.82
C SER G 71 1.08 -37.46 37.71
N GLU G 72 0.59 -37.04 36.55
CA GLU G 72 1.46 -36.54 35.49
C GLU G 72 1.32 -35.02 35.44
N TYR G 73 2.32 -34.32 34.89
CA TYR G 73 2.12 -32.91 34.54
C TYR G 73 0.89 -32.81 33.64
N PHE G 74 0.00 -31.84 33.88
CA PHE G 74 -1.26 -31.73 33.12
C PHE G 74 -1.06 -31.90 31.62
N ILE G 75 -1.89 -32.71 31.00
CA ILE G 75 -1.89 -32.87 29.53
C ILE G 75 -3.22 -32.33 29.05
N GLU G 76 -3.17 -31.29 28.23
CA GLU G 76 -4.41 -30.61 27.79
C GLU G 76 -5.20 -30.13 29.00
N ALA G 77 -4.63 -29.16 29.71
CA ALA G 77 -5.18 -28.72 30.96
C ALA G 77 -6.59 -28.15 30.74
N VAL G 78 -7.49 -28.53 31.64
CA VAL G 78 -8.84 -27.97 31.69
C VAL G 78 -9.06 -27.43 33.09
N THR G 79 -9.68 -26.27 33.15
CA THR G 79 -9.98 -25.61 34.43
C THR G 79 -11.49 -25.58 34.62
N LEU G 80 -11.94 -26.04 35.79
CA LEU G 80 -13.37 -26.10 36.12
C LEU G 80 -13.85 -24.82 36.75
N ASN G 81 -15.17 -24.68 36.88
CA ASN G 81 -15.79 -23.51 37.48
C ASN G 81 -15.26 -23.22 38.88
N CYS G 82 -14.88 -24.26 39.60
CA CYS G 82 -14.36 -24.13 40.96
C CYS G 82 -12.87 -23.74 41.02
N ALA G 83 -12.28 -23.51 39.86
CA ALA G 83 -10.91 -23.02 39.69
C ALA G 83 -9.83 -24.09 39.73
N HIS G 84 -10.21 -25.36 39.90
CA HIS G 84 -9.22 -26.45 39.90
C HIS G 84 -8.99 -26.94 38.50
N SER G 85 -7.77 -27.39 38.24
CA SER G 85 -7.42 -27.89 36.91
C SER G 85 -7.07 -29.38 36.91
N PHE G 86 -7.27 -30.02 35.76
CA PHE G 86 -7.05 -31.46 35.56
C PHE G 86 -6.66 -31.67 34.09
N CYS G 87 -6.06 -32.80 33.76
CA CYS G 87 -5.93 -33.18 32.36
C CYS G 87 -7.34 -33.31 31.78
N SER G 88 -7.49 -32.96 30.50
CA SER G 88 -8.76 -33.16 29.82
C SER G 88 -9.21 -34.63 29.86
N TYR G 89 -8.28 -35.54 29.57
CA TYR G 89 -8.58 -36.97 29.55
C TYR G 89 -9.07 -37.42 30.93
N CYS G 90 -8.33 -37.02 31.95
CA CYS G 90 -8.62 -37.45 33.32
C CYS G 90 -9.98 -36.98 33.78
N ILE G 91 -10.27 -35.69 33.60
CA ILE G 91 -11.53 -35.16 34.10
C ILE G 91 -12.73 -35.72 33.34
N ASN G 92 -12.58 -35.98 32.04
CA ASN G 92 -13.66 -36.62 31.29
C ASN G 92 -14.00 -38.04 31.76
N GLU G 93 -12.97 -38.84 32.00
CA GLU G 93 -13.20 -40.14 32.58
C GLU G 93 -13.88 -40.04 33.95
N TRP G 94 -13.44 -39.09 34.76
CA TRP G 94 -14.03 -38.88 36.08
C TRP G 94 -15.51 -38.53 35.94
N MET G 95 -15.78 -37.57 35.06
CA MET G 95 -17.13 -37.09 34.82
C MET G 95 -18.11 -38.11 34.27
N LYS G 96 -17.62 -39.18 33.66
CA LYS G 96 -18.55 -40.25 33.27
C LYS G 96 -19.16 -40.92 34.51
N ARG G 97 -18.46 -40.83 35.65
CA ARG G 97 -18.87 -41.49 36.88
C ARG G 97 -19.42 -40.54 37.95
N LYS G 98 -18.89 -39.33 38.01
CA LYS G 98 -19.23 -38.38 39.08
C LYS G 98 -19.20 -36.99 38.47
N ILE G 99 -20.10 -36.11 38.89
CA ILE G 99 -20.06 -34.72 38.36
C ILE G 99 -19.69 -33.74 39.48
N GLU G 100 -18.77 -34.16 40.34
CA GLU G 100 -18.23 -33.33 41.42
C GLU G 100 -16.72 -33.18 41.23
N CYS G 101 -16.19 -31.97 41.40
CA CYS G 101 -14.73 -31.78 41.30
C CYS G 101 -14.03 -32.82 42.17
N PRO G 102 -13.04 -33.53 41.60
CA PRO G 102 -12.29 -34.46 42.46
C PRO G 102 -11.75 -33.82 43.74
N ILE G 103 -11.25 -32.58 43.63
CA ILE G 103 -10.53 -31.93 44.73
C ILE G 103 -11.48 -31.30 45.77
N CYS G 104 -12.41 -30.44 45.33
CA CYS G 104 -13.30 -29.74 46.27
C CYS G 104 -14.71 -30.30 46.34
N ARG G 105 -15.02 -31.25 45.46
CA ARG G 105 -16.33 -31.90 45.37
C ARG G 105 -17.51 -30.99 45.04
N LYS G 106 -17.26 -29.75 44.60
CA LYS G 106 -18.36 -28.92 44.10
C LYS G 106 -18.88 -29.47 42.78
N ASP G 107 -20.19 -29.40 42.56
CA ASP G 107 -20.77 -29.89 41.32
C ASP G 107 -20.13 -29.17 40.16
N ILE G 108 -19.71 -29.92 39.15
CA ILE G 108 -19.05 -29.35 37.99
C ILE G 108 -20.09 -28.68 37.10
N LYS G 109 -19.88 -27.41 36.79
CA LYS G 109 -20.79 -26.64 35.97
C LYS G 109 -20.13 -26.15 34.69
N SER G 110 -18.79 -26.01 34.68
CA SER G 110 -18.10 -25.64 33.45
C SER G 110 -16.68 -26.18 33.35
N LYS G 111 -16.24 -26.35 32.11
CA LYS G 111 -14.87 -26.71 31.76
C LYS G 111 -14.35 -25.73 30.75
N THR G 112 -13.10 -25.34 30.88
CA THR G 112 -12.44 -24.65 29.79
C THR G 112 -11.00 -25.12 29.68
N TYR G 113 -10.54 -25.25 28.45
CA TYR G 113 -9.11 -25.50 28.17
C TYR G 113 -8.31 -24.24 28.51
N SER G 114 -7.02 -24.41 28.66
CA SER G 114 -6.16 -23.32 29.09
C SER G 114 -4.85 -23.38 28.31
N LEU G 115 -4.74 -22.54 27.27
CA LEU G 115 -3.53 -22.41 26.48
C LEU G 115 -2.33 -22.00 27.32
N VAL G 116 -2.55 -21.10 28.28
CA VAL G 116 -1.45 -20.57 29.11
C VAL G 116 -0.86 -21.71 29.94
N LEU G 117 -1.72 -22.52 30.57
CA LEU G 117 -1.23 -23.65 31.38
C LEU G 117 -0.48 -24.65 30.50
N ASP G 118 -1.03 -24.99 29.35
CA ASP G 118 -0.32 -25.91 28.45
C ASP G 118 1.04 -25.36 28.01
N ASN G 119 1.08 -24.08 27.63
CA ASN G 119 2.32 -23.46 27.19
C ASN G 119 3.37 -23.31 28.29
N CYS G 120 2.90 -22.96 29.49
CA CYS G 120 3.77 -22.88 30.65
C CYS G 120 4.37 -24.25 30.92
N ILE G 121 3.53 -25.27 30.97
CA ILE G 121 4.00 -26.64 31.24
C ILE G 121 5.01 -27.12 30.18
N ASN G 122 4.72 -26.91 28.91
CA ASN G 122 5.70 -27.27 27.86
C ASN G 122 7.06 -26.61 28.06
N LYS G 123 7.06 -25.34 28.46
CA LYS G 123 8.29 -24.63 28.67
C LYS G 123 9.04 -25.22 29.88
N MET G 124 8.32 -25.48 30.96
CA MET G 124 8.92 -26.04 32.17
C MET G 124 9.48 -27.44 31.91
N VAL G 125 8.65 -28.30 31.34
CA VAL G 125 9.06 -29.68 31.05
C VAL G 125 10.28 -29.72 30.12
N ASN G 126 10.37 -28.74 29.23
CA ASN G 126 11.50 -28.62 28.30
C ASN G 126 12.86 -28.52 29.01
N ASN G 127 12.84 -28.06 30.25
CA ASN G 127 14.06 -28.00 31.07
C ASN G 127 14.30 -29.22 31.94
N LEU G 128 13.54 -30.30 31.73
CA LEU G 128 13.70 -31.50 32.53
C LEU G 128 14.40 -32.58 31.71
N SER G 129 14.63 -33.74 32.31
CA SER G 129 15.39 -34.81 31.66
C SER G 129 14.65 -35.35 30.44
N SER G 130 15.37 -35.90 29.48
CA SER G 130 14.75 -36.39 28.24
C SER G 130 13.83 -37.58 28.50
N GLU G 131 14.02 -38.26 29.63
CA GLU G 131 13.09 -39.28 30.10
C GLU G 131 11.72 -38.69 30.42
N VAL G 132 11.72 -37.60 31.16
CA VAL G 132 10.47 -36.90 31.52
C VAL G 132 9.82 -36.34 30.25
N LYS G 133 10.63 -35.75 29.39
CA LYS G 133 10.13 -35.16 28.15
C LYS G 133 9.51 -36.22 27.23
N GLU G 134 10.15 -37.39 27.12
CA GLU G 134 9.67 -38.45 26.23
C GLU G 134 8.40 -39.13 26.78
N ARG G 135 8.37 -39.34 28.10
CA ARG G 135 7.17 -39.83 28.77
C ARG G 135 5.92 -38.96 28.47
N ARG G 136 6.09 -37.65 28.61
CA ARG G 136 5.04 -36.69 28.28
C ARG G 136 4.59 -36.80 26.81
N ILE G 137 5.55 -36.97 25.90
CA ILE G 137 5.23 -37.12 24.47
C ILE G 137 4.39 -38.37 24.25
N VAL G 138 4.77 -39.47 24.91
CA VAL G 138 4.06 -40.74 24.80
C VAL G 138 2.62 -40.65 25.29
N LEU G 139 2.41 -40.01 26.45
CA LEU G 139 1.05 -39.85 26.99
C LEU G 139 0.19 -39.00 26.08
N ILE G 140 0.76 -37.90 25.59
CA ILE G 140 0.05 -37.00 24.68
C ILE G 140 -0.49 -37.77 23.48
N ARG G 141 0.34 -38.60 22.86
CA ARG G 141 -0.09 -39.37 21.69
C ARG G 141 -1.05 -40.51 22.11
N GLU G 142 -0.73 -41.19 23.21
CA GLU G 142 -1.61 -42.23 23.77
C GLU G 142 -3.03 -41.73 24.07
N ARG G 143 -3.15 -40.50 24.58
CA ARG G 143 -4.46 -39.96 24.91
C ARG G 143 -5.12 -39.27 23.73
N LYS G 144 -4.28 -39.05 22.69
CA LYS G 144 -4.74 -38.64 21.36
C LYS G 144 -5.32 -39.83 20.59
N ALA G 145 -4.68 -40.99 20.72
CA ALA G 145 -5.21 -42.21 20.11
C ALA G 145 -6.57 -42.47 20.72
N LYS G 146 -6.67 -42.25 22.04
CA LYS G 146 -7.93 -42.42 22.75
C LYS G 146 -8.99 -41.50 22.14
N ARG G 147 -8.65 -40.23 21.97
CA ARG G 147 -9.56 -39.29 21.32
C ARG G 147 -10.08 -39.88 20.03
N VAL H 15 -5.44 22.98 -37.03
CA VAL H 15 -4.64 23.28 -35.86
C VAL H 15 -3.31 23.94 -36.19
N LYS H 16 -3.12 25.17 -35.73
CA LYS H 16 -1.86 25.87 -35.91
C LYS H 16 -0.92 25.66 -34.73
N VAL H 17 0.30 25.28 -35.02
CA VAL H 17 1.33 25.19 -34.01
C VAL H 17 1.89 26.58 -33.77
N PRO H 18 1.90 27.03 -32.51
CA PRO H 18 2.41 28.36 -32.15
C PRO H 18 3.87 28.53 -32.53
N ARG H 19 4.25 29.77 -32.83
CA ARG H 19 5.63 30.12 -33.18
C ARG H 19 6.69 29.42 -32.35
N ASN H 20 6.59 29.55 -31.04
CA ASN H 20 7.63 29.04 -30.15
C ASN H 20 7.77 27.53 -30.25
N PHE H 21 6.65 26.83 -30.40
CA PHE H 21 6.75 25.37 -30.48
C PHE H 21 7.18 24.92 -31.87
N ARG H 22 6.82 25.68 -32.89
CA ARG H 22 7.33 25.39 -34.23
C ARG H 22 8.84 25.56 -34.26
N LEU H 23 9.33 26.62 -33.63
CA LEU H 23 10.76 26.88 -33.64
C LEU H 23 11.51 25.82 -32.85
N LEU H 24 10.89 25.31 -31.78
CA LEU H 24 11.47 24.20 -31.04
C LEU H 24 11.63 22.98 -31.94
N GLU H 25 10.64 22.77 -32.80
CA GLU H 25 10.68 21.67 -33.77
C GLU H 25 11.85 21.88 -34.71
N GLU H 26 11.98 23.10 -35.22
CA GLU H 26 13.06 23.40 -36.15
C GLU H 26 14.45 23.30 -35.47
N LEU H 27 14.50 23.61 -34.19
CA LEU H 27 15.71 23.46 -33.40
C LEU H 27 16.14 22.00 -33.36
N GLU H 28 15.20 21.11 -33.07
CA GLU H 28 15.48 19.68 -33.01
C GLU H 28 15.86 19.14 -34.38
N GLU H 29 15.16 19.59 -35.41
CA GLU H 29 15.46 19.14 -36.77
C GLU H 29 16.87 19.59 -37.19
N GLY H 30 17.20 20.83 -36.84
CA GLY H 30 18.53 21.36 -37.12
C GLY H 30 19.63 20.52 -36.51
N GLN H 31 19.40 20.09 -35.27
CA GLN H 31 20.40 19.28 -34.57
C GLN H 31 20.49 17.89 -35.17
N LYS H 32 19.37 17.36 -35.65
CA LYS H 32 19.38 16.03 -36.26
C LYS H 32 19.97 16.08 -37.67
N GLY H 33 19.90 17.24 -38.30
CA GLY H 33 20.37 17.42 -39.66
C GLY H 33 19.41 16.80 -40.67
N VAL H 34 19.42 17.32 -41.88
CA VAL H 34 18.57 16.77 -42.93
C VAL H 34 19.37 16.46 -44.19
N GLY H 35 18.88 15.49 -44.97
CA GLY H 35 19.46 15.17 -46.26
C GLY H 35 20.95 14.95 -46.24
N ASP H 36 21.64 15.59 -47.19
CA ASP H 36 23.07 15.39 -47.39
C ASP H 36 23.90 16.39 -46.60
N GLY H 37 23.24 17.14 -45.72
CA GLY H 37 23.93 18.11 -44.89
C GLY H 37 24.46 19.32 -45.64
N THR H 38 23.98 19.56 -46.87
CA THR H 38 24.45 20.72 -47.65
C THR H 38 23.82 22.03 -47.19
N VAL H 39 22.77 21.95 -46.36
CA VAL H 39 22.35 23.12 -45.60
C VAL H 39 22.20 22.70 -44.15
N SER H 40 22.39 23.65 -43.26
N SER H 40 22.41 23.65 -43.25
CA SER H 40 22.28 23.40 -41.83
CA SER H 40 22.26 23.39 -41.83
C SER H 40 21.87 24.68 -41.14
C SER H 40 21.85 24.68 -41.14
N TRP H 41 21.31 24.56 -39.94
CA TRP H 41 20.83 25.73 -39.21
C TRP H 41 20.85 25.44 -37.72
N GLY H 42 21.02 26.49 -36.94
CA GLY H 42 21.01 26.34 -35.49
C GLY H 42 20.79 27.70 -34.85
N LEU H 43 20.53 27.70 -33.55
CA LEU H 43 20.37 28.95 -32.82
C LEU H 43 21.67 29.72 -32.77
N GLU H 44 21.58 31.03 -33.01
CA GLU H 44 22.76 31.88 -32.94
C GLU H 44 23.23 32.03 -31.49
N ASP H 45 22.27 32.13 -30.59
CA ASP H 45 22.54 32.27 -29.16
C ASP H 45 21.83 31.13 -28.42
N ASP H 46 22.60 30.26 -27.79
CA ASP H 46 22.04 29.06 -27.17
C ASP H 46 21.29 29.35 -25.88
N GLU H 47 21.18 30.64 -25.52
CA GLU H 47 20.40 31.04 -24.36
C GLU H 47 19.25 31.95 -24.77
N ASP H 48 19.02 32.05 -26.08
CA ASP H 48 17.95 32.89 -26.59
C ASP H 48 16.61 32.16 -26.51
N MET H 49 15.87 32.38 -25.42
CA MET H 49 14.61 31.68 -25.23
C MET H 49 13.54 32.14 -26.23
N THR H 50 13.77 33.26 -26.89
CA THR H 50 12.82 33.75 -27.89
C THR H 50 13.01 33.01 -29.21
N LEU H 51 14.09 32.25 -29.33
CA LEU H 51 14.38 31.45 -30.52
C LEU H 51 14.33 32.28 -31.80
N THR H 52 14.79 33.52 -31.72
CA THR H 52 14.61 34.48 -32.80
C THR H 52 15.74 34.48 -33.83
N ARG H 53 16.97 34.49 -33.37
CA ARG H 53 18.11 34.64 -34.29
C ARG H 53 18.78 33.31 -34.56
N TRP H 54 18.87 32.95 -35.85
CA TRP H 54 19.42 31.66 -36.24
C TRP H 54 20.64 31.84 -37.13
N THR H 55 21.54 30.88 -37.06
CA THR H 55 22.64 30.79 -38.01
C THR H 55 22.26 29.82 -39.11
N GLY H 56 22.42 30.24 -40.36
CA GLY H 56 22.18 29.34 -41.47
C GLY H 56 23.50 29.01 -42.14
N MET H 57 23.60 27.83 -42.72
CA MET H 57 24.79 27.42 -43.47
C MET H 57 24.35 26.82 -44.80
N ILE H 58 24.99 27.26 -45.87
CA ILE H 58 24.78 26.67 -47.18
C ILE H 58 26.13 26.28 -47.78
N ILE H 59 26.26 25.03 -48.18
CA ILE H 59 27.41 24.62 -48.98
C ILE H 59 27.16 25.00 -50.41
N GLY H 60 28.02 25.84 -50.99
CA GLY H 60 27.86 26.22 -52.38
C GLY H 60 27.81 25.00 -53.27
N PRO H 61 26.84 24.95 -54.20
CA PRO H 61 26.65 23.74 -55.02
C PRO H 61 27.76 23.54 -56.06
N PRO H 62 28.04 22.28 -56.41
CA PRO H 62 29.09 21.95 -57.37
C PRO H 62 28.81 22.52 -58.75
N ARG H 63 29.86 22.74 -59.53
CA ARG H 63 29.75 23.23 -60.90
C ARG H 63 29.03 24.58 -60.95
N THR H 64 29.25 25.38 -59.92
CA THR H 64 28.86 26.79 -59.92
C THR H 64 30.04 27.58 -59.37
N ASN H 65 30.00 28.90 -59.52
CA ASN H 65 31.05 29.74 -58.95
C ASN H 65 30.97 29.81 -57.43
N TYR H 66 29.93 29.20 -56.86
CA TYR H 66 29.79 29.10 -55.43
C TYR H 66 30.43 27.82 -54.87
N GLU H 67 30.93 26.96 -55.73
CA GLU H 67 31.32 25.62 -55.30
C GLU H 67 32.46 25.65 -54.29
N ASN H 68 32.44 24.68 -53.37
CA ASN H 68 33.50 24.50 -52.39
C ASN H 68 33.61 25.68 -51.43
N ARG H 69 32.51 26.41 -51.26
CA ARG H 69 32.49 27.52 -50.32
C ARG H 69 31.37 27.32 -49.33
N ILE H 70 31.64 27.62 -48.07
CA ILE H 70 30.62 27.55 -47.04
C ILE H 70 30.06 28.95 -46.79
N TYR H 71 28.76 29.11 -46.99
CA TYR H 71 28.13 30.39 -46.77
C TYR H 71 27.42 30.38 -45.44
N SER H 72 27.70 31.38 -44.62
N SER H 72 27.69 31.39 -44.62
CA SER H 72 26.97 31.58 -43.38
CA SER H 72 26.98 31.56 -43.37
C SER H 72 25.93 32.66 -43.57
C SER H 72 25.96 32.69 -43.50
N LEU H 73 24.80 32.49 -42.88
CA LEU H 73 23.70 33.42 -43.01
C LEU H 73 23.15 33.72 -41.64
N LYS H 74 22.45 34.83 -41.52
CA LYS H 74 21.66 35.11 -40.33
C LYS H 74 20.19 35.06 -40.71
N VAL H 75 19.41 34.27 -39.96
CA VAL H 75 18.00 34.13 -40.24
C VAL H 75 17.26 34.61 -39.01
N GLU H 76 16.37 35.58 -39.20
CA GLU H 76 15.62 36.16 -38.09
C GLU H 76 14.15 35.76 -38.18
N CYS H 77 13.69 35.03 -37.17
CA CYS H 77 12.30 34.61 -37.09
C CYS H 77 11.53 35.53 -36.15
N GLY H 78 10.75 36.43 -36.73
CA GLY H 78 10.05 37.44 -35.97
C GLY H 78 8.84 36.90 -35.25
N PRO H 79 8.09 37.78 -34.58
CA PRO H 79 6.94 37.42 -33.75
C PRO H 79 5.84 36.70 -34.53
N LYS H 80 5.73 36.95 -35.83
CA LYS H 80 4.66 36.37 -36.64
C LYS H 80 5.12 35.13 -37.43
N TYR H 81 6.36 34.73 -37.26
CA TYR H 81 6.85 33.48 -37.85
C TYR H 81 6.14 32.29 -37.22
N PRO H 82 5.80 31.26 -38.02
CA PRO H 82 6.01 31.09 -39.46
C PRO H 82 4.82 31.52 -40.32
N GLU H 83 3.87 32.26 -39.77
CA GLU H 83 2.82 32.84 -40.59
C GLU H 83 3.45 33.84 -41.56
N ALA H 84 4.51 34.49 -41.10
CA ALA H 84 5.25 35.43 -41.93
C ALA H 84 6.66 34.91 -42.17
N PRO H 85 7.25 35.22 -43.33
CA PRO H 85 8.59 34.73 -43.63
C PRO H 85 9.65 35.30 -42.68
N PRO H 86 10.75 34.56 -42.49
CA PRO H 86 11.85 35.11 -41.71
C PRO H 86 12.62 36.14 -42.53
N SER H 87 13.42 36.97 -41.87
CA SER H 87 14.35 37.85 -42.56
C SER H 87 15.66 37.09 -42.73
N VAL H 88 16.31 37.25 -43.87
CA VAL H 88 17.54 36.51 -44.15
C VAL H 88 18.63 37.44 -44.67
N ARG H 89 19.84 37.24 -44.20
CA ARG H 89 20.97 37.95 -44.79
C ARG H 89 22.17 37.04 -44.82
N PHE H 90 22.97 37.16 -45.87
CA PHE H 90 24.24 36.46 -45.92
C PHE H 90 25.23 37.21 -45.05
N VAL H 91 26.04 36.48 -44.31
CA VAL H 91 27.19 37.05 -43.65
C VAL H 91 28.37 36.95 -44.61
N THR H 92 28.58 35.74 -45.12
CA THR H 92 29.57 35.47 -46.15
C THR H 92 29.23 36.25 -47.42
N LYS H 93 30.19 36.98 -47.97
CA LYS H 93 29.90 37.77 -49.17
C LYS H 93 29.60 36.89 -50.36
N ILE H 94 28.61 37.30 -51.13
CA ILE H 94 28.13 36.51 -52.25
C ILE H 94 27.60 37.45 -53.33
N ASN H 95 27.85 37.10 -54.58
CA ASN H 95 27.21 37.78 -55.69
C ASN H 95 26.13 36.86 -56.19
N MET H 96 24.88 37.28 -56.00
CA MET H 96 23.73 36.43 -56.31
C MET H 96 22.50 37.31 -56.47
N ASN H 97 21.71 37.06 -57.51
CA ASN H 97 20.51 37.84 -57.71
C ASN H 97 19.60 37.72 -56.49
N GLY H 98 19.08 38.84 -56.03
CA GLY H 98 18.21 38.84 -54.87
C GLY H 98 18.93 39.14 -53.57
N ILE H 99 20.26 39.12 -53.60
CA ILE H 99 21.07 39.44 -52.43
C ILE H 99 21.72 40.79 -52.64
N ASN H 100 21.47 41.71 -51.72
CA ASN H 100 22.09 43.03 -51.81
C ASN H 100 23.61 42.89 -51.75
N ASN H 101 24.25 43.42 -52.78
CA ASN H 101 25.67 43.24 -53.02
C ASN H 101 26.55 43.85 -51.92
N SER H 102 26.04 44.86 -51.24
CA SER H 102 26.84 45.58 -50.24
C SER H 102 26.48 45.21 -48.79
N SER H 103 25.31 44.64 -48.56
CA SER H 103 24.85 44.37 -47.19
C SER H 103 24.58 42.90 -46.91
N GLY H 104 24.43 42.11 -47.98
CA GLY H 104 24.10 40.70 -47.84
C GLY H 104 22.63 40.43 -47.60
N MET H 105 21.83 41.49 -47.50
CA MET H 105 20.42 41.31 -47.19
C MET H 105 19.69 40.64 -48.36
N VAL H 106 18.88 39.66 -48.02
CA VAL H 106 18.12 38.92 -49.01
C VAL H 106 16.81 39.65 -49.27
N ASP H 107 16.63 40.12 -50.50
CA ASP H 107 15.41 40.80 -50.90
C ASP H 107 14.28 39.79 -51.04
N ALA H 108 13.33 39.82 -50.11
CA ALA H 108 12.25 38.83 -50.09
C ALA H 108 11.51 38.77 -51.43
N ARG H 109 11.30 39.93 -52.05
CA ARG H 109 10.53 39.97 -53.29
C ARG H 109 11.24 39.25 -54.44
N SER H 110 12.57 39.08 -54.31
CA SER H 110 13.37 38.48 -55.39
C SER H 110 13.61 36.99 -55.20
N ILE H 111 13.20 36.47 -54.05
CA ILE H 111 13.38 35.06 -53.73
C ILE H 111 12.01 34.42 -53.54
N PRO H 112 11.61 33.56 -54.49
CA PRO H 112 10.24 33.04 -54.56
C PRO H 112 9.75 32.41 -53.25
N VAL H 113 10.59 31.68 -52.53
CA VAL H 113 10.15 31.06 -51.30
C VAL H 113 9.74 32.10 -50.26
N LEU H 114 10.38 33.26 -50.31
CA LEU H 114 10.04 34.33 -49.38
C LEU H 114 8.89 35.17 -49.94
N ALA H 115 8.96 35.48 -51.24
CA ALA H 115 7.91 36.29 -51.86
C ALA H 115 6.56 35.60 -51.81
N LYS H 116 6.57 34.28 -51.95
CA LYS H 116 5.35 33.47 -51.93
C LYS H 116 5.31 32.58 -50.69
N TRP H 117 5.73 33.14 -49.56
CA TRP H 117 5.83 32.41 -48.31
C TRP H 117 4.53 31.71 -47.92
N GLN H 118 4.65 30.47 -47.44
CA GLN H 118 3.54 29.73 -46.85
C GLN H 118 3.94 29.31 -45.46
N ASN H 119 2.98 29.18 -44.54
CA ASN H 119 3.33 28.86 -43.15
C ASN H 119 3.79 27.40 -42.97
N SER H 120 3.79 26.65 -44.05
CA SER H 120 4.32 25.29 -44.05
C SER H 120 5.83 25.31 -44.25
N TYR H 121 6.36 26.47 -44.64
CA TYR H 121 7.79 26.58 -44.89
C TYR H 121 8.56 26.68 -43.59
N SER H 122 9.88 26.69 -43.71
CA SER H 122 10.75 26.64 -42.55
C SER H 122 12.11 27.23 -42.90
N ILE H 123 12.96 27.38 -41.90
CA ILE H 123 14.32 27.82 -42.13
C ILE H 123 15.02 26.89 -43.11
N LYS H 124 14.82 25.58 -42.93
CA LYS H 124 15.36 24.57 -43.84
C LYS H 124 14.97 24.85 -45.28
N VAL H 125 13.69 25.09 -45.50
CA VAL H 125 13.19 25.32 -46.85
C VAL H 125 13.79 26.58 -47.46
N VAL H 126 13.95 27.63 -46.64
CA VAL H 126 14.56 28.86 -47.14
C VAL H 126 15.99 28.61 -47.57
N LEU H 127 16.74 27.88 -46.75
CA LEU H 127 18.14 27.62 -47.09
C LEU H 127 18.28 26.71 -48.32
N GLN H 128 17.40 25.73 -48.43
CA GLN H 128 17.45 24.83 -49.57
C GLN H 128 17.08 25.57 -50.86
N GLU H 129 16.16 26.52 -50.74
CA GLU H 129 15.79 27.35 -51.89
C GLU H 129 16.95 28.23 -52.35
N LEU H 130 17.62 28.89 -51.40
CA LEU H 130 18.77 29.72 -51.75
C LEU H 130 19.86 28.88 -52.41
N ARG H 131 20.10 27.69 -51.87
CA ARG H 131 21.09 26.82 -52.49
C ARG H 131 20.66 26.40 -53.89
N ARG H 132 19.38 26.13 -54.07
CA ARG H 132 18.88 25.76 -55.39
C ARG H 132 19.05 26.92 -56.35
N LEU H 133 18.77 28.13 -55.89
CA LEU H 133 18.88 29.31 -56.74
C LEU H 133 20.33 29.60 -57.11
N MET H 134 21.26 29.13 -56.30
CA MET H 134 22.68 29.28 -56.65
C MET H 134 23.03 28.52 -57.93
N MET H 135 22.23 27.51 -58.25
CA MET H 135 22.44 26.72 -59.46
C MET H 135 21.78 27.31 -60.71
N SER H 136 21.02 28.39 -60.53
N SER H 136 21.02 28.39 -60.53
CA SER H 136 20.34 29.02 -61.65
CA SER H 136 20.34 29.02 -61.65
C SER H 136 21.33 29.56 -62.67
C SER H 136 21.33 29.54 -62.67
N LYS H 137 20.90 29.62 -63.93
CA LYS H 137 21.77 30.09 -65.00
C LYS H 137 22.32 31.50 -64.74
N GLU H 138 21.49 32.37 -64.16
CA GLU H 138 21.85 33.76 -63.96
C GLU H 138 22.72 33.98 -62.72
N ASN H 139 22.84 32.95 -61.88
CA ASN H 139 23.67 33.04 -60.68
C ASN H 139 24.99 32.25 -60.77
N MET H 140 24.91 31.04 -61.34
CA MET H 140 26.02 30.11 -61.26
C MET H 140 27.28 30.64 -61.93
N LYS H 141 27.14 31.60 -62.84
CA LYS H 141 28.28 32.13 -63.59
C LYS H 141 28.78 33.46 -63.04
N LEU H 142 28.11 34.01 -62.02
CA LEU H 142 28.53 35.29 -61.48
C LEU H 142 29.91 35.19 -60.84
N PRO H 143 30.80 36.13 -61.20
CA PRO H 143 32.10 36.16 -60.53
C PRO H 143 31.91 36.52 -59.07
N GLN H 144 32.62 35.83 -58.20
CA GLN H 144 32.41 35.97 -56.78
C GLN H 144 33.53 36.80 -56.14
N PRO H 145 33.23 37.42 -55.00
CA PRO H 145 34.29 38.07 -54.23
C PRO H 145 35.25 37.01 -53.68
N PRO H 146 36.41 37.43 -53.17
CA PRO H 146 37.35 36.45 -52.61
C PRO H 146 36.72 35.67 -51.47
N GLU H 147 37.14 34.42 -51.30
CA GLU H 147 36.59 33.57 -50.26
C GLU H 147 36.94 34.15 -48.90
N GLY H 148 36.03 34.02 -47.94
CA GLY H 148 36.30 34.43 -46.58
C GLY H 148 35.83 35.83 -46.21
N GLN H 149 35.49 36.65 -47.19
CA GLN H 149 35.02 38.01 -46.90
C GLN H 149 33.60 37.97 -46.32
N THR H 150 33.32 38.89 -45.42
CA THR H 150 31.98 39.01 -44.84
C THR H 150 31.50 40.46 -44.87
N TYR H 151 30.19 40.65 -44.86
CA TYR H 151 29.61 41.98 -44.74
C TYR H 151 29.72 42.44 -43.29
N ASN H 152 29.49 43.74 -43.07
CA ASN H 152 29.53 44.29 -41.74
C ASN H 152 28.21 44.11 -41.00
N GLY I 11 -15.72 22.33 -34.24
CA GLY I 11 -14.65 22.88 -33.42
C GLY I 11 -13.85 21.86 -32.64
N LEU I 12 -13.41 22.25 -31.46
CA LEU I 12 -12.56 21.41 -30.63
C LEU I 12 -13.30 20.20 -30.08
N PRO I 13 -12.56 19.11 -29.81
CA PRO I 13 -13.14 17.97 -29.10
C PRO I 13 -13.73 18.41 -27.76
N ARG I 14 -14.76 17.74 -27.29
CA ARG I 14 -15.43 18.14 -26.06
C ARG I 14 -14.47 18.29 -24.89
N ARG I 15 -13.49 17.40 -24.81
CA ARG I 15 -12.54 17.41 -23.71
C ARG I 15 -11.73 18.70 -23.63
N ILE I 16 -11.24 19.14 -24.78
CA ILE I 16 -10.48 20.39 -24.84
C ILE I 16 -11.36 21.56 -24.44
N ILE I 17 -12.61 21.56 -24.90
CA ILE I 17 -13.56 22.59 -24.51
C ILE I 17 -13.79 22.52 -23.00
N LYS I 18 -13.94 21.30 -22.51
CA LYS I 18 -14.16 21.04 -21.09
C LYS I 18 -13.02 21.59 -20.22
N GLU I 19 -11.79 21.22 -20.55
CA GLU I 19 -10.63 21.65 -19.77
C GLU I 19 -10.39 23.15 -19.87
N THR I 20 -10.48 23.68 -21.09
CA THR I 20 -10.28 25.10 -21.34
C THR I 20 -11.16 25.97 -20.45
N GLN I 21 -12.42 25.56 -20.29
CA GLN I 21 -13.37 26.33 -19.51
C GLN I 21 -13.30 26.01 -18.05
N ARG I 22 -12.72 24.86 -17.72
CA ARG I 22 -12.48 24.53 -16.33
C ARG I 22 -11.33 25.39 -15.81
N LEU I 23 -10.38 25.70 -16.68
CA LEU I 23 -9.26 26.56 -16.33
C LEU I 23 -9.72 27.97 -16.01
N LEU I 24 -10.66 28.48 -16.80
CA LEU I 24 -11.20 29.81 -16.58
C LEU I 24 -12.12 29.84 -15.36
N ALA I 25 -12.90 28.78 -15.19
CA ALA I 25 -13.89 28.73 -14.11
C ALA I 25 -13.27 28.26 -12.79
N GLU I 26 -12.39 27.26 -12.86
CA GLU I 26 -11.77 26.70 -11.66
C GLU I 26 -10.25 26.78 -11.74
N PRO I 27 -9.68 27.98 -11.51
CA PRO I 27 -8.25 28.20 -11.64
C PRO I 27 -7.43 27.45 -10.59
N VAL I 28 -6.33 26.86 -11.03
CA VAL I 28 -5.37 26.21 -10.13
C VAL I 28 -4.72 27.25 -9.22
N PRO I 29 -4.64 26.97 -7.91
CA PRO I 29 -3.98 27.88 -6.97
C PRO I 29 -2.54 28.20 -7.38
N GLY I 30 -2.20 29.48 -7.42
CA GLY I 30 -0.84 29.90 -7.73
C GLY I 30 -0.49 29.78 -9.20
N ILE I 31 -1.50 29.47 -10.02
CA ILE I 31 -1.30 29.31 -11.45
C ILE I 31 -2.39 30.01 -12.26
N LYS I 32 -1.99 30.89 -13.16
CA LYS I 32 -2.91 31.51 -14.10
C LYS I 32 -2.73 30.87 -15.46
N ALA I 33 -3.83 30.65 -16.18
CA ALA I 33 -3.76 30.03 -17.50
C ALA I 33 -4.81 30.63 -18.42
N GLU I 34 -4.36 31.40 -19.40
CA GLU I 34 -5.26 32.10 -20.29
C GLU I 34 -5.06 31.66 -21.74
N PRO I 35 -6.18 31.55 -22.49
CA PRO I 35 -6.09 31.15 -23.89
C PRO I 35 -5.47 32.23 -24.75
N ASP I 36 -4.74 31.82 -25.76
CA ASP I 36 -4.19 32.74 -26.74
C ASP I 36 -5.31 33.37 -27.56
N GLU I 37 -5.07 34.58 -28.06
CA GLU I 37 -6.10 35.33 -28.76
C GLU I 37 -6.33 34.86 -30.19
N SER I 38 -5.50 33.93 -30.65
CA SER I 38 -5.57 33.47 -32.04
C SER I 38 -5.63 31.96 -32.16
N ASN I 39 -5.16 31.26 -31.13
CA ASN I 39 -5.03 29.82 -31.17
C ASN I 39 -5.70 29.18 -29.96
N ALA I 40 -6.80 28.46 -30.22
CA ALA I 40 -7.61 27.90 -29.13
C ALA I 40 -6.92 26.73 -28.42
N ARG I 41 -5.81 26.27 -28.97
CA ARG I 41 -5.05 25.17 -28.37
C ARG I 41 -3.79 25.68 -27.68
N TYR I 42 -3.64 27.00 -27.67
CA TYR I 42 -2.44 27.65 -27.18
C TYR I 42 -2.77 28.43 -25.91
N PHE I 43 -2.03 28.18 -24.84
CA PHE I 43 -2.30 28.85 -23.57
C PHE I 43 -1.09 29.53 -22.99
N HIS I 44 -1.32 30.71 -22.42
CA HIS I 44 -0.28 31.45 -21.75
C HIS I 44 -0.45 31.30 -20.26
N VAL I 45 0.53 30.67 -19.64
CA VAL I 45 0.45 30.30 -18.25
C VAL I 45 1.41 31.12 -17.41
N VAL I 46 0.98 31.52 -16.23
CA VAL I 46 1.87 32.13 -15.26
C VAL I 46 1.86 31.28 -14.00
N ILE I 47 3.02 30.78 -13.61
CA ILE I 47 3.12 30.02 -12.37
C ILE I 47 3.83 30.85 -11.30
N ALA I 48 3.17 31.02 -10.16
CA ALA I 48 3.77 31.64 -9.00
C ALA I 48 4.84 30.71 -8.41
N GLY I 49 5.98 31.27 -8.02
CA GLY I 49 6.99 30.47 -7.35
C GLY I 49 6.39 29.86 -6.10
N PRO I 50 6.59 28.54 -5.91
CA PRO I 50 5.98 27.84 -4.76
C PRO I 50 6.50 28.34 -3.43
N GLN I 51 5.62 28.31 -2.41
CA GLN I 51 6.00 28.74 -1.08
C GLN I 51 7.19 27.94 -0.56
N ASP I 52 8.08 28.61 0.14
CA ASP I 52 9.28 28.01 0.74
C ASP I 52 10.27 27.49 -0.31
N SER I 53 10.10 27.92 -1.56
CA SER I 53 11.06 27.60 -2.62
C SER I 53 11.95 28.82 -2.89
N PRO I 54 13.11 28.63 -3.53
CA PRO I 54 13.92 29.80 -3.89
C PRO I 54 13.27 30.63 -5.00
N PHE I 55 12.17 30.15 -5.54
CA PHE I 55 11.43 30.86 -6.58
C PHE I 55 10.26 31.63 -5.99
N GLU I 56 10.06 31.49 -4.68
CA GLU I 56 8.96 32.15 -4.01
C GLU I 56 9.03 33.66 -4.23
N GLY I 57 7.90 34.24 -4.59
CA GLY I 57 7.85 35.68 -4.83
C GLY I 57 7.98 35.99 -6.31
N GLY I 58 8.46 35.03 -7.08
CA GLY I 58 8.60 35.20 -8.52
C GLY I 58 7.37 34.75 -9.26
N THR I 59 7.24 35.20 -10.51
CA THR I 59 6.19 34.72 -11.40
C THR I 59 6.84 34.24 -12.68
N PHE I 60 6.44 33.08 -13.17
CA PHE I 60 7.14 32.46 -14.29
C PHE I 60 6.17 32.20 -15.43
N LYS I 61 6.53 32.71 -16.61
CA LYS I 61 5.71 32.51 -17.79
C LYS I 61 5.96 31.12 -18.35
N LEU I 62 4.88 30.46 -18.71
CA LEU I 62 4.96 29.20 -19.43
C LEU I 62 4.01 29.26 -20.60
N GLU I 63 4.31 28.50 -21.63
CA GLU I 63 3.35 28.38 -22.70
C GLU I 63 2.97 26.91 -22.82
N LEU I 64 1.71 26.68 -23.15
CA LEU I 64 1.20 25.33 -23.26
C LEU I 64 0.46 25.21 -24.57
N PHE I 65 0.74 24.11 -25.28
CA PHE I 65 0.07 23.83 -26.54
C PHE I 65 -0.51 22.44 -26.54
N LEU I 66 -1.76 22.32 -27.00
CA LEU I 66 -2.42 21.03 -27.14
C LEU I 66 -2.38 20.59 -28.60
N PRO I 67 -1.52 19.60 -28.90
CA PRO I 67 -1.32 19.09 -30.27
C PRO I 67 -2.61 18.52 -30.88
N GLU I 68 -2.60 18.25 -32.18
CA GLU I 68 -3.74 17.67 -32.87
C GLU I 68 -4.20 16.38 -32.20
N GLU I 69 -3.24 15.52 -31.89
CA GLU I 69 -3.55 14.19 -31.40
C GLU I 69 -3.80 14.16 -29.89
N TYR I 70 -3.80 15.33 -29.26
CA TYR I 70 -4.19 15.42 -27.85
C TYR I 70 -5.63 14.93 -27.70
N PRO I 71 -5.89 14.08 -26.68
CA PRO I 71 -5.00 13.73 -25.56
C PRO I 71 -4.14 12.47 -25.76
N MET I 72 -4.13 11.88 -26.95
CA MET I 72 -3.24 10.74 -27.20
C MET I 72 -1.80 11.18 -27.06
N ALA I 73 -1.49 12.35 -27.61
CA ALA I 73 -0.18 12.96 -27.46
C ALA I 73 -0.19 13.90 -26.27
N ALA I 74 0.95 14.03 -25.60
CA ALA I 74 1.06 14.88 -24.43
C ALA I 74 0.95 16.35 -24.83
N PRO I 75 0.53 17.21 -23.88
CA PRO I 75 0.59 18.63 -24.16
C PRO I 75 2.05 19.06 -24.29
N LYS I 76 2.30 20.13 -25.03
CA LYS I 76 3.65 20.69 -25.10
C LYS I 76 3.74 21.87 -24.14
N VAL I 77 4.79 21.89 -23.32
CA VAL I 77 4.96 22.96 -22.34
C VAL I 77 6.41 23.42 -22.31
N ARG I 78 6.60 24.73 -22.14
CA ARG I 78 7.94 25.29 -22.04
C ARG I 78 7.91 26.55 -21.19
N PHE I 79 8.96 26.75 -20.39
CA PHE I 79 9.10 28.02 -19.68
C PHE I 79 9.51 29.11 -20.66
N MET I 80 8.98 30.32 -20.47
N MET I 80 8.97 30.31 -20.46
CA MET I 80 9.37 31.45 -21.29
CA MET I 80 9.34 31.46 -21.27
C MET I 80 10.07 32.49 -20.41
C MET I 80 10.09 32.47 -20.42
N THR I 81 10.17 32.18 -19.13
CA THR I 81 10.95 32.98 -18.19
C THR I 81 12.20 32.21 -17.82
N LYS I 82 13.35 32.85 -17.91
CA LYS I 82 14.61 32.22 -17.55
CA LYS I 82 14.62 32.23 -17.54
C LYS I 82 14.58 31.80 -16.08
N ILE I 83 15.00 30.56 -15.81
CA ILE I 83 14.92 30.04 -14.44
C ILE I 83 16.08 29.09 -14.18
N TYR I 84 16.59 29.13 -12.96
CA TYR I 84 17.73 28.30 -12.55
C TYR I 84 17.18 27.07 -11.86
N HIS I 85 17.11 25.97 -12.61
CA HIS I 85 16.48 24.76 -12.13
C HIS I 85 17.06 23.59 -12.88
N PRO I 86 17.38 22.49 -12.17
CA PRO I 86 18.02 21.31 -12.74
C PRO I 86 17.23 20.68 -13.88
N ASN I 87 15.92 20.89 -13.88
CA ASN I 87 15.04 20.23 -14.85
C ASN I 87 14.42 21.19 -15.85
N VAL I 88 14.96 22.40 -15.90
CA VAL I 88 14.57 23.37 -16.92
C VAL I 88 15.85 23.86 -17.60
N ASP I 89 15.93 23.72 -18.93
CA ASP I 89 17.18 24.10 -19.58
C ASP I 89 17.18 25.57 -19.99
N LYS I 90 18.20 25.95 -20.75
CA LYS I 90 18.42 27.35 -21.07
C LYS I 90 17.34 27.91 -21.97
N LEU I 91 16.65 27.03 -22.68
CA LEU I 91 15.58 27.45 -23.58
C LEU I 91 14.20 27.22 -22.97
N GLY I 92 14.18 26.80 -21.71
CA GLY I 92 12.93 26.68 -20.97
C GLY I 92 12.28 25.32 -21.11
N ARG I 93 12.95 24.41 -21.80
CA ARG I 93 12.40 23.07 -21.99
C ARG I 93 12.38 22.33 -20.66
N ILE I 94 11.29 21.62 -20.42
CA ILE I 94 11.05 21.00 -19.13
C ILE I 94 11.31 19.51 -19.18
N CYS I 95 12.14 19.03 -18.26
CA CYS I 95 12.35 17.61 -18.11
C CYS I 95 11.38 17.06 -17.08
N LEU I 96 10.28 16.48 -17.56
CA LEU I 96 9.23 15.94 -16.70
C LEU I 96 8.65 14.71 -17.37
N ASP I 97 8.71 13.57 -16.69
CA ASP I 97 8.45 12.30 -17.34
C ASP I 97 6.99 12.11 -17.78
N ILE I 98 6.08 12.87 -17.20
CA ILE I 98 4.68 12.77 -17.62
C ILE I 98 4.44 13.60 -18.87
N LEU I 99 5.46 14.34 -19.30
CA LEU I 99 5.40 15.08 -20.55
C LEU I 99 5.94 14.26 -21.71
N LYS I 100 6.43 13.07 -21.41
CA LYS I 100 7.01 12.18 -22.42
C LYS I 100 6.76 10.71 -22.14
N ASP I 101 7.47 10.18 -21.14
CA ASP I 101 7.39 8.76 -20.81
C ASP I 101 6.03 8.36 -20.25
N LYS I 102 5.68 8.93 -19.10
CA LYS I 102 4.49 8.52 -18.36
C LYS I 102 3.26 9.35 -18.69
N TRP I 103 3.07 9.68 -19.96
CA TRP I 103 1.85 10.40 -20.35
C TRP I 103 0.71 9.45 -20.68
N SER I 104 -0.44 9.69 -20.06
CA SER I 104 -1.67 8.96 -20.37
C SER I 104 -2.84 9.94 -20.46
N PRO I 105 -3.79 9.67 -21.37
CA PRO I 105 -4.94 10.56 -21.61
C PRO I 105 -5.80 10.87 -20.38
N ALA I 106 -5.55 10.24 -19.24
CA ALA I 106 -6.34 10.50 -18.05
C ALA I 106 -5.76 11.65 -17.22
N LEU I 107 -4.51 12.02 -17.53
CA LEU I 107 -3.77 12.96 -16.70
C LEU I 107 -4.35 14.37 -16.65
N GLN I 108 -4.71 14.92 -17.81
CA GLN I 108 -5.27 16.27 -17.97
C GLN I 108 -4.21 17.37 -17.91
N ILE I 109 -4.64 18.60 -18.20
CA ILE I 109 -3.74 19.74 -18.27
C ILE I 109 -3.29 20.23 -16.89
N ARG I 110 -4.24 20.34 -15.96
CA ARG I 110 -3.90 20.94 -14.67
C ARG I 110 -3.02 20.01 -13.84
N THR I 111 -3.05 18.72 -14.12
CA THR I 111 -2.15 17.78 -13.46
C THR I 111 -0.72 18.12 -13.83
N VAL I 112 -0.51 18.33 -15.14
CA VAL I 112 0.78 18.75 -15.66
C VAL I 112 1.24 20.05 -15.01
N LEU I 113 0.36 21.03 -14.94
CA LEU I 113 0.72 22.33 -14.40
C LEU I 113 1.08 22.25 -12.92
N LEU I 114 0.31 21.49 -12.16
CA LEU I 114 0.62 21.31 -10.74
C LEU I 114 1.93 20.54 -10.56
N SER I 115 2.16 19.56 -11.42
CA SER I 115 3.39 18.78 -11.39
C SER I 115 4.60 19.66 -11.68
N ILE I 116 4.47 20.58 -12.65
CA ILE I 116 5.54 21.53 -12.95
C ILE I 116 5.80 22.42 -11.75
N GLN I 117 4.73 22.90 -11.12
CA GLN I 117 4.85 23.71 -9.91
C GLN I 117 5.57 22.93 -8.82
N ALA I 118 5.24 21.65 -8.73
CA ALA I 118 5.82 20.77 -7.73
C ALA I 118 7.30 20.52 -8.01
N LEU I 119 7.66 20.55 -9.29
CA LEU I 119 9.04 20.40 -9.70
C LEU I 119 9.85 21.59 -9.21
N LEU I 120 9.26 22.78 -9.25
CA LEU I 120 9.88 23.98 -8.70
C LEU I 120 10.04 23.83 -7.19
N SER I 121 8.99 23.33 -6.54
CA SER I 121 8.99 23.13 -5.09
C SER I 121 10.01 22.07 -4.64
N ALA I 122 10.26 21.08 -5.50
CA ALA I 122 11.20 20.01 -5.18
C ALA I 122 11.96 19.56 -6.42
N PRO I 123 13.08 20.24 -6.72
CA PRO I 123 13.93 19.94 -7.88
C PRO I 123 14.49 18.52 -7.88
N ASN I 124 14.76 18.00 -9.07
CA ASN I 124 15.33 16.67 -9.23
C ASN I 124 16.69 16.71 -9.92
N PRO I 125 17.73 17.08 -9.16
CA PRO I 125 19.08 17.20 -9.71
C PRO I 125 19.62 15.89 -10.23
N ASP I 126 19.11 14.78 -9.68
CA ASP I 126 19.65 13.46 -9.98
C ASP I 126 19.08 12.89 -11.28
N ASP I 127 18.36 13.71 -12.02
CA ASP I 127 17.79 13.28 -13.30
C ASP I 127 18.88 13.04 -14.34
N PRO I 128 18.79 11.92 -15.08
CA PRO I 128 19.76 11.60 -16.12
C PRO I 128 19.94 12.70 -17.16
N LEU I 129 18.84 13.19 -17.73
CA LEU I 129 18.90 14.23 -18.74
C LEU I 129 18.79 15.63 -18.14
N ALA I 130 19.41 15.81 -16.97
CA ALA I 130 19.36 17.10 -16.30
C ALA I 130 20.41 18.06 -16.86
N ASN I 131 20.21 19.34 -16.58
CA ASN I 131 21.03 20.43 -17.11
C ASN I 131 22.54 20.28 -17.02
N ASP I 132 23.08 20.95 -16.01
CA ASP I 132 24.50 21.18 -15.79
C ASP I 132 24.44 22.03 -14.54
N VAL I 133 23.29 22.68 -14.42
CA VAL I 133 22.82 23.28 -13.19
C VAL I 133 22.66 22.18 -12.15
N ALA I 134 22.24 21.00 -12.61
CA ALA I 134 22.08 19.83 -11.75
C ALA I 134 23.34 19.54 -10.96
N GLU I 135 24.49 19.56 -11.65
CA GLU I 135 25.77 19.26 -11.03
C GLU I 135 26.06 20.22 -9.88
N GLN I 136 25.78 21.50 -10.08
CA GLN I 136 25.92 22.47 -9.00
C GLN I 136 24.93 22.16 -7.89
N TRP I 137 23.73 21.73 -8.27
CA TRP I 137 22.69 21.43 -7.29
C TRP I 137 23.04 20.21 -6.45
N LYS I 138 23.77 19.28 -7.05
CA LYS I 138 24.19 18.06 -6.36
C LYS I 138 25.33 18.31 -5.38
N THR I 139 26.36 19.02 -5.85
CA THR I 139 27.59 19.18 -5.10
C THR I 139 27.53 20.36 -4.14
N ASN I 140 26.90 21.44 -4.57
CA ASN I 140 26.77 22.63 -3.73
C ASN I 140 25.33 23.13 -3.73
N GLU I 141 24.44 22.36 -3.10
CA GLU I 141 23.02 22.67 -3.11
C GLU I 141 22.72 24.06 -2.55
N ALA I 142 23.44 24.45 -1.49
CA ALA I 142 23.21 25.75 -0.87
C ALA I 142 23.48 26.88 -1.85
N GLN I 143 24.56 26.77 -2.60
CA GLN I 143 24.91 27.80 -3.58
C GLN I 143 23.90 27.82 -4.73
N ALA I 144 23.49 26.62 -5.17
CA ALA I 144 22.53 26.51 -6.26
C ALA I 144 21.20 27.15 -5.89
N ILE I 145 20.76 26.94 -4.65
CA ILE I 145 19.52 27.52 -4.17
C ILE I 145 19.61 29.05 -4.11
N GLU I 146 20.77 29.57 -3.73
CA GLU I 146 20.93 31.02 -3.71
C GLU I 146 20.94 31.56 -5.14
N THR I 147 21.54 30.82 -6.06
CA THR I 147 21.57 31.24 -7.46
C THR I 147 20.17 31.19 -8.07
N ALA I 148 19.39 30.17 -7.71
CA ALA I 148 17.99 30.11 -8.10
C ALA I 148 17.25 31.34 -7.63
N ARG I 149 17.51 31.75 -6.39
CA ARG I 149 16.88 32.94 -5.83
C ARG I 149 17.39 34.17 -6.57
N ALA I 150 18.69 34.19 -6.88
CA ALA I 150 19.28 35.28 -7.64
C ALA I 150 18.58 35.44 -8.99
N TRP I 151 18.42 34.33 -9.71
CA TRP I 151 17.77 34.40 -11.02
C TRP I 151 16.30 34.78 -10.92
N THR I 152 15.66 34.39 -9.81
CA THR I 152 14.29 34.80 -9.58
C THR I 152 14.22 36.32 -9.45
N ARG I 153 15.14 36.90 -8.69
CA ARG I 153 15.21 38.36 -8.56
C ARG I 153 15.42 39.01 -9.92
N LEU I 154 16.30 38.42 -10.72
CA LEU I 154 16.72 39.02 -11.97
C LEU I 154 15.69 38.91 -13.08
N TYR I 155 14.98 37.80 -13.14
CA TYR I 155 14.14 37.51 -14.31
C TYR I 155 12.66 37.32 -14.02
N ALA I 156 12.31 37.01 -12.78
CA ALA I 156 10.92 36.62 -12.51
C ALA I 156 10.17 37.58 -11.59
N MET I 157 10.65 38.81 -11.45
CA MET I 157 9.98 39.76 -10.55
C MET I 157 9.23 40.83 -11.32
N ASN I 158 9.23 40.73 -12.64
CA ASN I 158 8.48 41.64 -13.49
C ASN I 158 7.72 40.93 -14.60
N GLN J 9 -99.00 38.93 -7.78
CA GLN J 9 -98.51 37.87 -6.91
C GLN J 9 -97.83 36.77 -7.71
N GLU J 10 -98.42 36.43 -8.85
CA GLU J 10 -97.85 35.43 -9.73
C GLU J 10 -96.50 35.86 -10.28
N HIS J 11 -96.40 37.13 -10.62
CA HIS J 11 -95.15 37.71 -11.10
C HIS J 11 -94.07 37.66 -10.04
N TRP J 12 -94.45 37.95 -8.82
CA TRP J 12 -93.53 37.90 -7.70
C TRP J 12 -93.01 36.49 -7.47
N ALA J 13 -93.88 35.52 -7.58
CA ALA J 13 -93.51 34.12 -7.45
C ALA J 13 -92.54 33.69 -8.53
N LEU J 14 -92.78 34.16 -9.74
CA LEU J 14 -91.90 33.88 -10.86
C LEU J 14 -90.52 34.49 -10.67
N MET J 15 -90.49 35.69 -10.13
CA MET J 15 -89.25 36.37 -9.85
C MET J 15 -88.44 35.65 -8.79
N GLU J 16 -89.12 35.14 -7.79
CA GLU J 16 -88.48 34.37 -6.75
C GLU J 16 -87.86 33.08 -7.28
N GLU J 17 -88.58 32.44 -8.18
CA GLU J 17 -88.10 31.23 -8.83
C GLU J 17 -86.87 31.50 -9.68
N LEU J 18 -86.88 32.63 -10.36
CA LEU J 18 -85.75 33.05 -11.18
C LEU J 18 -84.53 33.33 -10.33
N ASN J 19 -84.74 33.94 -9.20
CA ASN J 19 -83.67 34.22 -8.27
C ASN J 19 -83.03 32.96 -7.72
N ARG J 20 -83.87 31.98 -7.43
CA ARG J 20 -83.40 30.68 -6.97
C ARG J 20 -82.57 29.97 -8.03
N SER J 21 -83.01 30.06 -9.26
CA SER J 21 -82.29 29.49 -10.39
C SER J 21 -80.94 30.14 -10.58
N LYS J 22 -80.91 31.45 -10.42
CA LYS J 22 -79.67 32.20 -10.54
C LYS J 22 -78.67 31.81 -9.46
N LYS J 23 -79.17 31.60 -8.25
CA LYS J 23 -78.34 31.17 -7.14
C LYS J 23 -77.74 29.79 -7.39
N ASP J 24 -78.54 28.91 -7.95
CA ASP J 24 -78.09 27.57 -8.30
C ASP J 24 -77.01 27.60 -9.37
N PHE J 25 -77.20 28.48 -10.34
CA PHE J 25 -76.22 28.67 -11.39
C PHE J 25 -74.90 29.19 -10.86
N GLU J 26 -74.98 30.10 -9.92
CA GLU J 26 -73.80 30.66 -9.29
C GLU J 26 -73.02 29.60 -8.52
N ALA J 27 -73.76 28.73 -7.84
CA ALA J 27 -73.16 27.64 -7.10
C ALA J 27 -72.45 26.66 -8.03
N ILE J 28 -73.07 26.39 -9.17
CA ILE J 28 -72.49 25.53 -10.18
C ILE J 28 -71.21 26.11 -10.76
N ILE J 29 -71.23 27.41 -10.98
CA ILE J 29 -70.07 28.12 -11.49
C ILE J 29 -68.90 28.05 -10.51
N GLN J 30 -69.22 28.20 -9.24
CA GLN J 30 -68.21 28.11 -8.19
C GLN J 30 -67.58 26.73 -8.13
N ALA J 31 -68.41 25.71 -8.28
CA ALA J 31 -67.94 24.34 -8.31
C ALA J 31 -67.03 24.07 -9.50
N LYS J 32 -67.39 24.64 -10.64
CA LYS J 32 -66.59 24.52 -11.84
C LYS J 32 -65.24 25.19 -11.69
N ASN J 33 -65.23 26.33 -11.05
CA ASN J 33 -64.01 27.05 -10.77
C ASN J 33 -63.07 26.27 -9.87
N LYS J 34 -63.64 25.64 -8.87
CA LYS J 34 -62.89 24.80 -7.97
C LYS J 34 -62.26 23.60 -8.68
N GLU J 35 -63.03 23.02 -9.58
CA GLU J 35 -62.55 21.90 -10.38
C GLU J 35 -61.41 22.32 -11.30
N LEU J 36 -61.53 23.49 -11.86
CA LEU J 36 -60.50 24.04 -12.72
C LEU J 36 -59.20 24.28 -11.96
N GLU J 37 -59.33 24.77 -10.74
CA GLU J 37 -58.19 25.01 -9.89
C GLU J 37 -57.48 23.71 -9.53
N GLN J 38 -58.25 22.67 -9.28
CA GLN J 38 -57.72 21.35 -8.98
C GLN J 38 -56.98 20.77 -10.18
N THR J 39 -57.53 20.98 -11.35
CA THR J 39 -56.92 20.54 -12.58
C THR J 39 -55.59 21.24 -12.84
N LYS J 40 -55.56 22.51 -12.55
CA LYS J 40 -54.35 23.31 -12.70
C LYS J 40 -53.25 22.83 -11.76
N GLU J 41 -53.62 22.49 -10.54
CA GLU J 41 -52.71 21.95 -9.57
C GLU J 41 -52.13 20.62 -10.00
N GLU J 42 -52.98 19.79 -10.57
CA GLU J 42 -52.57 18.50 -11.09
C GLU J 42 -51.59 18.64 -12.25
N LYS J 43 -51.85 19.61 -13.10
CA LYS J 43 -50.99 19.90 -14.22
C LYS J 43 -49.62 20.36 -13.76
N GLU J 44 -49.59 21.18 -12.74
CA GLU J 44 -48.35 21.66 -12.17
C GLU J 44 -47.53 20.53 -11.58
N LYS J 45 -48.20 19.61 -10.92
CA LYS J 45 -47.56 18.43 -10.36
C LYS J 45 -46.97 17.54 -11.44
N MET J 46 -47.69 17.40 -12.53
CA MET J 46 -47.24 16.62 -13.67
C MET J 46 -46.01 17.24 -14.31
N GLN J 47 -46.01 18.55 -14.40
CA GLN J 47 -44.87 19.28 -14.94
C GLN J 47 -43.63 19.10 -14.09
N ALA J 48 -43.81 19.12 -12.78
CA ALA J 48 -42.72 18.91 -11.85
C ALA J 48 -42.14 17.50 -11.97
N GLN J 49 -43.01 16.53 -12.16
CA GLN J 49 -42.60 15.15 -12.35
C GLN J 49 -41.83 14.98 -13.63
N LYS J 50 -42.26 15.65 -14.67
CA LYS J 50 -41.58 15.62 -15.96
C LYS J 50 -40.19 16.21 -15.86
N GLU J 51 -40.06 17.26 -15.06
CA GLU J 51 -38.75 17.86 -14.81
C GLU J 51 -37.72 16.93 -14.13
N GLU J 52 -38.18 15.98 -13.32
CA GLU J 52 -37.27 15.17 -12.51
C GLU J 52 -36.61 14.01 -13.25
N VAL J 53 -37.38 13.32 -14.08
CA VAL J 53 -36.89 12.20 -14.86
C VAL J 53 -35.72 12.61 -15.75
N LEU J 54 -35.70 13.88 -16.13
CA LEU J 54 -34.62 14.44 -16.93
C LEU J 54 -33.33 14.53 -16.13
N SER J 55 -33.45 14.84 -14.84
CA SER J 55 -32.30 14.85 -13.95
C SER J 55 -31.80 13.43 -13.76
N HIS J 56 -32.74 12.53 -13.47
CA HIS J 56 -32.42 11.12 -13.32
C HIS J 56 -31.79 10.54 -14.59
N MET J 57 -32.05 11.20 -15.71
CA MET J 57 -31.45 10.82 -16.99
C MET J 57 -30.08 11.44 -17.16
N ASN J 58 -29.89 12.66 -16.65
CA ASN J 58 -28.61 13.33 -16.85
C ASN J 58 -27.59 12.80 -15.84
N ASP J 59 -28.08 11.97 -14.91
CA ASP J 59 -27.21 11.31 -13.91
C ASP J 59 -26.11 10.33 -14.43
N VAL J 60 -26.50 9.44 -15.32
CA VAL J 60 -25.59 8.40 -15.85
C VAL J 60 -24.77 8.97 -16.99
N LEU J 61 -25.44 9.96 -17.58
CA LEU J 61 -25.01 10.64 -18.77
C LEU J 61 -23.63 11.13 -18.55
N GLU J 62 -23.56 12.21 -17.78
CA GLU J 62 -22.31 12.90 -17.53
C GLU J 62 -21.32 12.07 -16.74
N ASN J 63 -21.81 11.34 -15.76
CA ASN J 63 -20.95 10.74 -14.75
C ASN J 63 -20.44 9.33 -14.93
N GLU J 64 -20.96 8.59 -15.87
CA GLU J 64 -20.65 7.19 -15.76
C GLU J 64 -20.25 6.62 -17.08
N LEU J 65 -20.86 7.16 -18.12
CA LEU J 65 -20.73 6.59 -19.42
C LEU J 65 -19.71 7.33 -20.23
N GLN J 66 -19.04 8.29 -19.64
CA GLN J 66 -18.15 9.03 -20.54
C GLN J 66 -16.79 8.37 -20.59
N CYS J 67 -16.28 8.17 -21.80
CA CYS J 67 -14.91 7.83 -22.06
C CYS J 67 -13.96 8.89 -21.52
N ILE J 68 -12.99 8.45 -20.70
CA ILE J 68 -12.05 9.40 -20.11
C ILE J 68 -11.12 10.05 -21.15
N ILE J 69 -10.94 9.42 -22.31
CA ILE J 69 -10.03 9.96 -23.32
C ILE J 69 -10.67 11.13 -24.08
N CYS J 70 -11.92 10.96 -24.51
CA CYS J 70 -12.57 11.96 -25.36
C CYS J 70 -13.65 12.76 -24.64
N SER J 71 -14.05 12.30 -23.45
CA SER J 71 -15.12 12.95 -22.66
C SER J 71 -16.51 12.89 -23.29
N GLU J 72 -16.70 12.02 -24.29
CA GLU J 72 -18.01 11.83 -24.89
C GLU J 72 -18.61 10.57 -24.28
N TYR J 73 -19.93 10.42 -24.34
CA TYR J 73 -20.52 9.11 -23.99
C TYR J 73 -19.89 8.04 -24.88
N PHE J 74 -19.60 6.88 -24.29
CA PHE J 74 -18.87 5.82 -25.01
C PHE J 74 -19.52 5.56 -26.37
N ILE J 75 -18.70 5.50 -27.40
CA ILE J 75 -19.12 5.09 -28.74
C ILE J 75 -18.43 3.75 -29.00
N GLU J 76 -19.24 2.70 -29.15
CA GLU J 76 -18.73 1.31 -29.22
C GLU J 76 -17.81 0.98 -28.07
N ALA J 77 -18.41 0.95 -26.88
CA ALA J 77 -17.71 0.71 -25.65
C ALA J 77 -16.95 -0.62 -25.69
N VAL J 78 -15.70 -0.60 -25.24
CA VAL J 78 -14.89 -1.81 -25.10
C VAL J 78 -14.35 -1.84 -23.69
N THR J 79 -14.25 -3.04 -23.14
CA THR J 79 -13.77 -3.24 -21.79
C THR J 79 -12.47 -4.05 -21.82
N LEU J 80 -11.46 -3.54 -21.14
CA LEU J 80 -10.17 -4.20 -21.08
C LEU J 80 -10.15 -5.25 -19.99
N ASN J 81 -9.10 -6.06 -19.99
CA ASN J 81 -8.90 -7.09 -18.98
C ASN J 81 -8.86 -6.51 -17.55
N CYS J 82 -8.46 -5.25 -17.44
CA CYS J 82 -8.33 -4.56 -16.14
C CYS J 82 -9.67 -3.96 -15.66
N ALA J 83 -10.72 -4.17 -16.46
CA ALA J 83 -12.09 -3.83 -16.12
C ALA J 83 -12.44 -2.38 -16.44
N HIS J 84 -11.51 -1.64 -17.05
CA HIS J 84 -11.78 -0.29 -17.50
C HIS J 84 -12.32 -0.29 -18.92
N SER J 85 -13.16 0.68 -19.22
CA SER J 85 -13.80 0.79 -20.55
C SER J 85 -13.43 2.11 -21.26
N PHE J 86 -13.42 2.05 -22.60
CA PHE J 86 -13.10 3.18 -23.45
C PHE J 86 -13.90 3.03 -24.73
N CYS J 87 -14.02 4.10 -25.50
CA CYS J 87 -14.52 4.00 -26.87
C CYS J 87 -13.59 3.11 -27.65
N SER J 88 -14.12 2.39 -28.62
CA SER J 88 -13.30 1.52 -29.44
C SER J 88 -12.27 2.39 -30.19
N TYR J 89 -12.72 3.51 -30.73
CA TYR J 89 -11.84 4.37 -31.50
C TYR J 89 -10.71 4.91 -30.64
N CYS J 90 -11.04 5.36 -29.45
CA CYS J 90 -10.07 5.99 -28.56
C CYS J 90 -8.99 5.03 -28.08
N ILE J 91 -9.42 3.86 -27.63
CA ILE J 91 -8.43 2.88 -27.20
C ILE J 91 -7.61 2.37 -28.38
N ASN J 92 -8.23 2.22 -29.56
CA ASN J 92 -7.48 1.76 -30.72
C ASN J 92 -6.39 2.76 -31.13
N GLU J 93 -6.68 4.07 -31.02
CA GLU J 93 -5.68 5.12 -31.26
C GLU J 93 -4.58 5.10 -30.18
N TRP J 94 -4.99 5.02 -28.92
CA TRP J 94 -4.04 4.93 -27.80
C TRP J 94 -3.02 3.79 -28.00
N MET J 95 -3.52 2.62 -28.42
CA MET J 95 -2.71 1.41 -28.57
C MET J 95 -1.73 1.46 -29.73
N LYS J 96 -1.86 2.47 -30.58
CA LYS J 96 -0.83 2.73 -31.60
C LYS J 96 0.46 3.29 -30.95
N ARG J 97 0.37 3.75 -29.71
CA ARG J 97 1.52 4.25 -28.98
C ARG J 97 1.87 3.48 -27.72
N LYS J 98 0.86 3.02 -26.97
CA LYS J 98 1.11 2.29 -25.72
C LYS J 98 0.15 1.11 -25.58
N ILE J 99 0.66 -0.06 -25.21
CA ILE J 99 -0.20 -1.24 -25.01
C ILE J 99 -0.46 -1.36 -23.51
N GLU J 100 -1.03 -0.30 -22.94
CA GLU J 100 -1.34 -0.24 -21.53
C GLU J 100 -2.58 0.60 -21.29
N CYS J 101 -3.32 0.25 -20.24
CA CYS J 101 -4.52 0.98 -19.91
C CYS J 101 -4.19 2.45 -19.61
N PRO J 102 -4.89 3.37 -20.27
CA PRO J 102 -4.74 4.79 -19.97
C PRO J 102 -5.03 5.11 -18.51
N ILE J 103 -5.94 4.36 -17.88
CA ILE J 103 -6.29 4.62 -16.48
C ILE J 103 -5.34 3.99 -15.48
N CYS J 104 -5.17 2.66 -15.53
CA CYS J 104 -4.37 1.99 -14.52
C CYS J 104 -2.97 1.57 -14.98
N ARG J 105 -2.70 1.72 -16.27
CA ARG J 105 -1.39 1.43 -16.85
C ARG J 105 -0.98 -0.05 -16.82
N LYS J 106 -1.93 -0.91 -16.51
CA LYS J 106 -1.72 -2.34 -16.67
C LYS J 106 -1.62 -2.72 -18.15
N ASP J 107 -0.75 -3.68 -18.45
CA ASP J 107 -0.62 -4.24 -19.80
C ASP J 107 -1.99 -4.71 -20.33
N ILE J 108 -2.32 -4.34 -21.56
CA ILE J 108 -3.58 -4.78 -22.15
C ILE J 108 -3.48 -6.19 -22.71
N LYS J 109 -4.28 -7.07 -22.15
CA LYS J 109 -4.31 -8.47 -22.51
C LYS J 109 -5.56 -8.87 -23.30
N SER J 110 -6.64 -8.11 -23.19
CA SER J 110 -7.86 -8.42 -23.91
C SER J 110 -8.70 -7.14 -24.06
N LYS J 111 -9.55 -7.09 -25.09
CA LYS J 111 -10.40 -5.96 -25.39
C LYS J 111 -11.72 -6.54 -25.85
N THR J 112 -12.79 -6.20 -25.13
CA THR J 112 -14.06 -6.85 -25.35
C THR J 112 -15.16 -5.83 -25.55
N TYR J 113 -15.89 -5.96 -26.64
CA TYR J 113 -17.05 -5.07 -26.88
C TYR J 113 -18.14 -5.31 -25.82
N SER J 114 -18.84 -4.26 -25.41
CA SER J 114 -19.87 -4.41 -24.40
C SER J 114 -21.22 -3.95 -24.91
N LEU J 115 -22.08 -4.90 -25.24
CA LEU J 115 -23.41 -4.60 -25.75
C LEU J 115 -24.27 -3.89 -24.74
N VAL J 116 -24.17 -4.26 -23.46
CA VAL J 116 -25.00 -3.63 -22.42
C VAL J 116 -24.69 -2.13 -22.29
N LEU J 117 -23.41 -1.78 -22.27
CA LEU J 117 -23.01 -0.38 -22.22
C LEU J 117 -23.54 0.43 -23.42
N ASP J 118 -23.37 -0.14 -24.62
CA ASP J 118 -23.82 0.49 -25.84
C ASP J 118 -25.33 0.68 -25.86
N ASN J 119 -26.08 -0.37 -25.55
CA ASN J 119 -27.55 -0.29 -25.54
C ASN J 119 -28.07 0.69 -24.50
N CYS J 120 -27.47 0.71 -23.32
CA CYS J 120 -27.87 1.66 -22.26
C CYS J 120 -27.63 3.09 -22.70
N ILE J 121 -26.45 3.38 -23.24
CA ILE J 121 -26.15 4.70 -23.77
C ILE J 121 -27.12 5.10 -24.87
N ASN J 122 -27.28 4.24 -25.88
CA ASN J 122 -28.19 4.53 -26.99
C ASN J 122 -29.62 4.80 -26.55
N LYS J 123 -30.13 3.98 -25.63
CA LYS J 123 -31.48 4.17 -25.12
C LYS J 123 -31.72 5.44 -24.30
N MET J 124 -30.72 5.87 -23.53
CA MET J 124 -30.83 7.06 -22.70
C MET J 124 -30.66 8.31 -23.52
N VAL J 125 -29.67 8.29 -24.40
CA VAL J 125 -29.41 9.45 -25.26
C VAL J 125 -30.60 9.74 -26.17
N ASN J 126 -31.34 8.70 -26.55
CA ASN J 126 -32.53 8.88 -27.39
C ASN J 126 -33.59 9.79 -26.75
N ASN J 127 -33.50 10.01 -25.44
CA ASN J 127 -34.47 10.89 -24.73
C ASN J 127 -34.03 12.34 -24.55
N LEU J 128 -32.80 12.65 -24.95
CA LEU J 128 -32.22 13.97 -24.72
C LEU J 128 -32.47 14.87 -25.93
N SER J 129 -31.92 16.07 -25.92
CA SER J 129 -32.25 17.07 -26.94
C SER J 129 -31.74 16.63 -28.31
N SER J 130 -32.30 17.26 -29.34
CA SER J 130 -31.87 17.04 -30.72
C SER J 130 -30.39 17.35 -30.86
N GLU J 131 -29.96 18.44 -30.21
CA GLU J 131 -28.55 18.84 -30.24
C GLU J 131 -27.61 17.74 -29.74
N VAL J 132 -27.98 17.10 -28.63
CA VAL J 132 -27.16 16.03 -28.05
C VAL J 132 -27.15 14.78 -28.94
N LYS J 133 -28.33 14.41 -29.45
CA LYS J 133 -28.48 13.24 -30.28
C LYS J 133 -27.70 13.41 -31.57
N GLU J 134 -27.82 14.59 -32.17
CA GLU J 134 -27.10 14.92 -33.41
C GLU J 134 -25.58 14.92 -33.28
N ARG J 135 -25.06 15.49 -32.21
CA ARG J 135 -23.61 15.45 -31.92
C ARG J 135 -23.08 14.02 -31.92
N ARG J 136 -23.78 13.14 -31.22
CA ARG J 136 -23.41 11.75 -31.20
C ARG J 136 -23.41 11.14 -32.60
N ILE J 137 -24.45 11.38 -33.37
CA ILE J 137 -24.50 10.86 -34.74
C ILE J 137 -23.31 11.40 -35.58
N VAL J 138 -22.98 12.67 -35.41
CA VAL J 138 -21.84 13.25 -36.14
C VAL J 138 -20.56 12.57 -35.72
N LEU J 139 -20.37 12.40 -34.42
CA LEU J 139 -19.13 11.79 -33.90
C LEU J 139 -18.96 10.39 -34.40
N ILE J 140 -20.07 9.65 -34.49
CA ILE J 140 -19.99 8.27 -34.97
C ILE J 140 -19.56 8.26 -36.43
N ARG J 141 -20.15 9.18 -37.20
CA ARG J 141 -19.83 9.32 -38.62
C ARG J 141 -18.37 9.72 -38.82
N GLU J 142 -17.91 10.69 -38.03
CA GLU J 142 -16.53 11.14 -38.11
C GLU J 142 -15.56 10.00 -37.81
N ARG J 143 -15.83 9.29 -36.71
CA ARG J 143 -15.00 8.15 -36.32
C ARG J 143 -15.04 7.07 -37.40
N LYS J 144 -16.19 6.93 -38.04
CA LYS J 144 -16.36 5.95 -39.11
C LYS J 144 -15.48 6.31 -40.31
N ALA J 145 -15.44 7.60 -40.64
CA ALA J 145 -14.62 8.08 -41.75
C ALA J 145 -13.17 7.77 -41.42
N LYS J 146 -12.81 7.98 -40.16
CA LYS J 146 -11.47 7.67 -39.68
C LYS J 146 -11.15 6.21 -39.93
N ARG J 147 -12.05 5.33 -39.50
CA ARG J 147 -11.89 3.91 -39.76
C ARG J 147 -11.56 3.67 -41.24
N PRO K 6 -98.61 49.89 -12.59
CA PRO K 6 -97.27 50.37 -12.90
C PRO K 6 -96.20 49.49 -12.27
N GLU K 7 -96.46 49.02 -11.05
CA GLU K 7 -95.61 48.05 -10.40
C GLU K 7 -95.69 46.73 -11.13
N PHE K 8 -96.73 46.61 -11.95
CA PHE K 8 -96.88 45.50 -12.89
C PHE K 8 -95.72 45.45 -13.87
N GLN K 9 -95.65 46.48 -14.71
CA GLN K 9 -94.61 46.59 -15.73
C GLN K 9 -93.22 46.68 -15.10
N GLU K 10 -93.17 47.20 -13.87
CA GLU K 10 -91.94 47.23 -13.10
C GLU K 10 -91.49 45.81 -12.80
N HIS K 11 -92.42 45.01 -12.28
CA HIS K 11 -92.13 43.62 -11.98
C HIS K 11 -91.70 42.85 -13.22
N TRP K 12 -92.35 43.13 -14.32
CA TRP K 12 -92.03 42.51 -15.59
C TRP K 12 -90.63 42.89 -16.05
N ALA K 13 -90.29 44.15 -15.88
CA ALA K 13 -88.97 44.65 -16.21
C ALA K 13 -87.89 43.99 -15.37
N LEU K 14 -88.17 43.80 -14.10
CA LEU K 14 -87.27 43.13 -13.19
C LEU K 14 -87.05 41.68 -13.57
N MET K 15 -88.13 41.03 -13.99
CA MET K 15 -88.07 39.65 -14.43
C MET K 15 -87.21 39.51 -15.68
N GLU K 16 -87.35 40.45 -16.59
CA GLU K 16 -86.57 40.47 -17.81
C GLU K 16 -85.08 40.63 -17.52
N GLU K 17 -84.77 41.49 -16.57
CA GLU K 17 -83.41 41.71 -16.14
C GLU K 17 -82.80 40.47 -15.51
N LEU K 18 -83.61 39.78 -14.73
CA LEU K 18 -83.19 38.55 -14.10
C LEU K 18 -82.90 37.46 -15.13
N ASN K 19 -83.73 37.40 -16.14
CA ASN K 19 -83.56 36.45 -17.22
C ASN K 19 -82.27 36.70 -17.99
N ARG K 20 -81.97 37.96 -18.22
CA ARG K 20 -80.74 38.36 -18.89
C ARG K 20 -79.51 37.98 -18.08
N SER K 21 -79.61 38.17 -16.77
CA SER K 21 -78.54 37.79 -15.87
C SER K 21 -78.30 36.29 -15.85
N LYS K 22 -79.38 35.54 -15.89
CA LYS K 22 -79.31 34.09 -15.94
C LYS K 22 -78.64 33.61 -17.21
N LYS K 23 -78.97 34.25 -18.31
CA LYS K 23 -78.37 33.92 -19.60
C LYS K 23 -76.88 34.19 -19.61
N ASP K 24 -76.48 35.30 -19.00
CA ASP K 24 -75.07 35.64 -18.86
C ASP K 24 -74.32 34.64 -18.01
N PHE K 25 -74.95 34.19 -16.95
CA PHE K 25 -74.38 33.19 -16.07
C PHE K 25 -74.19 31.86 -16.78
N GLU K 26 -75.15 31.50 -17.60
CA GLU K 26 -75.09 30.28 -18.39
C GLU K 26 -73.94 30.32 -19.38
N ALA K 27 -73.76 31.47 -20.00
CA ALA K 27 -72.66 31.67 -20.93
C ALA K 27 -71.31 31.56 -20.26
N ILE K 28 -71.21 32.10 -19.05
CA ILE K 28 -70.00 32.02 -18.26
C ILE K 28 -69.69 30.59 -17.87
N ILE K 29 -70.72 29.84 -17.53
CA ILE K 29 -70.57 28.45 -17.18
C ILE K 29 -70.08 27.62 -18.36
N GLN K 30 -70.60 27.92 -19.52
CA GLN K 30 -70.17 27.26 -20.74
C GLN K 30 -68.71 27.52 -21.06
N ALA K 31 -68.29 28.76 -20.85
CA ALA K 31 -66.91 29.14 -21.05
C ALA K 31 -65.98 28.43 -20.07
N LYS K 32 -66.43 28.30 -18.85
CA LYS K 32 -65.68 27.60 -17.82
C LYS K 32 -65.52 26.12 -18.16
N ASN K 33 -66.58 25.53 -18.68
CA ASN K 33 -66.55 24.14 -19.09
C ASN K 33 -65.56 23.91 -20.22
N LYS K 34 -65.53 24.83 -21.16
CA LYS K 34 -64.61 24.77 -22.27
C LYS K 34 -63.16 24.88 -21.80
N GLU K 35 -62.93 25.75 -20.84
CA GLU K 35 -61.61 25.91 -20.25
C GLU K 35 -61.16 24.65 -19.53
N LEU K 36 -62.09 24.02 -18.84
CA LEU K 36 -61.81 22.78 -18.14
C LEU K 36 -61.44 21.66 -19.10
N GLU K 37 -62.14 21.61 -20.21
CA GLU K 37 -61.87 20.62 -21.24
C GLU K 37 -60.48 20.81 -21.84
N GLN K 38 -60.11 22.06 -22.06
CA GLN K 38 -58.79 22.40 -22.57
C GLN K 38 -57.69 22.00 -21.59
N THR K 39 -57.95 22.21 -20.32
CA THR K 39 -57.02 21.84 -19.27
C THR K 39 -56.83 20.34 -19.20
N LYS K 40 -57.91 19.62 -19.36
CA LYS K 40 -57.87 18.17 -19.37
C LYS K 40 -57.05 17.63 -20.53
N GLU K 41 -57.22 18.25 -21.69
CA GLU K 41 -56.46 17.89 -22.87
C GLU K 41 -54.96 18.13 -22.68
N GLU K 42 -54.64 19.24 -22.04
CA GLU K 42 -53.26 19.58 -21.74
C GLU K 42 -52.64 18.59 -20.77
N LYS K 43 -53.41 18.17 -19.80
CA LYS K 43 -52.98 17.19 -18.82
C LYS K 43 -52.70 15.85 -19.48
N GLU K 44 -53.54 15.46 -20.41
CA GLU K 44 -53.37 14.24 -21.15
C GLU K 44 -52.11 14.26 -21.99
N LYS K 45 -51.83 15.39 -22.60
CA LYS K 45 -50.63 15.59 -23.38
C LYS K 45 -49.38 15.50 -22.52
N MET K 46 -49.45 16.07 -21.33
CA MET K 46 -48.36 16.02 -20.39
C MET K 46 -48.08 14.60 -19.93
N GLN K 47 -49.13 13.85 -19.71
CA GLN K 47 -49.02 12.46 -19.31
C GLN K 47 -48.35 11.62 -20.39
N ALA K 48 -48.71 11.88 -21.64
CA ALA K 48 -48.11 11.21 -22.77
C ALA K 48 -46.62 11.51 -22.89
N GLN K 49 -46.27 12.77 -22.66
CA GLN K 49 -44.89 13.19 -22.67
C GLN K 49 -44.08 12.52 -21.58
N LYS K 50 -44.68 12.39 -20.41
CA LYS K 50 -44.05 11.73 -19.29
C LYS K 50 -43.79 10.26 -19.57
N GLU K 51 -44.78 9.62 -20.21
CA GLU K 51 -44.80 8.16 -20.39
C GLU K 51 -43.58 7.55 -21.09
N GLU K 52 -43.07 8.22 -22.12
CA GLU K 52 -41.95 7.72 -22.91
C GLU K 52 -40.70 7.49 -22.05
N VAL K 53 -40.45 8.43 -21.14
CA VAL K 53 -39.31 8.31 -20.23
C VAL K 53 -39.47 7.13 -19.29
N LEU K 54 -40.71 6.90 -18.85
CA LEU K 54 -41.00 5.79 -17.94
C LEU K 54 -40.79 4.45 -18.62
N SER K 55 -41.26 4.33 -19.86
CA SER K 55 -41.05 3.12 -20.64
C SER K 55 -39.55 2.90 -20.87
N HIS K 56 -38.86 3.98 -21.21
CA HIS K 56 -37.42 3.93 -21.43
C HIS K 56 -36.67 3.50 -20.18
N MET K 57 -37.18 3.88 -19.01
CA MET K 57 -36.54 3.51 -17.74
C MET K 57 -36.80 2.04 -17.41
N ASN K 58 -38.04 1.61 -17.59
CA ASN K 58 -38.40 0.20 -17.35
C ASN K 58 -38.09 -0.79 -18.52
N ASP K 59 -37.37 -0.32 -19.55
CA ASP K 59 -36.63 -1.20 -20.48
C ASP K 59 -35.12 -0.88 -20.39
N VAL K 60 -34.77 0.13 -19.61
CA VAL K 60 -33.40 0.37 -19.23
C VAL K 60 -33.02 -0.66 -18.18
N LEU K 61 -33.68 -0.50 -17.04
CA LEU K 61 -33.41 -1.20 -15.79
C LEU K 61 -33.71 -2.68 -15.87
N GLU K 62 -34.72 -3.03 -16.65
CA GLU K 62 -35.20 -4.41 -16.72
C GLU K 62 -34.63 -5.22 -17.90
N ASN K 63 -34.19 -4.56 -18.95
CA ASN K 63 -33.78 -5.28 -20.15
C ASN K 63 -32.29 -5.21 -20.44
N GLU K 64 -31.60 -4.25 -19.84
CA GLU K 64 -30.20 -4.07 -20.16
C GLU K 64 -29.37 -4.28 -18.94
N LEU K 65 -30.02 -4.09 -17.81
CA LEU K 65 -29.34 -4.11 -16.53
C LEU K 65 -29.59 -5.39 -15.75
N GLN K 66 -30.53 -6.21 -16.18
CA GLN K 66 -30.87 -7.43 -15.41
C GLN K 66 -30.20 -8.66 -16.01
N CYS K 67 -29.54 -9.42 -15.14
CA CYS K 67 -28.94 -10.70 -15.52
C CYS K 67 -30.00 -11.70 -15.93
N ILE K 68 -29.83 -12.32 -17.11
CA ILE K 68 -30.80 -13.29 -17.63
C ILE K 68 -30.83 -14.57 -16.80
N ILE K 69 -29.75 -14.90 -16.10
CA ILE K 69 -29.71 -16.14 -15.30
C ILE K 69 -30.48 -15.98 -14.00
N CYS K 70 -30.29 -14.87 -13.28
CA CYS K 70 -30.89 -14.70 -11.93
C CYS K 70 -32.00 -13.65 -11.84
N SER K 71 -32.21 -12.88 -12.92
CA SER K 71 -33.21 -11.83 -12.98
C SER K 71 -32.97 -10.71 -11.95
N GLU K 72 -31.73 -10.54 -11.48
CA GLU K 72 -31.38 -9.42 -10.63
C GLU K 72 -30.56 -8.43 -11.46
N TYR K 73 -30.52 -7.16 -11.05
CA TYR K 73 -29.54 -6.23 -11.63
C TYR K 73 -28.16 -6.85 -11.48
N PHE K 74 -27.32 -6.81 -12.52
CA PHE K 74 -26.00 -7.48 -12.47
C PHE K 74 -25.24 -7.20 -11.18
N ILE K 75 -24.68 -8.24 -10.58
CA ILE K 75 -23.83 -8.10 -9.40
C ILE K 75 -22.46 -8.56 -9.82
N GLU K 76 -21.48 -7.65 -9.76
CA GLU K 76 -20.13 -7.94 -10.25
C GLU K 76 -20.19 -8.34 -11.72
N ALA K 77 -20.56 -7.38 -12.56
CA ALA K 77 -20.81 -7.66 -13.95
C ALA K 77 -19.52 -8.19 -14.63
N VAL K 78 -19.72 -9.23 -15.42
CA VAL K 78 -18.66 -9.75 -16.27
C VAL K 78 -19.16 -9.77 -17.70
N THR K 79 -18.28 -9.37 -18.61
CA THR K 79 -18.61 -9.32 -20.04
C THR K 79 -17.78 -10.38 -20.77
N LEU K 80 -18.44 -11.20 -21.57
CA LEU K 80 -17.79 -12.28 -22.31
C LEU K 80 -17.31 -11.81 -23.67
N ASN K 81 -16.51 -12.63 -24.33
CA ASN K 81 -15.97 -12.32 -25.66
C ASN K 81 -17.06 -11.99 -26.67
N CYS K 82 -18.23 -12.60 -26.49
CA CYS K 82 -19.37 -12.38 -27.41
C CYS K 82 -20.16 -11.08 -27.11
N ALA K 83 -19.68 -10.33 -26.12
CA ALA K 83 -20.21 -9.01 -25.75
C ALA K 83 -21.40 -9.04 -24.79
N HIS K 84 -21.84 -10.22 -24.37
CA HIS K 84 -22.94 -10.32 -23.42
C HIS K 84 -22.43 -10.27 -22.01
N SER K 85 -23.23 -9.71 -21.11
CA SER K 85 -22.82 -9.60 -19.72
C SER K 85 -23.72 -10.41 -18.77
N PHE K 86 -23.14 -10.81 -17.65
CA PHE K 86 -23.80 -11.66 -16.63
C PHE K 86 -23.21 -11.29 -15.26
N CYS K 87 -23.88 -11.64 -14.18
CA CYS K 87 -23.25 -11.57 -12.87
C CYS K 87 -22.06 -12.53 -12.90
N SER K 88 -21.00 -12.17 -12.18
CA SER K 88 -19.86 -13.07 -12.02
C SER K 88 -20.27 -14.42 -11.43
N TYR K 89 -21.06 -14.38 -10.38
CA TYR K 89 -21.51 -15.60 -9.71
C TYR K 89 -22.30 -16.48 -10.68
N CYS K 90 -23.24 -15.87 -11.38
CA CYS K 90 -24.12 -16.60 -12.29
C CYS K 90 -23.35 -17.28 -13.40
N ILE K 91 -22.47 -16.53 -14.08
CA ILE K 91 -21.76 -17.10 -15.21
C ILE K 91 -20.77 -18.19 -14.79
N ASN K 92 -20.16 -18.06 -13.61
CA ASN K 92 -19.29 -19.13 -13.10
C ASN K 92 -20.03 -20.44 -12.82
N GLU K 93 -21.18 -20.35 -12.18
CA GLU K 93 -21.99 -21.53 -12.00
C GLU K 93 -22.40 -22.15 -13.33
N TRP K 94 -22.77 -21.30 -14.30
CA TRP K 94 -23.13 -21.79 -15.63
C TRP K 94 -21.97 -22.52 -16.26
N MET K 95 -20.80 -21.89 -16.21
CA MET K 95 -19.59 -22.43 -16.81
C MET K 95 -19.09 -23.72 -16.21
N LYS K 96 -19.49 -24.04 -14.99
CA LYS K 96 -19.15 -25.37 -14.47
C LYS K 96 -19.86 -26.47 -15.27
N ARG K 97 -20.97 -26.13 -15.91
CA ARG K 97 -21.79 -27.09 -16.64
C ARG K 97 -21.71 -26.97 -18.15
N LYS K 98 -21.53 -25.76 -18.67
CA LYS K 98 -21.57 -25.49 -20.09
C LYS K 98 -20.58 -24.39 -20.39
N ILE K 99 -19.87 -24.44 -21.52
CA ILE K 99 -18.93 -23.35 -21.85
C ILE K 99 -19.43 -22.59 -23.09
N GLU K 100 -20.75 -22.40 -23.17
CA GLU K 100 -21.40 -21.62 -24.22
C GLU K 100 -22.16 -20.45 -23.59
N CYS K 101 -22.04 -19.25 -24.18
CA CYS K 101 -22.81 -18.11 -23.66
C CYS K 101 -24.28 -18.50 -23.48
N PRO K 102 -24.85 -18.25 -22.31
CA PRO K 102 -26.29 -18.54 -22.16
C PRO K 102 -27.14 -17.92 -23.26
N ILE K 103 -26.82 -16.68 -23.67
CA ILE K 103 -27.68 -15.91 -24.58
C ILE K 103 -27.46 -16.29 -26.05
N CYS K 104 -26.22 -16.24 -26.54
CA CYS K 104 -25.95 -16.52 -27.96
C CYS K 104 -25.37 -17.89 -28.25
N ARG K 105 -25.03 -18.62 -27.18
CA ARG K 105 -24.47 -19.97 -27.25
C ARG K 105 -23.10 -20.08 -27.94
N LYS K 106 -22.41 -18.96 -28.19
CA LYS K 106 -21.03 -19.04 -28.69
C LYS K 106 -20.11 -19.57 -27.58
N ASP K 107 -19.13 -20.37 -27.95
CA ASP K 107 -18.19 -20.90 -26.96
C ASP K 107 -17.53 -19.75 -26.24
N ILE K 108 -17.49 -19.83 -24.91
CA ILE K 108 -16.90 -18.78 -24.10
C ILE K 108 -15.39 -18.88 -24.18
N LYS K 109 -14.75 -17.77 -24.56
CA LYS K 109 -13.31 -17.71 -24.70
C LYS K 109 -12.69 -16.70 -23.75
N SER K 110 -13.46 -15.69 -23.32
CA SER K 110 -12.93 -14.74 -22.35
C SER K 110 -13.99 -14.13 -21.44
N LYS K 111 -13.55 -13.75 -20.24
CA LYS K 111 -14.35 -13.01 -19.27
C LYS K 111 -13.59 -11.79 -18.85
N THR K 112 -14.28 -10.67 -18.69
CA THR K 112 -13.69 -9.56 -17.99
C THR K 112 -14.72 -8.88 -17.12
N TYR K 113 -14.28 -8.45 -15.94
CA TYR K 113 -15.11 -7.60 -15.07
C TYR K 113 -15.26 -6.21 -15.70
N SER K 114 -16.25 -5.47 -15.24
CA SER K 114 -16.56 -4.17 -15.83
C SER K 114 -16.91 -3.20 -14.71
N LEU K 115 -15.94 -2.36 -14.35
CA LEU K 115 -16.13 -1.30 -13.37
C LEU K 115 -17.23 -0.32 -13.77
N VAL K 116 -17.30 0.00 -15.06
CA VAL K 116 -18.28 0.99 -15.56
C VAL K 116 -19.69 0.44 -15.35
N LEU K 117 -19.91 -0.82 -15.71
CA LEU K 117 -21.24 -1.42 -15.52
C LEU K 117 -21.62 -1.48 -14.05
N ASP K 118 -20.69 -1.90 -13.19
CA ASP K 118 -20.98 -1.92 -11.75
C ASP K 118 -21.30 -0.53 -11.21
N ASN K 119 -20.50 0.47 -11.60
CA ASN K 119 -20.71 1.84 -11.13
C ASN K 119 -21.99 2.47 -11.65
N CYS K 120 -22.31 2.20 -12.92
CA CYS K 120 -23.56 2.66 -13.52
C CYS K 120 -24.73 2.06 -12.76
N ILE K 121 -24.69 0.75 -12.56
CA ILE K 121 -25.78 0.06 -11.84
C ILE K 121 -25.95 0.58 -10.41
N ASN K 122 -24.86 0.76 -9.66
CA ASN K 122 -24.97 1.34 -8.32
C ASN K 122 -25.66 2.70 -8.32
N LYS K 123 -25.33 3.54 -9.29
CA LYS K 123 -25.92 4.85 -9.38
C LYS K 123 -27.42 4.75 -9.69
N MET K 124 -27.77 3.88 -10.64
CA MET K 124 -29.17 3.69 -11.02
C MET K 124 -29.99 3.13 -9.85
N VAL K 125 -29.50 2.04 -9.26
CA VAL K 125 -30.19 1.40 -8.15
C VAL K 125 -30.38 2.36 -6.97
N ASN K 126 -29.43 3.27 -6.79
CA ASN K 126 -29.48 4.29 -5.73
C ASN K 126 -30.74 5.17 -5.81
N ASN K 127 -31.31 5.27 -7.00
CA ASN K 127 -32.57 6.00 -7.19
C ASN K 127 -33.83 5.15 -7.10
N LEU K 128 -33.70 3.92 -6.64
CA LEU K 128 -34.86 3.03 -6.53
C LEU K 128 -35.26 2.89 -5.07
N SER K 129 -36.30 2.11 -4.81
CA SER K 129 -36.85 2.00 -3.45
C SER K 129 -35.85 1.30 -2.53
N SER K 130 -35.95 1.58 -1.23
CA SER K 130 -35.00 1.01 -0.27
C SER K 130 -35.12 -0.52 -0.16
N GLU K 131 -36.27 -1.05 -0.59
CA GLU K 131 -36.45 -2.50 -0.73
C GLU K 131 -35.53 -3.07 -1.80
N VAL K 132 -35.51 -2.42 -2.95
CA VAL K 132 -34.64 -2.84 -4.07
C VAL K 132 -33.18 -2.67 -3.67
N LYS K 133 -32.87 -1.55 -3.03
CA LYS K 133 -31.49 -1.27 -2.60
C LYS K 133 -31.00 -2.29 -1.57
N GLU K 134 -31.85 -2.66 -0.61
CA GLU K 134 -31.46 -3.59 0.45
C GLU K 134 -31.35 -5.03 -0.06
N ARG K 135 -32.26 -5.43 -0.96
CA ARG K 135 -32.15 -6.72 -1.65
C ARG K 135 -30.79 -6.90 -2.36
N ARG K 136 -30.39 -5.87 -3.12
CA ARG K 136 -29.09 -5.86 -3.77
C ARG K 136 -27.93 -6.00 -2.79
N ILE K 137 -28.02 -5.31 -1.65
CA ILE K 137 -26.99 -5.40 -0.61
C ILE K 137 -26.88 -6.84 -0.08
N VAL K 138 -28.03 -7.46 0.16
CA VAL K 138 -28.09 -8.82 0.66
C VAL K 138 -27.47 -9.82 -0.30
N LEU K 139 -27.78 -9.71 -1.59
CA LEU K 139 -27.21 -10.62 -2.60
C LEU K 139 -25.71 -10.44 -2.70
N ILE K 140 -25.25 -9.20 -2.71
CA ILE K 140 -23.82 -8.89 -2.77
C ILE K 140 -23.07 -9.62 -1.66
N ARG K 141 -23.58 -9.51 -0.43
CA ARG K 141 -22.91 -10.17 0.70
C ARG K 141 -23.09 -11.70 0.64
N GLU K 142 -24.29 -12.15 0.31
CA GLU K 142 -24.58 -13.59 0.11
C GLU K 142 -23.66 -14.25 -0.91
N ARG K 143 -23.35 -13.55 -2.00
CA ARG K 143 -22.49 -14.12 -3.04
C ARG K 143 -21.01 -13.88 -2.77
N LYS K 144 -20.77 -12.98 -1.80
CA LYS K 144 -19.47 -12.78 -1.19
C LYS K 144 -19.15 -13.89 -0.18
N ALA K 145 -20.15 -14.30 0.59
CA ALA K 145 -19.99 -15.42 1.50
C ALA K 145 -19.64 -16.65 0.67
N LYS K 146 -20.32 -16.78 -0.45
CA LYS K 146 -20.06 -17.87 -1.39
C LYS K 146 -18.60 -17.84 -1.81
N ARG K 147 -18.13 -16.68 -2.26
CA ARG K 147 -16.73 -16.54 -2.62
C ARG K 147 -15.84 -17.09 -1.52
#